data_1G86
# 
_entry.id   1G86 
# 
_audit_conform.dict_name       mmcif_pdbx.dic 
_audit_conform.dict_version    5.376 
_audit_conform.dict_location   http://mmcif.pdb.org/dictionaries/ascii/mmcif_pdbx.dic 
# 
loop_
_database_2.database_id 
_database_2.database_code 
_database_2.pdbx_database_accession 
_database_2.pdbx_DOI 
PDB   1G86         pdb_00001g86 10.2210/pdb1g86/pdb 
RCSB  RCSB012354   ?            ?                   
WWPDB D_1000012354 ?            ?                   
# 
loop_
_pdbx_database_related.db_name 
_pdbx_database_related.db_id 
_pdbx_database_related.details 
_pdbx_database_related.content_type 
PDB 1LCL 'Charcot-Leyden Crystal Protein'                   unspecified 
PDB 1QKQ 'Charcot-Leyden Crystal Protein - Mannose Complex' unspecified 
# 
_pdbx_database_status.status_code                     REL 
_pdbx_database_status.entry_id                        1G86 
_pdbx_database_status.recvd_initial_deposition_date   2000-11-16 
_pdbx_database_status.deposit_site                    RCSB 
_pdbx_database_status.process_site                    RCSB 
_pdbx_database_status.SG_entry                        . 
_pdbx_database_status.pdb_format_compatible           Y 
_pdbx_database_status.status_code_mr                  ? 
_pdbx_database_status.status_code_sf                  ? 
_pdbx_database_status.status_code_cs                  ? 
_pdbx_database_status.status_code_nmr_data            ? 
_pdbx_database_status.methods_development_category    ? 
# 
loop_
_audit_author.name 
_audit_author.pdbx_ordinal 
'Ackerman, S.J.'    1 
'Liu, L.'           2 
'Kwatia, M.A.'      3 
'Savage, M.P.'      4 
'Leonidas, D.D.'    5 
'Swaminathan, G.J.' 6 
'Acharya, K.R.'     7 
# 
loop_
_citation.id 
_citation.title 
_citation.journal_abbrev 
_citation.journal_volume 
_citation.page_first 
_citation.page_last 
_citation.year 
_citation.journal_id_ASTM 
_citation.country 
_citation.journal_id_ISSN 
_citation.journal_id_CSD 
_citation.book_publisher 
_citation.pdbx_database_id_PubMed 
_citation.pdbx_database_id_DOI 
primary 
;Charcot-Leyden crystal protein (galectin-10) is not a dual function galectin with lysophospholipase activity but binds a lysophospholipase inhibitor in a novel structural fashion.
;
J.Biol.Chem. 277 14859 14868 2002 JBCHA3 US 0021-9258 0071 ? 11834744 10.1074/jbc.M200221200 
1       
;Selective Recognition of Mannose by Human Eosinophil Charcot-Leyden Crystal Protein (Galectin-10): a Crystallographic Study at 1.8 A Resolution.
;
Biochemistry 38  13837 13843 1999 BICHAW US 0006-2960 0033 ? ?        10.1021/bi990756e      
2       
;Crystal Structure of Human Charcot-Leyden Crystal Protein, an Eosinophil Lysophospholipase, Identifies it as a New Member of the Carbohydrate-binding Family of Galectins.
;
Structure    3   1379  1393  1995 STRUE6 UK 0969-2126 2005 ? ?        ?                      
# 
loop_
_citation_author.citation_id 
_citation_author.name 
_citation_author.ordinal 
_citation_author.identifier_ORCID 
primary 'Ackerman, S.J.'    1  ? 
primary 'Liu, L.'           2  ? 
primary 'Kwatia, M.A.'      3  ? 
primary 'Savage, M.P.'      4  ? 
primary 'Leonidas, D.D.'    5  ? 
primary 'Swaminathan, G.J.' 6  ? 
primary 'Acharya, K.R.'     7  ? 
1       'Swaminathan, G.J.' 8  ? 
1       'Leonidas, D.D.'    9  ? 
1       'Savage, M.P.'      10 ? 
1       'Ackerman, S.J.'    11 ? 
1       'Acharya, K.R.'     12 ? 
2       'Leonidas, D.D.'    13 ? 
2       'Elbert, B.L.'      14 ? 
2       'Zhou, Z.'          15 ? 
2       'Leffler, H.'       16 ? 
2       'Ackerman, S.J.'    17 ? 
2       'Acharya, K.R.'     18 ? 
# 
_cell.entry_id           1G86 
_cell.length_a           49.710 
_cell.length_b           49.710 
_cell.length_c           264.860 
_cell.angle_alpha        90.00 
_cell.angle_beta         90.00 
_cell.angle_gamma        120.00 
_cell.Z_PDB              12 
_cell.pdbx_unique_axis   ? 
# 
_symmetry.entry_id                         1G86 
_symmetry.space_group_name_H-M             'P 65 2 2' 
_symmetry.pdbx_full_space_group_name_H-M   ? 
_symmetry.cell_setting                     ? 
_symmetry.Int_Tables_number                179 
# 
loop_
_entity.id 
_entity.type 
_entity.src_method 
_entity.pdbx_description 
_entity.formula_weight 
_entity.pdbx_number_of_molecules 
_entity.pdbx_ec 
_entity.pdbx_mutation 
_entity.pdbx_fragment 
_entity.details 
1 polymer     nat 'CHARCOT-LEYDEN CRYSTAL PROTEIN' 16499.887 1  3.1.1.5 ? ? ? 
2 non-polymer syn N-ETHYLMALEIMIDE                 125.125   2  ?       ? ? ? 
3 water       nat water                            18.015    82 ?       ? ? ? 
# 
_entity_name_com.entity_id   1 
_entity_name_com.name        'EOSINOPHIL LYSOPHOSPHOLIPASE' 
# 
_entity_poly.entity_id                      1 
_entity_poly.type                           'polypeptide(L)' 
_entity_poly.nstd_linkage                   no 
_entity_poly.nstd_monomer                   no 
_entity_poly.pdbx_seq_one_letter_code       
;MSLLPVPYTEAASLSTGSTVTIKGRPLVCFLNEPYLQVDFHTEMKEESDIVFHFQVCFGRRVVMNSREYGAWKQQVESKN
MPFQDGQEFELSISVLPDKYQVMVNGQSSYTFDHRIKPEAVKMVQVWRDISLTKFNVSYLKR
;
_entity_poly.pdbx_seq_one_letter_code_can   
;MSLLPVPYTEAASLSTGSTVTIKGRPLVCFLNEPYLQVDFHTEMKEESDIVFHFQVCFGRRVVMNSREYGAWKQQVESKN
MPFQDGQEFELSISVLPDKYQVMVNGQSSYTFDHRIKPEAVKMVQVWRDISLTKFNVSYLKR
;
_entity_poly.pdbx_strand_id                 A 
_entity_poly.pdbx_target_identifier         ? 
# 
loop_
_entity_poly_seq.entity_id 
_entity_poly_seq.num 
_entity_poly_seq.mon_id 
_entity_poly_seq.hetero 
1 1   MET n 
1 2   SER n 
1 3   LEU n 
1 4   LEU n 
1 5   PRO n 
1 6   VAL n 
1 7   PRO n 
1 8   TYR n 
1 9   THR n 
1 10  GLU n 
1 11  ALA n 
1 12  ALA n 
1 13  SER n 
1 14  LEU n 
1 15  SER n 
1 16  THR n 
1 17  GLY n 
1 18  SER n 
1 19  THR n 
1 20  VAL n 
1 21  THR n 
1 22  ILE n 
1 23  LYS n 
1 24  GLY n 
1 25  ARG n 
1 26  PRO n 
1 27  LEU n 
1 28  VAL n 
1 29  CYS n 
1 30  PHE n 
1 31  LEU n 
1 32  ASN n 
1 33  GLU n 
1 34  PRO n 
1 35  TYR n 
1 36  LEU n 
1 37  GLN n 
1 38  VAL n 
1 39  ASP n 
1 40  PHE n 
1 41  HIS n 
1 42  THR n 
1 43  GLU n 
1 44  MET n 
1 45  LYS n 
1 46  GLU n 
1 47  GLU n 
1 48  SER n 
1 49  ASP n 
1 50  ILE n 
1 51  VAL n 
1 52  PHE n 
1 53  HIS n 
1 54  PHE n 
1 55  GLN n 
1 56  VAL n 
1 57  CYS n 
1 58  PHE n 
1 59  GLY n 
1 60  ARG n 
1 61  ARG n 
1 62  VAL n 
1 63  VAL n 
1 64  MET n 
1 65  ASN n 
1 66  SER n 
1 67  ARG n 
1 68  GLU n 
1 69  TYR n 
1 70  GLY n 
1 71  ALA n 
1 72  TRP n 
1 73  LYS n 
1 74  GLN n 
1 75  GLN n 
1 76  VAL n 
1 77  GLU n 
1 78  SER n 
1 79  LYS n 
1 80  ASN n 
1 81  MET n 
1 82  PRO n 
1 83  PHE n 
1 84  GLN n 
1 85  ASP n 
1 86  GLY n 
1 87  GLN n 
1 88  GLU n 
1 89  PHE n 
1 90  GLU n 
1 91  LEU n 
1 92  SER n 
1 93  ILE n 
1 94  SER n 
1 95  VAL n 
1 96  LEU n 
1 97  PRO n 
1 98  ASP n 
1 99  LYS n 
1 100 TYR n 
1 101 GLN n 
1 102 VAL n 
1 103 MET n 
1 104 VAL n 
1 105 ASN n 
1 106 GLY n 
1 107 GLN n 
1 108 SER n 
1 109 SER n 
1 110 TYR n 
1 111 THR n 
1 112 PHE n 
1 113 ASP n 
1 114 HIS n 
1 115 ARG n 
1 116 ILE n 
1 117 LYS n 
1 118 PRO n 
1 119 GLU n 
1 120 ALA n 
1 121 VAL n 
1 122 LYS n 
1 123 MET n 
1 124 VAL n 
1 125 GLN n 
1 126 VAL n 
1 127 TRP n 
1 128 ARG n 
1 129 ASP n 
1 130 ILE n 
1 131 SER n 
1 132 LEU n 
1 133 THR n 
1 134 LYS n 
1 135 PHE n 
1 136 ASN n 
1 137 VAL n 
1 138 SER n 
1 139 TYR n 
1 140 LEU n 
1 141 LYS n 
1 142 ARG n 
# 
_entity_src_nat.entity_id                  1 
_entity_src_nat.pdbx_src_id                1 
_entity_src_nat.pdbx_alt_source_flag       sample 
_entity_src_nat.pdbx_beg_seq_num           ? 
_entity_src_nat.pdbx_end_seq_num           ? 
_entity_src_nat.common_name                human 
_entity_src_nat.pdbx_organism_scientific   'Homo sapiens' 
_entity_src_nat.pdbx_ncbi_taxonomy_id      9606 
_entity_src_nat.genus                      Homo 
_entity_src_nat.species                    ? 
_entity_src_nat.strain                     ? 
_entity_src_nat.tissue                     ? 
_entity_src_nat.tissue_fraction            ? 
_entity_src_nat.pdbx_secretion             ? 
_entity_src_nat.pdbx_fragment              ? 
_entity_src_nat.pdbx_variant               ? 
_entity_src_nat.pdbx_cell_line             ? 
_entity_src_nat.pdbx_atcc                  ? 
_entity_src_nat.pdbx_cellular_location     ? 
_entity_src_nat.pdbx_organ                 ? 
_entity_src_nat.pdbx_organelle             ? 
_entity_src_nat.pdbx_cell                  ? 
_entity_src_nat.pdbx_plasmid_name          ? 
_entity_src_nat.pdbx_plasmid_details       ? 
_entity_src_nat.details                    'EOSINOPHIL PRIMARY GRANULE' 
# 
_struct_ref.id                         1 
_struct_ref.db_name                    UNP 
_struct_ref.db_code                    LPPL_HUMAN 
_struct_ref.entity_id                  1 
_struct_ref.pdbx_seq_one_letter_code   
;MSLLPVPYTEAASLSTGSTVTIKGRPLVCFLNEPYLQVDFHTEMKEESDIVFHFQVCFGRRVVMNSREYGAWKQQVESKN
MPFQDGQEFELSISVLPDKYQVMVNGQSSYTFDHRIKPEAVKMVQVWRDISLTKFNVSYLKR
;
_struct_ref.pdbx_align_begin           0 
_struct_ref.pdbx_db_accession          Q05315 
_struct_ref.pdbx_db_isoform            ? 
# 
_struct_ref_seq.align_id                      1 
_struct_ref_seq.ref_id                        1 
_struct_ref_seq.pdbx_PDB_id_code              1G86 
_struct_ref_seq.pdbx_strand_id                A 
_struct_ref_seq.seq_align_beg                 1 
_struct_ref_seq.pdbx_seq_align_beg_ins_code   ? 
_struct_ref_seq.seq_align_end                 142 
_struct_ref_seq.pdbx_seq_align_end_ins_code   ? 
_struct_ref_seq.pdbx_db_accession             Q05315 
_struct_ref_seq.db_align_beg                  0 
_struct_ref_seq.pdbx_db_align_beg_ins_code    ? 
_struct_ref_seq.db_align_end                  141 
_struct_ref_seq.pdbx_db_align_end_ins_code    ? 
_struct_ref_seq.pdbx_auth_seq_align_beg       1 
_struct_ref_seq.pdbx_auth_seq_align_end       142 
# 
loop_
_chem_comp.id 
_chem_comp.type 
_chem_comp.mon_nstd_flag 
_chem_comp.name 
_chem_comp.pdbx_synonyms 
_chem_comp.formula 
_chem_comp.formula_weight 
ALA 'L-peptide linking' y ALANINE          ? 'C3 H7 N O2'     89.093  
ARG 'L-peptide linking' y ARGININE         ? 'C6 H15 N4 O2 1' 175.209 
ASN 'L-peptide linking' y ASPARAGINE       ? 'C4 H8 N2 O3'    132.118 
ASP 'L-peptide linking' y 'ASPARTIC ACID'  ? 'C4 H7 N O4'     133.103 
CYS 'L-peptide linking' y CYSTEINE         ? 'C3 H7 N O2 S'   121.158 
GLN 'L-peptide linking' y GLUTAMINE        ? 'C5 H10 N2 O3'   146.144 
GLU 'L-peptide linking' y 'GLUTAMIC ACID'  ? 'C5 H9 N O4'     147.129 
GLY 'peptide linking'   y GLYCINE          ? 'C2 H5 N O2'     75.067  
HIS 'L-peptide linking' y HISTIDINE        ? 'C6 H10 N3 O2 1' 156.162 
HOH non-polymer         . WATER            ? 'H2 O'           18.015  
ILE 'L-peptide linking' y ISOLEUCINE       ? 'C6 H13 N O2'    131.173 
LEU 'L-peptide linking' y LEUCINE          ? 'C6 H13 N O2'    131.173 
LYS 'L-peptide linking' y LYSINE           ? 'C6 H15 N2 O2 1' 147.195 
MET 'L-peptide linking' y METHIONINE       ? 'C5 H11 N O2 S'  149.211 
NEQ non-polymer         . N-ETHYLMALEIMIDE ? 'C6 H7 N O2'     125.125 
PHE 'L-peptide linking' y PHENYLALANINE    ? 'C9 H11 N O2'    165.189 
PRO 'L-peptide linking' y PROLINE          ? 'C5 H9 N O2'     115.130 
SER 'L-peptide linking' y SERINE           ? 'C3 H7 N O3'     105.093 
THR 'L-peptide linking' y THREONINE        ? 'C4 H9 N O3'     119.119 
TRP 'L-peptide linking' y TRYPTOPHAN       ? 'C11 H12 N2 O2'  204.225 
TYR 'L-peptide linking' y TYROSINE         ? 'C9 H11 N O3'    181.189 
VAL 'L-peptide linking' y VALINE           ? 'C5 H11 N O2'    117.146 
# 
_exptl.entry_id          1G86 
_exptl.method            'X-RAY DIFFRACTION' 
_exptl.crystals_number   2 
# 
_exptl_crystal.id                    1 
_exptl_crystal.density_meas          ? 
_exptl_crystal.density_Matthews      2.86 
_exptl_crystal.density_percent_sol   57.01 
_exptl_crystal.description           ? 
# 
_exptl_crystal_grow.crystal_id      1 
_exptl_crystal_grow.method          'VAPOR DIFFUSION, HANGING DROP' 
_exptl_crystal_grow.temp            293 
_exptl_crystal_grow.temp_details    ? 
_exptl_crystal_grow.pH              7.0 
_exptl_crystal_grow.pdbx_details    'Tris-Acetate 0.1M, pH7.0, VAPOR DIFFUSION, HANGING DROP, temperature 293K' 
_exptl_crystal_grow.pdbx_pH_range   . 
# 
loop_
_diffrn.id 
_diffrn.ambient_temp 
_diffrn.ambient_temp_details 
_diffrn.crystal_id 
1 293 ? 1 
2 293 ? 1 
# 
loop_
_diffrn_detector.diffrn_id 
_diffrn_detector.detector 
_diffrn_detector.type 
_diffrn_detector.pdbx_collection_date 
_diffrn_detector.details 
1 'IMAGE PLATE' MARRESEARCH 1994-10-01 Mirrors 
2 'IMAGE PLATE' MARRESEARCH 1995-10-01 Mirrors 
# 
loop_
_diffrn_radiation.diffrn_id 
_diffrn_radiation.wavelength_id 
_diffrn_radiation.pdbx_monochromatic_or_laue_m_l 
_diffrn_radiation.monochromator 
_diffrn_radiation.pdbx_diffrn_protocol 
_diffrn_radiation.pdbx_scattering_type 
1 1 M ? MAD                 x-ray 
2 2 M ? 'SINGLE WAVELENGTH' x-ray 
# 
loop_
_diffrn_radiation_wavelength.id 
_diffrn_radiation_wavelength.wavelength 
_diffrn_radiation_wavelength.wt 
1 0.87   1.0 
2 1.5416 1.0 
# 
loop_
_diffrn_source.diffrn_id 
_diffrn_source.source 
_diffrn_source.type 
_diffrn_source.pdbx_synchrotron_site 
_diffrn_source.pdbx_synchrotron_beamline 
_diffrn_source.pdbx_wavelength 
_diffrn_source.pdbx_wavelength_list 
1 SYNCHROTRON      'SRS BEAMLINE PX9.6' SRS PX9.6 0.87   ? 
2 'ROTATING ANODE' 'RIGAKU RU300'       ?   ?     1.5416 ? 
# 
_reflns.entry_id                     1G86 
_reflns.observed_criterion_sigma_I   0.0 
_reflns.observed_criterion_sigma_F   0.0 
_reflns.d_resolution_low             20.00 
_reflns.d_resolution_high            1.80 
_reflns.number_obs                   17573 
_reflns.number_all                   17870 
_reflns.percent_possible_obs         93.3 
_reflns.pdbx_Rmerge_I_obs            0.1320000 
_reflns.pdbx_Rsym_value              0.0530000 
_reflns.pdbx_netI_over_sigmaI        12.8 
_reflns.B_iso_Wilson_estimate        15.5 
_reflns.pdbx_redundancy              4.08 
_reflns.R_free_details               ? 
_reflns.limit_h_max                  ? 
_reflns.limit_h_min                  ? 
_reflns.limit_k_max                  ? 
_reflns.limit_k_min                  ? 
_reflns.limit_l_max                  ? 
_reflns.limit_l_min                  ? 
_reflns.observed_criterion_F_max     ? 
_reflns.observed_criterion_F_min     ? 
_reflns.pdbx_diffrn_id               1,2 
_reflns.pdbx_ordinal                 1 
# 
_reflns_shell.d_res_high             1.80 
_reflns_shell.d_res_low              1.91 
_reflns_shell.percent_possible_all   91.6 
_reflns_shell.Rmerge_I_obs           0.2330000 
_reflns_shell.pdbx_Rsym_value        0.1820000 
_reflns_shell.meanI_over_sigI_obs    7.2 
_reflns_shell.pdbx_redundancy        5.2 
_reflns_shell.percent_possible_obs   ? 
_reflns_shell.number_unique_all      2832 
_reflns_shell.pdbx_diffrn_id         ? 
_reflns_shell.pdbx_ordinal           1 
# 
_refine.entry_id                                 1G86 
_refine.ls_number_reflns_obs                     17573 
_refine.ls_number_reflns_all                     17870 
_refine.pdbx_ls_sigma_I                          0.0 
_refine.pdbx_ls_sigma_F                          0.0 
_refine.pdbx_data_cutoff_high_absF               10000000.00 
_refine.pdbx_data_cutoff_low_absF                0.00 
_refine.ls_d_res_low                             20.00 
_refine.ls_d_res_high                            1.80 
_refine.ls_percent_reflns_obs                    93.3 
_refine.ls_R_factor_obs                          0.2030000 
_refine.ls_R_factor_all                          ? 
_refine.ls_R_factor_R_work                       0.2030000 
_refine.ls_R_factor_R_free                       0.2420000 
_refine.ls_R_factor_R_free_error                 0.008 
_refine.ls_R_factor_R_free_error_details         ? 
_refine.ls_percent_reflns_R_free                 4.8 
_refine.ls_number_reflns_R_free                  855 
_refine.ls_number_parameters                     ? 
_refine.ls_number_restraints                     ? 
_refine.occupancy_min                            ? 
_refine.occupancy_max                            ? 
_refine.B_iso_mean                               24.1 
_refine.aniso_B[1][1]                            0.00 
_refine.aniso_B[2][2]                            0.00 
_refine.aniso_B[3][3]                            0.00 
_refine.aniso_B[1][2]                            0.00 
_refine.aniso_B[1][3]                            0.00 
_refine.aniso_B[2][3]                            0.00 
_refine.solvent_model_details                    ? 
_refine.solvent_model_param_ksol                 ? 
_refine.solvent_model_param_bsol                 ? 
_refine.pdbx_ls_cross_valid_method               THROUGHOUT 
_refine.details                                  ? 
_refine.pdbx_starting_model                      1LCL 
_refine.pdbx_method_to_determine_struct          'MOLECULAR REPLACEMENT' 
_refine.pdbx_isotropic_thermal_model             RESTRAINED 
_refine.pdbx_stereochemistry_target_values       'Engh & Huber' 
_refine.pdbx_stereochem_target_val_spec_case     ? 
_refine.pdbx_R_Free_selection_details            RANDOM 
_refine.pdbx_overall_ESU_R_Free                  ? 
_refine.overall_SU_B                             ? 
_refine.ls_redundancy_reflns_obs                 ? 
_refine.B_iso_min                                ? 
_refine.B_iso_max                                ? 
_refine.overall_SU_ML                            ? 
_refine.pdbx_overall_ESU_R                       ? 
_refine.pdbx_data_cutoff_high_rms_absF           ? 
_refine.correlation_coeff_Fo_to_Fc               ? 
_refine.correlation_coeff_Fo_to_Fc_free          ? 
_refine.pdbx_solvent_vdw_probe_radii             ? 
_refine.pdbx_solvent_ion_probe_radii             ? 
_refine.pdbx_solvent_shrinkage_radii             ? 
_refine.overall_SU_R_Cruickshank_DPI             ? 
_refine.overall_SU_R_free                        ? 
_refine.pdbx_refine_id                           'X-RAY DIFFRACTION' 
_refine.pdbx_diffrn_id                           1 
_refine.pdbx_TLS_residual_ADP_flag               ? 
_refine.pdbx_overall_phase_error                 ? 
_refine.pdbx_overall_SU_R_free_Cruickshank_DPI   ? 
_refine.pdbx_overall_SU_R_Blow_DPI               ? 
_refine.pdbx_overall_SU_R_free_Blow_DPI          ? 
# 
_refine_analyze.entry_id                        1G86 
_refine_analyze.Luzzati_coordinate_error_obs    0.21 
_refine_analyze.Luzzati_sigma_a_obs             0.20 
_refine_analyze.Luzzati_d_res_low_obs           5.00 
_refine_analyze.Luzzati_coordinate_error_free   0.22 
_refine_analyze.Luzzati_sigma_a_free            0.18 
_refine_analyze.Luzzati_d_res_low_free          ? 
_refine_analyze.number_disordered_residues      ? 
_refine_analyze.occupancy_sum_hydrogen          ? 
_refine_analyze.occupancy_sum_non_hydrogen      ? 
_refine_analyze.pdbx_Luzzati_d_res_high_obs     ? 
_refine_analyze.pdbx_refine_id                  'X-RAY DIFFRACTION' 
# 
_refine_hist.pdbx_refine_id                   'X-RAY DIFFRACTION' 
_refine_hist.cycle_id                         LAST 
_refine_hist.pdbx_number_atoms_protein        1145 
_refine_hist.pdbx_number_atoms_nucleic_acid   0 
_refine_hist.pdbx_number_atoms_ligand         18 
_refine_hist.number_atoms_solvent             82 
_refine_hist.number_atoms_total               1245 
_refine_hist.d_res_high                       1.80 
_refine_hist.d_res_low                        20.00 
# 
loop_
_refine_ls_restr.type 
_refine_ls_restr.dev_ideal 
_refine_ls_restr.dev_ideal_target 
_refine_ls_restr.weight 
_refine_ls_restr.number 
_refine_ls_restr.pdbx_refine_id 
_refine_ls_restr.pdbx_restraint_function 
x_bond_d           0.010 ?    ? ? 'X-RAY DIFFRACTION' ? 
x_angle_deg        1.6   ?    ? ? 'X-RAY DIFFRACTION' ? 
x_dihedral_angle_d 29.0  ?    ? ? 'X-RAY DIFFRACTION' ? 
x_improper_angle_d 0.81  ?    ? ? 'X-RAY DIFFRACTION' ? 
x_mcbond_it        1.61  1.50 ? ? 'X-RAY DIFFRACTION' ? 
x_mcangle_it       2.59  2.00 ? ? 'X-RAY DIFFRACTION' ? 
x_scbond_it        3.45  2.00 ? ? 'X-RAY DIFFRACTION' ? 
x_scangle_it       5.32  2.50 ? ? 'X-RAY DIFFRACTION' ? 
# 
_refine_ls_shell.pdbx_total_number_of_bins_used   6 
_refine_ls_shell.d_res_high                       1.80 
_refine_ls_shell.d_res_low                        1.91 
_refine_ls_shell.number_reflns_R_work             2713 
_refine_ls_shell.R_factor_R_work                  0.2890000 
_refine_ls_shell.percent_reflns_obs               92 
_refine_ls_shell.R_factor_R_free                  0.3330000 
_refine_ls_shell.R_factor_R_free_error            0.029 
_refine_ls_shell.percent_reflns_R_free            4.5 
_refine_ls_shell.number_reflns_R_free             129 
_refine_ls_shell.number_reflns_obs                2832 
_refine_ls_shell.redundancy_reflns_obs            ? 
_refine_ls_shell.number_reflns_all                ? 
_refine_ls_shell.pdbx_refine_id                   'X-RAY DIFFRACTION' 
_refine_ls_shell.R_factor_all                     ? 
# 
loop_
_pdbx_xplor_file.serial_no 
_pdbx_xplor_file.param_file 
_pdbx_xplor_file.topol_file 
_pdbx_xplor_file.pdbx_refine_id 
1 protein_rep.param tophcsdx.pro 'X-RAY DIFFRACTION' 
2 param.water       topow.water  'X-RAY DIFFRACTION' 
3 nem.par           nem.top      'X-RAY DIFFRACTION' 
# 
_struct.entry_id                  1G86 
_struct.title                     'CHARCOT-LEYDEN CRYSTAL PROTEIN/N-ETHYLMALEIMIDE COMPLEX' 
_struct.pdbx_model_details        ? 
_struct.pdbx_CASP_flag            ? 
_struct.pdbx_model_type_details   ? 
# 
_struct_keywords.entry_id        1G86 
_struct_keywords.pdbx_keywords   HYDROLASE 
_struct_keywords.text            'beta barrel, HYDROLASE' 
# 
loop_
_struct_asym.id 
_struct_asym.pdbx_blank_PDB_chainid_flag 
_struct_asym.pdbx_modified 
_struct_asym.entity_id 
_struct_asym.details 
A N N 1 ? 
B N N 2 ? 
C N N 2 ? 
D N N 3 ? 
# 
_struct_biol.id                    1 
_struct_biol.pdbx_parent_biol_id   ? 
_struct_biol.details               ? 
# 
loop_
_struct_conf.conf_type_id 
_struct_conf.id 
_struct_conf.pdbx_PDB_helix_id 
_struct_conf.beg_label_comp_id 
_struct_conf.beg_label_asym_id 
_struct_conf.beg_label_seq_id 
_struct_conf.pdbx_beg_PDB_ins_code 
_struct_conf.end_label_comp_id 
_struct_conf.end_label_asym_id 
_struct_conf.end_label_seq_id 
_struct_conf.pdbx_end_PDB_ins_code 
_struct_conf.beg_auth_comp_id 
_struct_conf.beg_auth_asym_id 
_struct_conf.beg_auth_seq_id 
_struct_conf.end_auth_comp_id 
_struct_conf.end_auth_asym_id 
_struct_conf.end_auth_seq_id 
_struct_conf.pdbx_PDB_helix_class 
_struct_conf.details 
_struct_conf.pdbx_PDB_helix_length 
HELX_P HELX_P1 1 CYS A 29  ? GLU A 33  ? CYS A 29  GLU A 33  5 ? 5 
HELX_P HELX_P2 2 LYS A 117 ? VAL A 121 ? LYS A 117 VAL A 121 5 ? 5 
# 
_struct_conf_type.id          HELX_P 
_struct_conf_type.criteria    ? 
_struct_conf_type.reference   ? 
# 
_struct_mon_prot_cis.pdbx_id                1 
_struct_mon_prot_cis.label_comp_id          VAL 
_struct_mon_prot_cis.label_seq_id           6 
_struct_mon_prot_cis.label_asym_id          A 
_struct_mon_prot_cis.label_alt_id           . 
_struct_mon_prot_cis.pdbx_PDB_ins_code      ? 
_struct_mon_prot_cis.auth_comp_id           VAL 
_struct_mon_prot_cis.auth_seq_id            6 
_struct_mon_prot_cis.auth_asym_id           A 
_struct_mon_prot_cis.pdbx_label_comp_id_2   PRO 
_struct_mon_prot_cis.pdbx_label_seq_id_2    7 
_struct_mon_prot_cis.pdbx_label_asym_id_2   A 
_struct_mon_prot_cis.pdbx_PDB_ins_code_2    ? 
_struct_mon_prot_cis.pdbx_auth_comp_id_2    PRO 
_struct_mon_prot_cis.pdbx_auth_seq_id_2     7 
_struct_mon_prot_cis.pdbx_auth_asym_id_2    A 
_struct_mon_prot_cis.pdbx_PDB_model_num     1 
_struct_mon_prot_cis.pdbx_omega_angle       0.09 
# 
loop_
_struct_sheet.id 
_struct_sheet.type 
_struct_sheet.number_strands 
_struct_sheet.details 
A ? 6 ? 
B ? 6 ? 
C ? 5 ? 
# 
loop_
_struct_sheet_order.sheet_id 
_struct_sheet_order.range_id_1 
_struct_sheet_order.range_id_2 
_struct_sheet_order.offset 
_struct_sheet_order.sense 
A 1 2 ? anti-parallel 
A 2 3 ? anti-parallel 
A 3 4 ? anti-parallel 
A 4 5 ? anti-parallel 
A 5 6 ? anti-parallel 
B 1 2 ? anti-parallel 
B 2 3 ? anti-parallel 
B 3 4 ? anti-parallel 
B 4 5 ? anti-parallel 
B 5 6 ? anti-parallel 
C 1 2 ? anti-parallel 
C 2 3 ? anti-parallel 
C 3 4 ? anti-parallel 
C 4 5 ? anti-parallel 
# 
loop_
_struct_sheet_range.sheet_id 
_struct_sheet_range.id 
_struct_sheet_range.beg_label_comp_id 
_struct_sheet_range.beg_label_asym_id 
_struct_sheet_range.beg_label_seq_id 
_struct_sheet_range.pdbx_beg_PDB_ins_code 
_struct_sheet_range.end_label_comp_id 
_struct_sheet_range.end_label_asym_id 
_struct_sheet_range.end_label_seq_id 
_struct_sheet_range.pdbx_end_PDB_ins_code 
_struct_sheet_range.beg_auth_comp_id 
_struct_sheet_range.beg_auth_asym_id 
_struct_sheet_range.beg_auth_seq_id 
_struct_sheet_range.end_auth_comp_id 
_struct_sheet_range.end_auth_asym_id 
_struct_sheet_range.end_auth_seq_id 
A 1 TYR A 8   ? ALA A 11  ? TYR A 8   ALA A 11  
A 2 MET A 123 ? ARG A 128 ? MET A 123 ARG A 128 
A 3 TYR A 35  ? HIS A 41  ? TYR A 35  HIS A 41  
A 4 ILE A 50  ? CYS A 57  ? ILE A 50  CYS A 57  
A 5 ARG A 61  ? GLU A 68  ? ARG A 61  GLU A 68  
A 6 ALA A 71  ? TRP A 72  ? ALA A 71  TRP A 72  
B 1 TYR A 8   ? ALA A 11  ? TYR A 8   ALA A 11  
B 2 MET A 123 ? ARG A 128 ? MET A 123 ARG A 128 
B 3 TYR A 35  ? HIS A 41  ? TYR A 35  HIS A 41  
B 4 ILE A 50  ? CYS A 57  ? ILE A 50  CYS A 57  
B 5 ARG A 61  ? GLU A 68  ? ARG A 61  GLU A 68  
B 6 VAL A 76  ? SER A 78  ? VAL A 76  SER A 78  
C 1 GLN A 107 ? ASP A 113 ? GLN A 107 ASP A 113 
C 2 LYS A 99  ? VAL A 104 ? LYS A 99  VAL A 104 
C 3 PHE A 89  ? VAL A 95  ? PHE A 89  VAL A 95  
C 4 THR A 19  ? PRO A 26  ? THR A 19  PRO A 26  
C 5 ILE A 130 ? VAL A 137 ? ILE A 130 VAL A 137 
# 
loop_
_pdbx_struct_sheet_hbond.sheet_id 
_pdbx_struct_sheet_hbond.range_id_1 
_pdbx_struct_sheet_hbond.range_id_2 
_pdbx_struct_sheet_hbond.range_1_label_atom_id 
_pdbx_struct_sheet_hbond.range_1_label_comp_id 
_pdbx_struct_sheet_hbond.range_1_label_asym_id 
_pdbx_struct_sheet_hbond.range_1_label_seq_id 
_pdbx_struct_sheet_hbond.range_1_PDB_ins_code 
_pdbx_struct_sheet_hbond.range_1_auth_atom_id 
_pdbx_struct_sheet_hbond.range_1_auth_comp_id 
_pdbx_struct_sheet_hbond.range_1_auth_asym_id 
_pdbx_struct_sheet_hbond.range_1_auth_seq_id 
_pdbx_struct_sheet_hbond.range_2_label_atom_id 
_pdbx_struct_sheet_hbond.range_2_label_comp_id 
_pdbx_struct_sheet_hbond.range_2_label_asym_id 
_pdbx_struct_sheet_hbond.range_2_label_seq_id 
_pdbx_struct_sheet_hbond.range_2_PDB_ins_code 
_pdbx_struct_sheet_hbond.range_2_auth_atom_id 
_pdbx_struct_sheet_hbond.range_2_auth_comp_id 
_pdbx_struct_sheet_hbond.range_2_auth_asym_id 
_pdbx_struct_sheet_hbond.range_2_auth_seq_id 
A 1 2 N GLU A 10  ? N GLU A 10  O VAL A 124 ? O VAL A 124 
A 2 3 N TRP A 127 ? N TRP A 127 O GLN A 37  ? O GLN A 37  
A 3 4 O PHE A 40  ? O PHE A 40  N VAL A 51  ? N VAL A 51  
A 4 5 N CYS A 57  ? N CYS A 57  O ARG A 61  ? O ARG A 61  
A 5 6 N GLU A 68  ? N GLU A 68  O ALA A 71  ? O ALA A 71  
B 1 2 N GLU A 10  ? N GLU A 10  O VAL A 124 ? O VAL A 124 
B 2 3 N TRP A 127 ? N TRP A 127 O GLN A 37  ? O GLN A 37  
B 3 4 O PHE A 40  ? O PHE A 40  N VAL A 51  ? N VAL A 51  
B 4 5 N CYS A 57  ? N CYS A 57  O ARG A 61  ? O ARG A 61  
B 5 6 N MET A 64  ? N MET A 64  O VAL A 76  ? O VAL A 76  
C 1 2 O PHE A 112 ? O PHE A 112 N TYR A 100 ? N TYR A 100 
C 2 3 N MET A 103 ? N MET A 103 O SER A 92  ? O SER A 92  
C 3 4 N ILE A 93  ? N ILE A 93  O VAL A 20  ? O VAL A 20  
C 4 5 O ARG A 25  ? O ARG A 25  N SER A 131 ? N SER A 131 
# 
loop_
_struct_site.id 
_struct_site.pdbx_evidence_code 
_struct_site.pdbx_auth_asym_id 
_struct_site.pdbx_auth_comp_id 
_struct_site.pdbx_auth_seq_id 
_struct_site.pdbx_auth_ins_code 
_struct_site.pdbx_num_residues 
_struct_site.details 
AC1 Software A NEQ 143 ? 2 'BINDING SITE FOR RESIDUE NEQ A 143' 
AC2 Software A NEQ 153 ? 4 'BINDING SITE FOR RESIDUE NEQ A 153' 
# 
loop_
_struct_site_gen.id 
_struct_site_gen.site_id 
_struct_site_gen.pdbx_num_res 
_struct_site_gen.label_comp_id 
_struct_site_gen.label_asym_id 
_struct_site_gen.label_seq_id 
_struct_site_gen.pdbx_auth_ins_code 
_struct_site_gen.auth_comp_id 
_struct_site_gen.auth_asym_id 
_struct_site_gen.auth_seq_id 
_struct_site_gen.label_atom_id 
_struct_site_gen.label_alt_id 
_struct_site_gen.symmetry 
_struct_site_gen.details 
1 AC1 2 CYS A 29 ? CYS A 29 . ? 1_555  ? 
2 AC1 2 ASP A 85 ? ASP A 85 . ? 1_555  ? 
3 AC2 4 GLU A 33 ? GLU A 33 . ? 11_555 ? 
4 AC2 4 HIS A 53 ? HIS A 53 . ? 1_555  ? 
5 AC2 4 ASN A 65 ? ASN A 65 . ? 1_555  ? 
6 AC2 4 TRP A 72 ? TRP A 72 . ? 1_555  ? 
# 
_atom_sites.entry_id                    1G86 
_atom_sites.fract_transf_matrix[1][1]   -0.02017864 
_atom_sites.fract_transf_matrix[1][2]   -0.01119306 
_atom_sites.fract_transf_matrix[1][3]   -0.00266767 
_atom_sites.fract_transf_matrix[2][1]   -0.00404674 
_atom_sites.fract_transf_matrix[2][2]   -0.01961260 
_atom_sites.fract_transf_matrix[2][3]   0.01177100 
_atom_sites.fract_transf_matrix[3][1]   -0.00148741 
_atom_sites.fract_transf_matrix[3][2]   0.00200653 
_atom_sites.fract_transf_matrix[3][3]   0.00283189 
_atom_sites.fract_transf_vector[1]      0.290421 
_atom_sites.fract_transf_vector[2]      0.711817 
_atom_sites.fract_transf_vector[3]      0.303474 
# 
loop_
_atom_type.symbol 
C 
N 
O 
S 
# 
loop_
_atom_site.group_PDB 
_atom_site.id 
_atom_site.type_symbol 
_atom_site.label_atom_id 
_atom_site.label_alt_id 
_atom_site.label_comp_id 
_atom_site.label_asym_id 
_atom_site.label_entity_id 
_atom_site.label_seq_id 
_atom_site.pdbx_PDB_ins_code 
_atom_site.Cartn_x 
_atom_site.Cartn_y 
_atom_site.Cartn_z 
_atom_site.occupancy 
_atom_site.B_iso_or_equiv 
_atom_site.pdbx_formal_charge 
_atom_site.auth_seq_id 
_atom_site.auth_comp_id 
_atom_site.auth_asym_id 
_atom_site.auth_atom_id 
_atom_site.pdbx_PDB_model_num 
ATOM   1    N N   . SER A 1 2   ? 4.317   -16.777 0.261   1.00 60.10 ? 2   SER A N   1 
ATOM   2    C CA  . SER A 1 2   ? 4.431   -17.895 1.243   1.00 59.84 ? 2   SER A CA  1 
ATOM   3    C C   . SER A 1 2   ? 3.144   -18.098 2.059   1.00 58.34 ? 2   SER A C   1 
ATOM   4    O O   . SER A 1 2   ? 2.117   -18.514 1.508   1.00 59.97 ? 2   SER A O   1 
ATOM   5    C CB  . SER A 1 2   ? 5.622   -17.651 2.185   1.00 61.89 ? 2   SER A CB  1 
ATOM   6    O OG  . SER A 1 2   ? 5.421   -16.508 3.008   1.00 65.43 ? 2   SER A OG  1 
ATOM   7    N N   . LEU A 1 3   ? 3.201   -17.794 3.358   1.00 54.20 ? 3   LEU A N   1 
ATOM   8    C CA  . LEU A 1 3   ? 2.064   -17.960 4.265   1.00 49.31 ? 3   LEU A CA  1 
ATOM   9    C C   . LEU A 1 3   ? 0.708   -17.485 3.736   1.00 45.07 ? 3   LEU A C   1 
ATOM   10   O O   . LEU A 1 3   ? -0.242  -18.271 3.686   1.00 45.15 ? 3   LEU A O   1 
ATOM   11   C CB  . LEU A 1 3   ? 2.341   -17.259 5.602   1.00 51.27 ? 3   LEU A CB  1 
ATOM   12   C CG  . LEU A 1 3   ? 3.434   -17.756 6.554   1.00 52.53 ? 3   LEU A CG  1 
ATOM   13   C CD1 . LEU A 1 3   ? 4.235   -18.904 5.941   1.00 53.34 ? 3   LEU A CD1 1 
ATOM   14   C CD2 . LEU A 1 3   ? 4.347   -16.580 6.884   1.00 53.18 ? 3   LEU A CD2 1 
ATOM   15   N N   . LEU A 1 4   ? 0.615   -16.209 3.349   1.00 38.59 ? 4   LEU A N   1 
ATOM   16   C CA  . LEU A 1 4   ? -0.645  -15.648 2.862   1.00 32.48 ? 4   LEU A CA  1 
ATOM   17   C C   . LEU A 1 4   ? -0.803  -15.679 1.351   1.00 29.27 ? 4   LEU A C   1 
ATOM   18   O O   . LEU A 1 4   ? 0.149   -15.494 0.606   1.00 29.87 ? 4   LEU A O   1 
ATOM   19   C CB  . LEU A 1 4   ? -0.805  -14.208 3.354   1.00 31.41 ? 4   LEU A CB  1 
ATOM   20   C CG  . LEU A 1 4   ? -0.758  -13.994 4.871   1.00 30.11 ? 4   LEU A CG  1 
ATOM   21   C CD1 . LEU A 1 4   ? -0.911  -12.514 5.159   1.00 30.37 ? 4   LEU A CD1 1 
ATOM   22   C CD2 . LEU A 1 4   ? -1.866  -14.793 5.561   1.00 26.65 ? 4   LEU A CD2 1 
ATOM   23   N N   . PRO A 1 5   ? -2.028  -15.894 0.878   1.00 27.45 ? 5   PRO A N   1 
ATOM   24   C CA  . PRO A 1 5   ? -2.295  -15.944 -0.564  1.00 24.90 ? 5   PRO A CA  1 
ATOM   25   C C   . PRO A 1 5   ? -2.198  -14.557 -1.184  1.00 24.19 ? 5   PRO A C   1 
ATOM   26   O O   . PRO A 1 5   ? -2.512  -13.564 -0.527  1.00 24.24 ? 5   PRO A O   1 
ATOM   27   C CB  . PRO A 1 5   ? -3.712  -16.477 -0.636  1.00 27.84 ? 5   PRO A CB  1 
ATOM   28   C CG  . PRO A 1 5   ? -4.350  -15.996 0.671   1.00 27.48 ? 5   PRO A CG  1 
ATOM   29   C CD  . PRO A 1 5   ? -3.249  -16.070 1.688   1.00 26.44 ? 5   PRO A CD  1 
ATOM   30   N N   . VAL A 1 6   ? -1.761  -14.487 -2.440  1.00 20.86 ? 6   VAL A N   1 
ATOM   31   C CA  . VAL A 1 6   ? -1.632  -13.214 -3.154  1.00 18.76 ? 6   VAL A CA  1 
ATOM   32   C C   . VAL A 1 6   ? -2.298  -13.441 -4.506  1.00 19.29 ? 6   VAL A C   1 
ATOM   33   O O   . VAL A 1 6   ? -2.022  -14.441 -5.163  1.00 22.17 ? 6   VAL A O   1 
ATOM   34   C CB  . VAL A 1 6   ? -0.131  -12.831 -3.361  1.00 18.27 ? 6   VAL A CB  1 
ATOM   35   C CG1 . VAL A 1 6   ? -0.012  -11.546 -4.172  1.00 17.36 ? 6   VAL A CG1 1 
ATOM   36   C CG2 . VAL A 1 6   ? 0.557   -12.654 -2.009  1.00 19.01 ? 6   VAL A CG2 1 
ATOM   37   N N   . PRO A 1 7   ? -3.211  -12.549 -4.929  1.00 17.33 ? 7   PRO A N   1 
ATOM   38   C CA  . PRO A 1 7   ? -3.684  -11.330 -4.256  1.00 16.60 ? 7   PRO A CA  1 
ATOM   39   C C   . PRO A 1 7   ? -4.257  -11.592 -2.868  1.00 17.35 ? 7   PRO A C   1 
ATOM   40   O O   . PRO A 1 7   ? -4.983  -12.557 -2.640  1.00 18.05 ? 7   PRO A O   1 
ATOM   41   C CB  . PRO A 1 7   ? -4.754  -10.775 -5.199  1.00 14.75 ? 7   PRO A CB  1 
ATOM   42   C CG  . PRO A 1 7   ? -4.436  -11.373 -6.523  1.00 16.89 ? 7   PRO A CG  1 
ATOM   43   C CD  . PRO A 1 7   ? -3.884  -12.747 -6.219  1.00 17.02 ? 7   PRO A CD  1 
ATOM   44   N N   . TYR A 1 8   ? -3.917  -10.728 -1.935  1.00 15.90 ? 8   TYR A N   1 
ATOM   45   C CA  . TYR A 1 8   ? -4.421  -10.860 -0.582  1.00 15.58 ? 8   TYR A CA  1 
ATOM   46   C C   . TYR A 1 8   ? -5.453  -9.762  -0.358  1.00 14.65 ? 8   TYR A C   1 
ATOM   47   O O   . TYR A 1 8   ? -5.204  -8.606  -0.675  1.00 14.62 ? 8   TYR A O   1 
ATOM   48   C CB  . TYR A 1 8   ? -3.283  -10.707 0.417   1.00 15.79 ? 8   TYR A CB  1 
ATOM   49   C CG  . TYR A 1 8   ? -3.762  -10.897 1.814   1.00 18.79 ? 8   TYR A CG  1 
ATOM   50   C CD1 . TYR A 1 8   ? -4.079  -12.171 2.287   1.00 19.95 ? 8   TYR A CD1 1 
ATOM   51   C CD2 . TYR A 1 8   ? -4.000  -9.799  2.638   1.00 19.84 ? 8   TYR A CD2 1 
ATOM   52   C CE1 . TYR A 1 8   ? -4.641  -12.347 3.556   1.00 25.77 ? 8   TYR A CE1 1 
ATOM   53   C CE2 . TYR A 1 8   ? -4.559  -9.954  3.911   1.00 21.89 ? 8   TYR A CE2 1 
ATOM   54   C CZ  . TYR A 1 8   ? -4.883  -11.227 4.364   1.00 26.15 ? 8   TYR A CZ  1 
ATOM   55   O OH  . TYR A 1 8   ? -5.487  -11.375 5.599   1.00 27.40 ? 8   TYR A OH  1 
ATOM   56   N N   . THR A 1 9   ? -6.619  -10.122 0.163   1.00 14.35 ? 9   THR A N   1 
ATOM   57   C CA  . THR A 1 9   ? -7.667  -9.135  0.434   1.00 14.50 ? 9   THR A CA  1 
ATOM   58   C C   . THR A 1 9   ? -8.145  -9.272  1.873   1.00 16.04 ? 9   THR A C   1 
ATOM   59   O O   . THR A 1 9   ? -8.384  -10.389 2.341   1.00 15.24 ? 9   THR A O   1 
ATOM   60   C CB  . THR A 1 9   ? -8.874  -9.351  -0.451  1.00 16.59 ? 9   THR A CB  1 
ATOM   61   O OG1 . THR A 1 9   ? -8.483  -9.234  -1.816  1.00 19.85 ? 9   THR A OG1 1 
ATOM   62   C CG2 . THR A 1 9   ? -9.932  -8.318  -0.153  1.00 18.78 ? 9   THR A CG2 1 
ATOM   63   N N   . GLU A 1 10  ? -8.280  -8.153  2.578   1.00 15.04 ? 10  GLU A N   1 
ATOM   64   C CA  . GLU A 1 10  ? -8.767  -8.197  3.956   1.00 13.83 ? 10  GLU A CA  1 
ATOM   65   C C   . GLU A 1 10  ? -9.672  -7.005  4.206   1.00 14.51 ? 10  GLU A C   1 
ATOM   66   O O   . GLU A 1 10  ? -9.328  -5.879  3.855   1.00 14.48 ? 10  GLU A O   1 
ATOM   67   C CB  . GLU A 1 10  ? -7.612  -8.174  4.965   1.00 15.87 ? 10  GLU A CB  1 
ATOM   68   C CG  . GLU A 1 10  ? -8.084  -8.388  6.412   1.00 17.91 ? 10  GLU A CG  1 
ATOM   69   C CD  . GLU A 1 10  ? -6.950  -8.557  7.391   1.00 21.07 ? 10  GLU A CD  1 
ATOM   70   O OE1 . GLU A 1 10  ? -6.155  -9.497  7.231   1.00 21.41 ? 10  GLU A OE1 1 
ATOM   71   O OE2 . GLU A 1 10  ? -6.851  -7.751  8.340   1.00 25.02 ? 10  GLU A OE2 1 
ATOM   72   N N   . ALA A 1 11  ? -10.846 -7.264  4.779   1.00 15.50 ? 11  ALA A N   1 
ATOM   73   C CA  . ALA A 1 11  ? -11.793 -6.196  5.101   1.00 14.58 ? 11  ALA A CA  1 
ATOM   74   C C   . ALA A 1 11  ? -11.108 -5.383  6.198   1.00 15.70 ? 11  ALA A C   1 
ATOM   75   O O   . ALA A 1 11  ? -10.442 -5.959  7.067   1.00 15.40 ? 11  ALA A O   1 
ATOM   76   C CB  . ALA A 1 11  ? -13.107 -6.793  5.616   1.00 15.94 ? 11  ALA A CB  1 
ATOM   77   N N   . ALA A 1 12  ? -11.249 -4.061  6.165   1.00 14.29 ? 12  ALA A N   1 
ATOM   78   C CA  . ALA A 1 12  ? -10.593 -3.236  7.168   1.00 15.47 ? 12  ALA A CA  1 
ATOM   79   C C   . ALA A 1 12  ? -11.318 -1.912  7.402   1.00 17.65 ? 12  ALA A C   1 
ATOM   80   O O   . ALA A 1 12  ? -12.188 -1.522  6.619   1.00 19.16 ? 12  ALA A O   1 
ATOM   81   C CB  . ALA A 1 12  ? -9.144  -2.965  6.751   1.00 15.76 ? 12  ALA A CB  1 
ATOM   82   N N   . SER A 1 13  ? -10.953 -1.250  8.499   1.00 17.41 ? 13  SER A N   1 
ATOM   83   C CA  . SER A 1 13  ? -11.500 0.044   8.909   1.00 18.04 ? 13  SER A CA  1 
ATOM   84   C C   . SER A 1 13  ? -10.316 0.859   9.372   1.00 17.57 ? 13  SER A C   1 
ATOM   85   O O   . SER A 1 13  ? -9.506  0.384   10.158  1.00 20.18 ? 13  SER A O   1 
ATOM   86   C CB  . SER A 1 13  ? -12.445 -0.112  10.079  1.00 18.14 ? 13  SER A CB  1 
ATOM   87   O OG  . SER A 1 13  ? -13.696 -0.544  9.607   1.00 25.80 ? 13  SER A OG  1 
ATOM   88   N N   . LEU A 1 14  ? -10.218 2.083   8.891   1.00 17.22 ? 14  LEU A N   1 
ATOM   89   C CA  . LEU A 1 14  ? -9.099  2.938   9.245   1.00 18.92 ? 14  LEU A CA  1 
ATOM   90   C C   . LEU A 1 14  ? -9.558  4.286   9.734   1.00 19.89 ? 14  LEU A C   1 
ATOM   91   O O   . LEU A 1 14  ? -10.580 4.811   9.284   1.00 19.45 ? 14  LEU A O   1 
ATOM   92   C CB  . LEU A 1 14  ? -8.205  3.192   8.028   1.00 19.54 ? 14  LEU A CB  1 
ATOM   93   C CG  . LEU A 1 14  ? -7.623  2.038   7.217   1.00 20.68 ? 14  LEU A CG  1 
ATOM   94   C CD1 . LEU A 1 14  ? -6.901  2.630   5.997   1.00 21.53 ? 14  LEU A CD1 1 
ATOM   95   C CD2 . LEU A 1 14  ? -6.665  1.218   8.073   1.00 17.73 ? 14  LEU A CD2 1 
ATOM   96   N N   . SER A 1 15  ? -8.768  4.851   10.634  1.00 19.85 ? 15  SER A N   1 
ATOM   97   C CA  . SER A 1 15  ? -9.028  6.178   11.173  1.00 22.04 ? 15  SER A CA  1 
ATOM   98   C C   . SER A 1 15  ? -7.678  6.712   11.596  1.00 21.52 ? 15  SER A C   1 
ATOM   99   O O   . SER A 1 15  ? -6.683  5.980   11.531  1.00 18.68 ? 15  SER A O   1 
ATOM   100  C CB  . SER A 1 15  ? -9.936  6.120   12.393  1.00 22.66 ? 15  SER A CB  1 
ATOM   101  O OG  . SER A 1 15  ? -10.428 7.430   12.632  1.00 31.23 ? 15  SER A OG  1 
ATOM   102  N N   . THR A 1 16  ? -7.634  7.973   12.030  1.00 21.50 ? 16  THR A N   1 
ATOM   103  C CA  . THR A 1 16  ? -6.371  8.557   12.480  1.00 21.33 ? 16  THR A CA  1 
ATOM   104  C C   . THR A 1 16  ? -5.747  7.704   13.574  1.00 20.90 ? 16  THR A C   1 
ATOM   105  O O   . THR A 1 16  ? -6.410  7.313   14.533  1.00 21.87 ? 16  THR A O   1 
ATOM   106  C CB  . THR A 1 16  ? -6.563  9.979   12.994  1.00 21.33 ? 16  THR A CB  1 
ATOM   107  O OG1 . THR A 1 16  ? -7.139  10.759  11.944  1.00 23.54 ? 16  THR A OG1 1 
ATOM   108  C CG2 . THR A 1 16  ? -5.220  10.598  13.388  1.00 20.10 ? 16  THR A CG2 1 
ATOM   109  N N   . GLY A 1 17  ? -4.463  7.404   13.409  1.00 20.45 ? 17  GLY A N   1 
ATOM   110  C CA  . GLY A 1 17  ? -3.768  6.567   14.363  1.00 21.08 ? 17  GLY A CA  1 
ATOM   111  C C   . GLY A 1 17  ? -3.683  5.111   13.918  1.00 20.73 ? 17  GLY A C   1 
ATOM   112  O O   . GLY A 1 17  ? -3.000  4.314   14.554  1.00 23.08 ? 17  GLY A O   1 
ATOM   113  N N   . SER A 1 18  ? -4.371  4.751   12.838  1.00 18.50 ? 18  SER A N   1 
ATOM   114  C CA  . SER A 1 18  ? -4.343  3.378   12.350  1.00 16.26 ? 18  SER A CA  1 
ATOM   115  C C   . SER A 1 18  ? -3.026  3.116   11.632  1.00 16.15 ? 18  SER A C   1 
ATOM   116  O O   . SER A 1 18  ? -2.459  4.025   11.033  1.00 15.08 ? 18  SER A O   1 
ATOM   117  C CB  . SER A 1 18  ? -5.477  3.149   11.355  1.00 14.82 ? 18  SER A CB  1 
ATOM   118  O OG  . SER A 1 18  ? -6.723  2.976   11.997  1.00 15.71 ? 18  SER A OG  1 
ATOM   119  N N   . THR A 1 19  ? -2.553  1.871   11.686  1.00 15.22 ? 19  THR A N   1 
ATOM   120  C CA  . THR A 1 19  ? -1.326  1.501   10.983  1.00 16.49 ? 19  THR A CA  1 
ATOM   121  C C   . THR A 1 19  ? -1.538  0.177   10.252  1.00 16.37 ? 19  THR A C   1 
ATOM   122  O O   . THR A 1 19  ? -2.113  -0.748  10.816  1.00 16.81 ? 19  THR A O   1 
ATOM   123  C CB  . THR A 1 19  ? -0.126  1.316   11.945  1.00 18.97 ? 19  THR A CB  1 
ATOM   124  O OG1 . THR A 1 19  ? 0.183   2.566   12.566  1.00 22.20 ? 19  THR A OG1 1 
ATOM   125  C CG2 . THR A 1 19  ? 1.120   0.864   11.175  1.00 21.83 ? 19  THR A CG2 1 
ATOM   126  N N   . VAL A 1 20  ? -1.100  0.105   8.997   1.00 14.18 ? 20  VAL A N   1 
ATOM   127  C CA  . VAL A 1 20  ? -1.185  -1.128  8.218   1.00 14.13 ? 20  VAL A CA  1 
ATOM   128  C C   . VAL A 1 20  ? 0.256   -1.590  8.020   1.00 13.68 ? 20  VAL A C   1 
ATOM   129  O O   . VAL A 1 20  ? 1.087   -0.856  7.478   1.00 14.40 ? 20  VAL A O   1 
ATOM   130  C CB  . VAL A 1 20  ? -1.839  -0.906  6.849   1.00 13.08 ? 20  VAL A CB  1 
ATOM   131  C CG1 . VAL A 1 20  ? -1.994  -2.232  6.133   1.00 15.18 ? 20  VAL A CG1 1 
ATOM   132  C CG2 . VAL A 1 20  ? -3.204  -0.255  7.029   1.00 14.63 ? 20  VAL A CG2 1 
ATOM   133  N N   . THR A 1 21  ? 0.557   -2.796  8.483   1.00 13.03 ? 21  THR A N   1 
ATOM   134  C CA  . THR A 1 21  ? 1.905   -3.321  8.352   1.00 15.02 ? 21  THR A CA  1 
ATOM   135  C C   . THR A 1 21  ? 1.901   -4.514  7.414   1.00 16.01 ? 21  THR A C   1 
ATOM   136  O O   . THR A 1 21  ? 1.070   -5.412  7.546   1.00 15.56 ? 21  THR A O   1 
ATOM   137  C CB  . THR A 1 21  ? 2.462   -3.764  9.709   1.00 17.54 ? 21  THR A CB  1 
ATOM   138  O OG1 . THR A 1 21  ? 2.408   -2.657  10.619  1.00 19.07 ? 21  THR A OG1 1 
ATOM   139  C CG2 . THR A 1 21  ? 3.920   -4.236  9.567   1.00 17.86 ? 21  THR A CG2 1 
ATOM   140  N N   . ILE A 1 22  ? 2.848   -4.520  6.484   1.00 15.75 ? 22  ILE A N   1 
ATOM   141  C CA  . ILE A 1 22  ? 2.974   -5.585  5.502   1.00 17.18 ? 22  ILE A CA  1 
ATOM   142  C C   . ILE A 1 22  ? 4.419   -6.068  5.485   1.00 17.56 ? 22  ILE A C   1 
ATOM   143  O O   . ILE A 1 22  ? 5.343   -5.250  5.443   1.00 17.85 ? 22  ILE A O   1 
ATOM   144  C CB  . ILE A 1 22  ? 2.616   -5.049  4.093   1.00 18.43 ? 22  ILE A CB  1 
ATOM   145  C CG1 . ILE A 1 22  ? 1.179   -4.518  4.087   1.00 19.40 ? 22  ILE A CG1 1 
ATOM   146  C CG2 . ILE A 1 22  ? 2.740   -6.138  3.058   1.00 21.37 ? 22  ILE A CG2 1 
ATOM   147  C CD1 . ILE A 1 22  ? 0.859   -3.654  2.877   1.00 20.13 ? 22  ILE A CD1 1 
ATOM   148  N N   . LYS A 1 23  ? 4.614   -7.380  5.555   1.00 16.20 ? 23  LYS A N   1 
ATOM   149  C CA  . LYS A 1 23  ? 5.952   -7.963  5.465   1.00 18.58 ? 23  LYS A CA  1 
ATOM   150  C C   . LYS A 1 23  ? 5.941   -8.915  4.257   1.00 17.53 ? 23  LYS A C   1 
ATOM   151  O O   . LYS A 1 23  ? 5.080   -9.790  4.156   1.00 16.80 ? 23  LYS A O   1 
ATOM   152  C CB  . LYS A 1 23  ? 6.299   -8.731  6.736   1.00 21.46 ? 23  LYS A CB  1 
ATOM   153  C CG  . LYS A 1 23  ? 6.564   -7.829  7.933   1.00 31.45 ? 23  LYS A CG  1 
ATOM   154  C CD  . LYS A 1 23  ? 7.687   -8.384  8.808   1.00 38.46 ? 23  LYS A CD  1 
ATOM   155  C CE  . LYS A 1 23  ? 7.262   -8.467  10.288  1.00 42.51 ? 23  LYS A CE  1 
ATOM   156  N NZ  . LYS A 1 23  ? 8.252   -9.217  11.135  1.00 44.43 ? 23  LYS A NZ  1 
ATOM   157  N N   . GLY A 1 24  ? 6.869   -8.733  3.327   1.00 17.13 ? 24  GLY A N   1 
ATOM   158  C CA  . GLY A 1 24  ? 6.887   -9.600  2.163   1.00 19.03 ? 24  GLY A CA  1 
ATOM   159  C C   . GLY A 1 24  ? 8.222   -9.603  1.462   1.00 20.55 ? 24  GLY A C   1 
ATOM   160  O O   . GLY A 1 24  ? 9.207   -9.074  1.983   1.00 21.49 ? 24  GLY A O   1 
ATOM   161  N N   . ARG A 1 25  ? 8.255   -10.170 0.262   1.00 20.11 ? 25  ARG A N   1 
ATOM   162  C CA  . ARG A 1 25  ? 9.498   -10.248 -0.486  1.00 19.77 ? 25  ARG A CA  1 
ATOM   163  C C   . ARG A 1 25  ? 9.209   -10.315 -1.981  1.00 16.95 ? 25  ARG A C   1 
ATOM   164  O O   . ARG A 1 25  ? 8.252   -10.947 -2.374  1.00 17.03 ? 25  ARG A O   1 
ATOM   165  C CB  . ARG A 1 25  ? 10.231  -11.507 -0.039  1.00 21.92 ? 25  ARG A CB  1 
ATOM   166  C CG  . ARG A 1 25  ? 11.465  -11.791 -0.806  1.00 31.18 ? 25  ARG A CG  1 
ATOM   167  C CD  . ARG A 1 25  ? 12.042  -13.128 -0.409  1.00 39.78 ? 25  ARG A CD  1 
ATOM   168  N NE  . ARG A 1 25  ? 13.401  -12.972 0.102   1.00 47.93 ? 25  ARG A NE  1 
ATOM   169  C CZ  . ARG A 1 25  ? 13.738  -13.131 1.381   1.00 51.90 ? 25  ARG A CZ  1 
ATOM   170  N NH1 . ARG A 1 25  ? 12.810  -13.456 2.285   1.00 53.08 ? 25  ARG A NH1 1 
ATOM   171  N NH2 . ARG A 1 25  ? 15.003  -12.960 1.762   1.00 54.18 ? 25  ARG A NH2 1 
ATOM   172  N N   . PRO A 1 26  ? 10.010  -9.630  -2.825  1.00 17.60 ? 26  PRO A N   1 
ATOM   173  C CA  . PRO A 1 26  ? 9.809   -9.652  -4.290  1.00 16.92 ? 26  PRO A CA  1 
ATOM   174  C C   . PRO A 1 26  ? 10.001  -11.089 -4.777  1.00 16.22 ? 26  PRO A C   1 
ATOM   175  O O   . PRO A 1 26  ? 10.825  -11.807 -4.224  1.00 15.78 ? 26  PRO A O   1 
ATOM   176  C CB  . PRO A 1 26  ? 10.910  -8.739  -4.831  1.00 17.60 ? 26  PRO A CB  1 
ATOM   177  C CG  . PRO A 1 26  ? 11.360  -7.928  -3.658  1.00 19.62 ? 26  PRO A CG  1 
ATOM   178  C CD  . PRO A 1 26  ? 11.134  -8.763  -2.437  1.00 17.83 ? 26  PRO A CD  1 
ATOM   179  N N   . LEU A 1 27  ? 9.269   -11.511 -5.803  1.00 15.44 ? 27  LEU A N   1 
ATOM   180  C CA  . LEU A 1 27  ? 9.400   -12.894 -6.287  1.00 17.78 ? 27  LEU A CA  1 
ATOM   181  C C   . LEU A 1 27  ? 10.574  -13.121 -7.259  1.00 18.52 ? 27  LEU A C   1 
ATOM   182  O O   . LEU A 1 27  ? 11.029  -14.257 -7.416  1.00 18.61 ? 27  LEU A O   1 
ATOM   183  C CB  . LEU A 1 27  ? 8.096   -13.353 -6.952  1.00 16.24 ? 27  LEU A CB  1 
ATOM   184  C CG  . LEU A 1 27  ? 6.894   -13.585 -6.042  1.00 13.84 ? 27  LEU A CG  1 
ATOM   185  C CD1 . LEU A 1 27  ? 5.668   -13.841 -6.872  1.00 15.41 ? 27  LEU A CD1 1 
ATOM   186  C CD2 . LEU A 1 27  ? 7.168   -14.750 -5.134  1.00 15.98 ? 27  LEU A CD2 1 
ATOM   187  N N   . VAL A 1 28  ? 11.042  -12.050 -7.909  1.00 18.28 ? 28  VAL A N   1 
ATOM   188  C CA  . VAL A 1 28  ? 12.161  -12.125 -8.849  1.00 19.20 ? 28  VAL A CA  1 
ATOM   189  C C   . VAL A 1 28  ? 13.175  -10.997 -8.640  1.00 22.05 ? 28  VAL A C   1 
ATOM   190  O O   . VAL A 1 28  ? 12.906  -10.047 -7.901  1.00 21.83 ? 28  VAL A O   1 
ATOM   191  C CB  . VAL A 1 28  ? 11.656  -12.090 -10.309 1.00 18.57 ? 28  VAL A CB  1 
ATOM   192  C CG1 . VAL A 1 28  ? 10.625  -13.182 -10.514 1.00 18.77 ? 28  VAL A CG1 1 
ATOM   193  C CG2 . VAL A 1 28  ? 11.050  -10.751 -10.630 1.00 18.79 ? 28  VAL A CG2 1 
ATOM   194  N N   . CYS A 1 29  ? 14.333  -11.107 -9.293  1.00 23.39 ? 29  CYS A N   1 
ATOM   195  C CA  . CYS A 1 29  ? 15.418  -10.121 -9.199  1.00 27.73 ? 29  CYS A CA  1 
ATOM   196  C C   . CYS A 1 29  ? 14.920  -8.758  -9.657  1.00 23.77 ? 29  CYS A C   1 
ATOM   197  O O   . CYS A 1 29  ? 14.072  -8.687  -10.545 1.00 22.18 ? 29  CYS A O   1 
ATOM   198  C CB  . CYS A 1 29  ? 16.591  -10.524 -10.116 1.00 33.59 ? 29  CYS A CB  1 
ATOM   199  S SG  . CYS A 1 29  ? 17.685  -11.840 -9.519  1.00 49.49 ? 29  CYS A SG  1 
ATOM   200  N N   . PHE A 1 30  ? 15.468  -7.678  -9.093  1.00 21.03 ? 30  PHE A N   1 
ATOM   201  C CA  . PHE A 1 30  ? 15.036  -6.336  -9.496  1.00 20.33 ? 30  PHE A CA  1 
ATOM   202  C C   . PHE A 1 30  ? 15.281  -6.116  -10.986 1.00 20.84 ? 30  PHE A C   1 
ATOM   203  O O   . PHE A 1 30  ? 14.604  -5.315  -11.633 1.00 19.07 ? 30  PHE A O   1 
ATOM   204  C CB  . PHE A 1 30  ? 15.771  -5.243  -8.698  1.00 23.31 ? 30  PHE A CB  1 
ATOM   205  C CG  . PHE A 1 30  ? 15.150  -4.926  -7.342  1.00 22.44 ? 30  PHE A CG  1 
ATOM   206  C CD1 . PHE A 1 30  ? 15.476  -3.744  -6.679  1.00 25.11 ? 30  PHE A CD1 1 
ATOM   207  C CD2 . PHE A 1 30  ? 14.284  -5.827  -6.719  1.00 21.85 ? 30  PHE A CD2 1 
ATOM   208  C CE1 . PHE A 1 30  ? 14.953  -3.472  -5.411  1.00 24.55 ? 30  PHE A CE1 1 
ATOM   209  C CE2 . PHE A 1 30  ? 13.760  -5.567  -5.466  1.00 21.64 ? 30  PHE A CE2 1 
ATOM   210  C CZ  . PHE A 1 30  ? 14.094  -4.390  -4.808  1.00 23.80 ? 30  PHE A CZ  1 
ATOM   211  N N   . LEU A 1 31  ? 16.257  -6.832  -11.534 1.00 20.22 ? 31  LEU A N   1 
ATOM   212  C CA  . LEU A 1 31  ? 16.590  -6.714  -12.950 1.00 20.48 ? 31  LEU A CA  1 
ATOM   213  C C   . LEU A 1 31  ? 15.414  -7.096  -13.858 1.00 18.40 ? 31  LEU A C   1 
ATOM   214  O O   . LEU A 1 31  ? 15.307  -6.621  -14.982 1.00 20.49 ? 31  LEU A O   1 
ATOM   215  C CB  . LEU A 1 31  ? 17.814  -7.595  -13.247 1.00 23.94 ? 31  LEU A CB  1 
ATOM   216  C CG  . LEU A 1 31  ? 18.192  -7.967  -14.680 1.00 27.63 ? 31  LEU A CG  1 
ATOM   217  C CD1 . LEU A 1 31  ? 18.990  -6.840  -15.346 1.00 29.75 ? 31  LEU A CD1 1 
ATOM   218  C CD2 . LEU A 1 31  ? 19.014  -9.246  -14.632 1.00 28.46 ? 31  LEU A CD2 1 
ATOM   219  N N   . ASN A 1 32  ? 14.522  -7.947  -13.371 1.00 18.41 ? 32  ASN A N   1 
ATOM   220  C CA  . ASN A 1 32  ? 13.378  -8.362  -14.170 1.00 16.64 ? 32  ASN A CA  1 
ATOM   221  C C   . ASN A 1 32  ? 12.145  -7.530  -13.863 1.00 17.80 ? 32  ASN A C   1 
ATOM   222  O O   . ASN A 1 32  ? 11.051  -7.835  -14.320 1.00 15.96 ? 32  ASN A O   1 
ATOM   223  C CB  . ASN A 1 32  ? 13.104  -9.839  -13.945 1.00 19.89 ? 32  ASN A CB  1 
ATOM   224  C CG  . ASN A 1 32  ? 14.180  -10.703 -14.568 1.00 23.34 ? 32  ASN A CG  1 
ATOM   225  O OD1 . ASN A 1 32  ? 14.738  -10.344 -15.607 1.00 22.85 ? 32  ASN A OD1 1 
ATOM   226  N ND2 . ASN A 1 32  ? 14.490  -11.829 -13.933 1.00 24.20 ? 32  ASN A ND2 1 
ATOM   227  N N   . GLU A 1 33  ? 12.346  -6.489  -13.060 1.00 17.17 ? 33  GLU A N   1 
ATOM   228  C CA  . GLU A 1 33  ? 11.306  -5.543  -12.714 1.00 18.05 ? 33  GLU A CA  1 
ATOM   229  C C   . GLU A 1 33  ? 9.999   -6.037  -12.136 1.00 14.74 ? 33  GLU A C   1 
ATOM   230  O O   . GLU A 1 33  ? 8.956   -5.901  -12.765 1.00 16.03 ? 33  GLU A O   1 
ATOM   231  C CB  . GLU A 1 33  ? 10.970  -4.697  -13.934 1.00 22.36 ? 33  GLU A CB  1 
ATOM   232  C CG  . GLU A 1 33  ? 12.185  -4.072  -14.577 1.00 33.20 ? 33  GLU A CG  1 
ATOM   233  C CD  . GLU A 1 33  ? 11.859  -2.762  -15.246 1.00 38.59 ? 33  GLU A CD  1 
ATOM   234  O OE1 . GLU A 1 33  ? 11.028  -1.997  -14.686 1.00 44.81 ? 33  GLU A OE1 1 
ATOM   235  O OE2 . GLU A 1 33  ? 12.432  -2.507  -16.326 1.00 41.37 ? 33  GLU A OE2 1 
ATOM   236  N N   . PRO A 1 34  ? 10.030  -6.591  -10.925 1.00 14.28 ? 34  PRO A N   1 
ATOM   237  C CA  . PRO A 1 34  ? 8.785   -7.067  -10.315 1.00 13.95 ? 34  PRO A CA  1 
ATOM   238  C C   . PRO A 1 34  ? 8.016   -5.830  -9.784  1.00 15.91 ? 34  PRO A C   1 
ATOM   239  O O   . PRO A 1 34  ? 8.606   -4.746  -9.611  1.00 13.78 ? 34  PRO A O   1 
ATOM   240  C CB  . PRO A 1 34  ? 9.271   -7.967  -9.184  1.00 12.08 ? 34  PRO A CB  1 
ATOM   241  C CG  . PRO A 1 34  ? 10.593  -7.370  -8.797  1.00 16.47 ? 34  PRO A CG  1 
ATOM   242  C CD  . PRO A 1 34  ? 11.196  -6.803  -10.060 1.00 14.43 ? 34  PRO A CD  1 
ATOM   243  N N   . TYR A 1 35  ? 6.713   -5.979  -9.544  1.00 14.11 ? 35  TYR A N   1 
ATOM   244  C CA  . TYR A 1 35  ? 5.914   -4.868  -9.018  1.00 16.10 ? 35  TYR A CA  1 
ATOM   245  C C   . TYR A 1 35  ? 5.313   -5.290  -7.690  1.00 13.91 ? 35  TYR A C   1 
ATOM   246  O O   . TYR A 1 35  ? 5.304   -6.473  -7.351  1.00 12.76 ? 35  TYR A O   1 
ATOM   247  C CB  . TYR A 1 35  ? 4.732   -4.527  -9.929  1.00 17.49 ? 35  TYR A CB  1 
ATOM   248  C CG  . TYR A 1 35  ? 5.076   -4.091  -11.318 1.00 27.87 ? 35  TYR A CG  1 
ATOM   249  C CD1 . TYR A 1 35  ? 4.771   -4.903  -12.400 1.00 33.31 ? 35  TYR A CD1 1 
ATOM   250  C CD2 . TYR A 1 35  ? 5.696   -2.868  -11.561 1.00 33.73 ? 35  TYR A CD2 1 
ATOM   251  C CE1 . TYR A 1 35  ? 5.077   -4.521  -13.705 1.00 40.17 ? 35  TYR A CE1 1 
ATOM   252  C CE2 . TYR A 1 35  ? 6.014   -2.465  -12.869 1.00 39.80 ? 35  TYR A CE2 1 
ATOM   253  C CZ  . TYR A 1 35  ? 5.702   -3.306  -13.940 1.00 42.06 ? 35  TYR A CZ  1 
ATOM   254  O OH  . TYR A 1 35  ? 6.032   -2.977  -15.248 1.00 46.03 ? 35  TYR A OH  1 
ATOM   255  N N   . LEU A 1 36  ? 4.810   -4.304  -6.950  1.00 13.53 ? 36  LEU A N   1 
ATOM   256  C CA  . LEU A 1 36  ? 4.105   -4.530  -5.680  1.00 10.55 ? 36  LEU A CA  1 
ATOM   257  C C   . LEU A 1 36  ? 2.988   -3.501  -5.737  1.00 11.09 ? 36  LEU A C   1 
ATOM   258  O O   . LEU A 1 36  ? 3.222   -2.367  -6.163  1.00 11.23 ? 36  LEU A O   1 
ATOM   259  C CB  . LEU A 1 36  ? 4.997   -4.248  -4.466  1.00 11.49 ? 36  LEU A CB  1 
ATOM   260  C CG  . LEU A 1 36  ? 4.251   -3.927  -3.152  1.00 10.63 ? 36  LEU A CG  1 
ATOM   261  C CD1 . LEU A 1 36  ? 3.399   -5.112  -2.720  1.00 12.12 ? 36  LEU A CD1 1 
ATOM   262  C CD2 . LEU A 1 36  ? 5.248   -3.585  -2.066  1.00 13.02 ? 36  LEU A CD2 1 
ATOM   263  N N   . GLN A 1 37  ? 1.772   -3.877  -5.354  1.00 10.25 ? 37  GLN A N   1 
ATOM   264  C CA  . GLN A 1 37  ? 0.697   -2.895  -5.362  1.00 9.36  ? 37  GLN A CA  1 
ATOM   265  C C   . GLN A 1 37  ? -0.172  -3.061  -4.129  1.00 11.17 ? 37  GLN A C   1 
ATOM   266  O O   . GLN A 1 37  ? -0.497  -4.184  -3.752  1.00 11.26 ? 37  GLN A O   1 
ATOM   267  C CB  . GLN A 1 37  ? -0.155  -3.025  -6.632  1.00 9.07  ? 37  GLN A CB  1 
ATOM   268  C CG  . GLN A 1 37  ? -1.184  -1.932  -6.770  1.00 10.74 ? 37  GLN A CG  1 
ATOM   269  C CD  . GLN A 1 37  ? -1.716  -1.775  -8.175  1.00 12.39 ? 37  GLN A CD  1 
ATOM   270  O OE1 . GLN A 1 37  ? -0.989  -1.958  -9.141  1.00 14.29 ? 37  GLN A OE1 1 
ATOM   271  N NE2 . GLN A 1 37  ? -2.993  -1.432  -8.298  1.00 13.28 ? 37  GLN A NE2 1 
ATOM   272  N N   . VAL A 1 38  ? -0.515  -1.938  -3.484  1.00 10.59 ? 38  VAL A N   1 
ATOM   273  C CA  . VAL A 1 38  ? -1.391  -1.927  -2.301  1.00 9.85  ? 38  VAL A CA  1 
ATOM   274  C C   . VAL A 1 38  ? -2.515  -0.942  -2.622  1.00 10.30 ? 38  VAL A C   1 
ATOM   275  O O   . VAL A 1 38  ? -2.234  0.208   -2.965  1.00 9.68  ? 38  VAL A O   1 
ATOM   276  C CB  . VAL A 1 38  ? -0.664  -1.419  -1.028  1.00 9.53  ? 38  VAL A CB  1 
ATOM   277  C CG1 . VAL A 1 38  ? -1.593  -1.535  0.170   1.00 10.37 ? 38  VAL A CG1 1 
ATOM   278  C CG2 . VAL A 1 38  ? 0.564   -2.232  -0.757  1.00 9.32  ? 38  VAL A CG2 1 
ATOM   279  N N   . ASP A 1 39  ? -3.767  -1.392  -2.533  1.00 7.96  ? 39  ASP A N   1 
ATOM   280  C CA  . ASP A 1 39  ? -4.921  -0.535  -2.818  1.00 8.04  ? 39  ASP A CA  1 
ATOM   281  C C   . ASP A 1 39  ? -5.908  -0.527  -1.667  1.00 8.95  ? 39  ASP A C   1 
ATOM   282  O O   . ASP A 1 39  ? -6.315  -1.591  -1.196  1.00 10.26 ? 39  ASP A O   1 
ATOM   283  C CB  . ASP A 1 39  ? -5.692  -1.027  -4.046  1.00 11.49 ? 39  ASP A CB  1 
ATOM   284  C CG  . ASP A 1 39  ? -4.870  -0.955  -5.331  1.00 11.35 ? 39  ASP A CG  1 
ATOM   285  O OD1 . ASP A 1 39  ? -4.236  0.084   -5.585  1.00 13.86 ? 39  ASP A OD1 1 
ATOM   286  O OD2 . ASP A 1 39  ? -4.869  -1.952  -6.076  1.00 14.71 ? 39  ASP A OD2 1 
ATOM   287  N N   . PHE A 1 40  ? -6.301  0.671   -1.236  1.00 9.63  ? 40  PHE A N   1 
ATOM   288  C CA  . PHE A 1 40  ? -7.282  0.853   -0.163  1.00 10.39 ? 40  PHE A CA  1 
ATOM   289  C C   . PHE A 1 40  ? -8.610  1.129   -0.892  1.00 10.64 ? 40  PHE A C   1 
ATOM   290  O O   . PHE A 1 40  ? -8.776  2.197   -1.475  1.00 12.64 ? 40  PHE A O   1 
ATOM   291  C CB  . PHE A 1 40  ? -6.895  2.067   0.699   1.00 11.56 ? 40  PHE A CB  1 
ATOM   292  C CG  . PHE A 1 40  ? -5.703  1.839   1.620   1.00 12.98 ? 40  PHE A CG  1 
ATOM   293  C CD1 . PHE A 1 40  ? -4.969  0.664   1.591   1.00 15.77 ? 40  PHE A CD1 1 
ATOM   294  C CD2 . PHE A 1 40  ? -5.333  2.824   2.534   1.00 16.75 ? 40  PHE A CD2 1 
ATOM   295  C CE1 . PHE A 1 40  ? -3.889  0.471   2.455   1.00 17.04 ? 40  PHE A CE1 1 
ATOM   296  C CE2 . PHE A 1 40  ? -4.257  2.639   3.399   1.00 17.43 ? 40  PHE A CE2 1 
ATOM   297  C CZ  . PHE A 1 40  ? -3.532  1.460   3.359   1.00 15.19 ? 40  PHE A CZ  1 
ATOM   298  N N   . HIS A 1 41  ? -9.539  0.175   -0.856  1.00 9.30  ? 41  HIS A N   1 
ATOM   299  C CA  . HIS A 1 41  ? -10.823 0.282   -1.551  1.00 9.53  ? 41  HIS A CA  1 
ATOM   300  C C   . HIS A 1 41  ? -11.968 0.769   -0.672  1.00 11.45 ? 41  HIS A C   1 
ATOM   301  O O   . HIS A 1 41  ? -11.938 0.602   0.547   1.00 13.19 ? 41  HIS A O   1 
ATOM   302  C CB  . HIS A 1 41  ? -11.220 -1.089  -2.111  1.00 11.52 ? 41  HIS A CB  1 
ATOM   303  C CG  . HIS A 1 41  ? -10.490 -1.471  -3.362  1.00 13.06 ? 41  HIS A CG  1 
ATOM   304  N ND1 . HIS A 1 41  ? -10.942 -1.128  -4.619  1.00 11.66 ? 41  HIS A ND1 1 
ATOM   305  C CD2 . HIS A 1 41  ? -9.328  -2.144  -3.549  1.00 10.94 ? 41  HIS A CD2 1 
ATOM   306  C CE1 . HIS A 1 41  ? -10.088 -1.571  -5.528  1.00 12.64 ? 41  HIS A CE1 1 
ATOM   307  N NE2 . HIS A 1 41  ? -9.100  -2.189  -4.904  1.00 12.77 ? 41  HIS A NE2 1 
ATOM   308  N N   . THR A 1 42  ? -12.985 1.347   -1.299  1.00 11.18 ? 42  THR A N   1 
ATOM   309  C CA  . THR A 1 42  ? -14.146 1.852   -0.568  1.00 13.05 ? 42  THR A CA  1 
ATOM   310  C C   . THR A 1 42  ? -15.193 0.752   -0.382  1.00 14.81 ? 42  THR A C   1 
ATOM   311  O O   . THR A 1 42  ? -16.121 0.911   0.407   1.00 14.81 ? 42  THR A O   1 
ATOM   312  C CB  . THR A 1 42  ? -14.819 3.022   -1.309  1.00 11.58 ? 42  THR A CB  1 
ATOM   313  O OG1 . THR A 1 42  ? -15.194 2.590   -2.621  1.00 14.68 ? 42  THR A OG1 1 
ATOM   314  C CG2 . THR A 1 42  ? -13.878 4.223   -1.427  1.00 10.71 ? 42  THR A CG2 1 
ATOM   315  N N   . GLU A 1 43  ? -15.066 -0.354  -1.123  1.00 15.73 ? 43  GLU A N   1 
ATOM   316  C CA  . GLU A 1 43  ? -16.005 -1.476  -1.011  1.00 17.15 ? 43  GLU A CA  1 
ATOM   317  C C   . GLU A 1 43  ? -15.209 -2.762  -1.034  1.00 17.93 ? 43  GLU A C   1 
ATOM   318  O O   . GLU A 1 43  ? -14.021 -2.746  -1.352  1.00 16.90 ? 43  GLU A O   1 
ATOM   319  C CB  . GLU A 1 43  ? -17.004 -1.516  -2.178  1.00 18.36 ? 43  GLU A CB  1 
ATOM   320  C CG  . GLU A 1 43  ? -17.888 -0.300  -2.339  1.00 25.39 ? 43  GLU A CG  1 
ATOM   321  C CD  . GLU A 1 43  ? -18.841 -0.112  -1.159  1.00 34.74 ? 43  GLU A CD  1 
ATOM   322  O OE1 . GLU A 1 43  ? -19.320 1.036   -0.960  1.00 39.10 ? 43  GLU A OE1 1 
ATOM   323  O OE2 . GLU A 1 43  ? -19.115 -1.105  -0.426  1.00 36.28 ? 43  GLU A OE2 1 
ATOM   324  N N   . MET A 1 44  ? -15.869 -3.872  -0.706  1.00 19.49 ? 44  MET A N   1 
ATOM   325  C CA  . MET A 1 44  ? -15.220 -5.176  -0.707  1.00 23.43 ? 44  MET A CA  1 
ATOM   326  C C   . MET A 1 44  ? -14.978 -5.697  -2.120  1.00 24.59 ? 44  MET A C   1 
ATOM   327  O O   . MET A 1 44  ? -14.267 -6.678  -2.294  1.00 28.75 ? 44  MET A O   1 
ATOM   328  C CB  . MET A 1 44  ? -16.048 -6.198  0.068   1.00 23.92 ? 44  MET A CB  1 
ATOM   329  C CG  . MET A 1 44  ? -15.907 -6.077  1.579   1.00 28.08 ? 44  MET A CG  1 
ATOM   330  S SD  . MET A 1 44  ? -14.249 -6.456  2.183   1.00 33.92 ? 44  MET A SD  1 
ATOM   331  C CE  . MET A 1 44  ? -13.785 -7.964  1.238   1.00 33.10 ? 44  MET A CE  1 
ATOM   332  N N   . LYS A 1 45  ? -15.554 -5.053  -3.125  1.00 23.70 ? 45  LYS A N   1 
ATOM   333  C CA  . LYS A 1 45  ? -15.349 -5.491  -4.500  1.00 25.22 ? 45  LYS A CA  1 
ATOM   334  C C   . LYS A 1 45  ? -14.121 -4.809  -5.123  1.00 24.79 ? 45  LYS A C   1 
ATOM   335  O O   . LYS A 1 45  ? -13.869 -3.621  -4.898  1.00 23.02 ? 45  LYS A O   1 
ATOM   336  C CB  . LYS A 1 45  ? -16.604 -5.225  -5.339  1.00 27.61 ? 45  LYS A CB  1 
ATOM   337  C CG  . LYS A 1 45  ? -17.134 -3.815  -5.288  1.00 32.37 ? 45  LYS A CG  1 
ATOM   338  C CD  . LYS A 1 45  ? -18.452 -3.708  -6.045  1.00 38.61 ? 45  LYS A CD  1 
ATOM   339  C CE  . LYS A 1 45  ? -19.541 -4.598  -5.433  1.00 41.88 ? 45  LYS A CE  1 
ATOM   340  N NZ  . LYS A 1 45  ? -19.834 -5.813  -6.266  1.00 46.31 ? 45  LYS A NZ  1 
ATOM   341  N N   . GLU A 1 46  ? -13.352 -5.555  -5.915  1.00 24.11 ? 46  GLU A N   1 
ATOM   342  C CA  . GLU A 1 46  ? -12.143 -4.987  -6.510  1.00 24.37 ? 46  GLU A CA  1 
ATOM   343  C C   . GLU A 1 46  ? -12.355 -3.897  -7.565  1.00 21.88 ? 46  GLU A C   1 
ATOM   344  O O   . GLU A 1 46  ? -11.434 -3.156  -7.878  1.00 20.37 ? 46  GLU A O   1 
ATOM   345  C CB  . GLU A 1 46  ? -11.249 -6.103  -7.066  1.00 28.33 ? 46  GLU A CB  1 
ATOM   346  C CG  . GLU A 1 46  ? -11.912 -6.995  -8.073  1.00 36.63 ? 46  GLU A CG  1 
ATOM   347  C CD  . GLU A 1 46  ? -10.945 -8.024  -8.656  1.00 41.32 ? 46  GLU A CD  1 
ATOM   348  O OE1 . GLU A 1 46  ? -10.899 -8.141  -9.909  1.00 42.70 ? 46  GLU A OE1 1 
ATOM   349  O OE2 . GLU A 1 46  ? -10.245 -8.702  -7.860  1.00 40.72 ? 46  GLU A OE2 1 
ATOM   350  N N   . GLU A 1 47  ? -13.562 -3.775  -8.105  1.00 19.68 ? 47  GLU A N   1 
ATOM   351  C CA  . GLU A 1 47  ? -13.799 -2.735  -9.094  1.00 20.48 ? 47  GLU A CA  1 
ATOM   352  C C   . GLU A 1 47  ? -14.236 -1.426  -8.412  1.00 19.01 ? 47  GLU A C   1 
ATOM   353  O O   . GLU A 1 47  ? -14.472 -0.425  -9.082  1.00 18.16 ? 47  GLU A O   1 
ATOM   354  C CB  . GLU A 1 47  ? -14.865 -3.193  -10.092 1.00 25.60 ? 47  GLU A CB  1 
ATOM   355  C CG  . GLU A 1 47  ? -16.259 -3.313  -9.486  1.00 33.29 ? 47  GLU A CG  1 
ATOM   356  C CD  . GLU A 1 47  ? -16.591 -4.725  -8.984  1.00 39.14 ? 47  GLU A CD  1 
ATOM   357  O OE1 . GLU A 1 47  ? -17.801 -4.991  -8.767  1.00 43.67 ? 47  GLU A OE1 1 
ATOM   358  O OE2 . GLU A 1 47  ? -15.663 -5.565  -8.804  1.00 38.89 ? 47  GLU A OE2 1 
ATOM   359  N N   . SER A 1 48  ? -14.331 -1.431  -7.083  1.00 17.56 ? 48  SER A N   1 
ATOM   360  C CA  . SER A 1 48  ? -14.741 -0.229  -6.350  1.00 15.27 ? 48  SER A CA  1 
ATOM   361  C C   . SER A 1 48  ? -13.648 0.847   -6.357  1.00 13.82 ? 48  SER A C   1 
ATOM   362  O O   . SER A 1 48  ? -12.496 0.578   -6.715  1.00 12.58 ? 48  SER A O   1 
ATOM   363  C CB  . SER A 1 48  ? -15.112 -0.587  -4.907  1.00 13.94 ? 48  SER A CB  1 
ATOM   364  O OG  . SER A 1 48  ? -13.982 -1.019  -4.162  1.00 12.67 ? 48  SER A OG  1 
ATOM   365  N N   . ASP A 1 49  ? -14.011 2.060   -5.950  1.00 13.52 ? 49  ASP A N   1 
ATOM   366  C CA  . ASP A 1 49  ? -13.071 3.174   -5.915  1.00 13.49 ? 49  ASP A CA  1 
ATOM   367  C C   . ASP A 1 49  ? -11.916 2.910   -4.984  1.00 13.72 ? 49  ASP A C   1 
ATOM   368  O O   . ASP A 1 49  ? -12.014 2.091   -4.056  1.00 14.35 ? 49  ASP A O   1 
ATOM   369  C CB  . ASP A 1 49  ? -13.765 4.461   -5.491  1.00 14.24 ? 49  ASP A CB  1 
ATOM   370  C CG  . ASP A 1 49  ? -14.625 5.045   -6.594  1.00 17.91 ? 49  ASP A CG  1 
ATOM   371  O OD1 . ASP A 1 49  ? -14.562 4.546   -7.739  1.00 16.01 ? 49  ASP A OD1 1 
ATOM   372  O OD2 . ASP A 1 49  ? -15.371 6.003   -6.309  1.00 16.66 ? 49  ASP A OD2 1 
ATOM   373  N N   . ILE A 1 50  ? -10.826 3.626   -5.235  1.00 12.99 ? 50  ILE A N   1 
ATOM   374  C CA  . ILE A 1 50  ? -9.603  3.459   -4.482  1.00 11.86 ? 50  ILE A CA  1 
ATOM   375  C C   . ILE A 1 50  ? -9.198  4.783   -3.877  1.00 11.69 ? 50  ILE A C   1 
ATOM   376  O O   . ILE A 1 50  ? -8.906  5.742   -4.579  1.00 11.88 ? 50  ILE A O   1 
ATOM   377  C CB  . ILE A 1 50  ? -8.481  2.932   -5.403  1.00 13.46 ? 50  ILE A CB  1 
ATOM   378  C CG1 . ILE A 1 50  ? -8.821  1.506   -5.843  1.00 12.83 ? 50  ILE A CG1 1 
ATOM   379  C CG2 . ILE A 1 50  ? -7.131  2.959   -4.685  1.00 11.68 ? 50  ILE A CG2 1 
ATOM   380  C CD1 . ILE A 1 50  ? -7.888  0.962   -6.918  1.00 14.95 ? 50  ILE A CD1 1 
ATOM   381  N N   . VAL A 1 51  ? -9.187  4.803   -2.553  1.00 12.17 ? 51  VAL A N   1 
ATOM   382  C CA  . VAL A 1 51  ? -8.851  5.984   -1.766  1.00 13.05 ? 51  VAL A CA  1 
ATOM   383  C C   . VAL A 1 51  ? -7.339  6.274   -1.813  1.00 11.81 ? 51  VAL A C   1 
ATOM   384  O O   . VAL A 1 51  ? -6.919  7.428   -1.854  1.00 13.64 ? 51  VAL A O   1 
ATOM   385  C CB  . VAL A 1 51  ? -9.357  5.768   -0.289  1.00 14.02 ? 51  VAL A CB  1 
ATOM   386  C CG1 . VAL A 1 51  ? -8.723  6.749   0.659   1.00 16.14 ? 51  VAL A CG1 1 
ATOM   387  C CG2 . VAL A 1 51  ? -10.885 5.883   -0.254  1.00 13.59 ? 51  VAL A CG2 1 
ATOM   388  N N   . PHE A 1 52  ? -6.531  5.220   -1.806  1.00 11.78 ? 52  PHE A N   1 
ATOM   389  C CA  . PHE A 1 52  ? -5.075  5.335   -1.847  1.00 12.29 ? 52  PHE A CA  1 
ATOM   390  C C   . PHE A 1 52  ? -4.562  4.115   -2.623  1.00 13.87 ? 52  PHE A C   1 
ATOM   391  O O   . PHE A 1 52  ? -4.848  2.978   -2.254  1.00 15.01 ? 52  PHE A O   1 
ATOM   392  C CB  . PHE A 1 52  ? -4.507  5.337   -0.413  1.00 13.78 ? 52  PHE A CB  1 
ATOM   393  C CG  . PHE A 1 52  ? -2.983  5.378   -0.332  1.00 14.36 ? 52  PHE A CG  1 
ATOM   394  C CD1 . PHE A 1 52  ? -2.245  6.342   -1.014  1.00 13.90 ? 52  PHE A CD1 1 
ATOM   395  C CD2 . PHE A 1 52  ? -2.297  4.477   0.474   1.00 14.35 ? 52  PHE A CD2 1 
ATOM   396  C CE1 . PHE A 1 52  ? -0.855  6.404   -0.890  1.00 12.76 ? 52  PHE A CE1 1 
ATOM   397  C CE2 . PHE A 1 52  ? -0.907  4.544   0.601   1.00 14.21 ? 52  PHE A CE2 1 
ATOM   398  C CZ  . PHE A 1 52  ? -0.194  5.512   -0.086  1.00 11.82 ? 52  PHE A CZ  1 
ATOM   399  N N   . HIS A 1 53  ? -3.818  4.363   -3.694  1.00 13.06 ? 53  HIS A N   1 
ATOM   400  C CA  . HIS A 1 53  ? -3.250  3.318   -4.539  1.00 15.32 ? 53  HIS A CA  1 
ATOM   401  C C   . HIS A 1 53  ? -1.735  3.544   -4.461  1.00 14.96 ? 53  HIS A C   1 
ATOM   402  O O   . HIS A 1 53  ? -1.261  4.651   -4.701  1.00 14.98 ? 53  HIS A O   1 
ATOM   403  C CB  . HIS A 1 53  ? -3.810  3.509   -5.956  1.00 19.18 ? 53  HIS A CB  1 
ATOM   404  C CG  . HIS A 1 53  ? -2.881  3.116   -7.060  1.00 20.28 ? 53  HIS A CG  1 
ATOM   405  N ND1 . HIS A 1 53  ? -2.830  1.834   -7.566  1.00 24.33 ? 53  HIS A ND1 1 
ATOM   406  C CD2 . HIS A 1 53  ? -2.032  3.849   -7.818  1.00 22.35 ? 53  HIS A CD2 1 
ATOM   407  C CE1 . HIS A 1 53  ? -1.992  1.793   -8.587  1.00 25.87 ? 53  HIS A CE1 1 
ATOM   408  N NE2 . HIS A 1 53  ? -1.494  3.004   -8.762  1.00 23.33 ? 53  HIS A NE2 1 
ATOM   409  N N   . PHE A 1 54  ? -0.995  2.504   -4.092  1.00 12.60 ? 54  PHE A N   1 
ATOM   410  C CA  . PHE A 1 54  ? 0.454   2.583   -3.950  1.00 13.06 ? 54  PHE A CA  1 
ATOM   411  C C   . PHE A 1 54  ? 1.074   1.486   -4.833  1.00 14.67 ? 54  PHE A C   1 
ATOM   412  O O   . PHE A 1 54  ? 0.883   0.297   -4.582  1.00 14.24 ? 54  PHE A O   1 
ATOM   413  C CB  . PHE A 1 54  ? 0.793   2.366   -2.476  1.00 11.75 ? 54  PHE A CB  1 
ATOM   414  C CG  . PHE A 1 54  ? 2.264   2.392   -2.153  1.00 14.27 ? 54  PHE A CG  1 
ATOM   415  C CD1 . PHE A 1 54  ? 2.942   3.605   -2.007  1.00 14.59 ? 54  PHE A CD1 1 
ATOM   416  C CD2 . PHE A 1 54  ? 2.960   1.202   -1.903  1.00 12.86 ? 54  PHE A CD2 1 
ATOM   417  C CE1 . PHE A 1 54  ? 4.290   3.634   -1.611  1.00 13.71 ? 54  PHE A CE1 1 
ATOM   418  C CE2 . PHE A 1 54  ? 4.299   1.222   -1.509  1.00 13.13 ? 54  PHE A CE2 1 
ATOM   419  C CZ  . PHE A 1 54  ? 4.966   2.442   -1.363  1.00 15.59 ? 54  PHE A CZ  1 
ATOM   420  N N   . GLN A 1 55  ? 1.788   1.877   -5.885  1.00 13.89 ? 55  GLN A N   1 
ATOM   421  C CA  . GLN A 1 55  ? 2.399   0.897   -6.777  1.00 15.08 ? 55  GLN A CA  1 
ATOM   422  C C   . GLN A 1 55  ? 3.896   1.101   -6.897  1.00 14.71 ? 55  GLN A C   1 
ATOM   423  O O   . GLN A 1 55  ? 4.360   2.180   -7.274  1.00 15.71 ? 55  GLN A O   1 
ATOM   424  C CB  . GLN A 1 55  ? 1.770   0.971   -8.160  1.00 16.45 ? 55  GLN A CB  1 
ATOM   425  C CG  . GLN A 1 55  ? 2.323   -0.052  -9.111  1.00 20.88 ? 55  GLN A CG  1 
ATOM   426  C CD  . GLN A 1 55  ? 1.845   0.173   -10.528 1.00 26.82 ? 55  GLN A CD  1 
ATOM   427  O OE1 . GLN A 1 55  ? 2.252   1.131   -11.188 1.00 33.33 ? 55  GLN A OE1 1 
ATOM   428  N NE2 . GLN A 1 55  ? 0.968   -0.707  -11.005 1.00 30.60 ? 55  GLN A NE2 1 
ATOM   429  N N   . VAL A 1 56  ? 4.644   0.054   -6.569  1.00 15.07 ? 56  VAL A N   1 
ATOM   430  C CA  . VAL A 1 56  ? 6.104   0.081   -6.613  1.00 15.64 ? 56  VAL A CA  1 
ATOM   431  C C   . VAL A 1 56  ? 6.650   -0.685  -7.817  1.00 17.96 ? 56  VAL A C   1 
ATOM   432  O O   . VAL A 1 56  ? 6.300   -1.852  -8.041  1.00 16.42 ? 56  VAL A O   1 
ATOM   433  C CB  . VAL A 1 56  ? 6.700   -0.574  -5.346  1.00 16.50 ? 56  VAL A CB  1 
ATOM   434  C CG1 . VAL A 1 56  ? 8.231   -0.446  -5.329  1.00 15.43 ? 56  VAL A CG1 1 
ATOM   435  C CG2 . VAL A 1 56  ? 6.084   0.042   -4.109  1.00 16.83 ? 56  VAL A CG2 1 
ATOM   436  N N   . CYS A 1 57  ? 7.479   -0.016  -8.611  1.00 19.42 ? 57  CYS A N   1 
ATOM   437  C CA  . CYS A 1 57  ? 8.147   -0.673  -9.735  1.00 22.87 ? 57  CYS A CA  1 
ATOM   438  C C   . CYS A 1 57  ? 9.546   -0.802  -9.126  1.00 20.78 ? 57  CYS A C   1 
ATOM   439  O O   . CYS A 1 57  ? 10.331  0.145   -9.163  1.00 19.03 ? 57  CYS A O   1 
ATOM   440  C CB  . CYS A 1 57  ? 8.146   0.229   -10.974 1.00 26.05 ? 57  CYS A CB  1 
ATOM   441  S SG  . CYS A 1 57  ? 6.458   0.573   -11.584 1.00 40.32 ? 57  CYS A SG  1 
ATOM   442  N N   . PHE A 1 58  ? 9.812   -1.958  -8.508  1.00 19.46 ? 58  PHE A N   1 
ATOM   443  C CA  . PHE A 1 58  ? 11.074  -2.229  -7.811  1.00 20.15 ? 58  PHE A CA  1 
ATOM   444  C C   . PHE A 1 58  ? 12.312  -1.864  -8.621  1.00 21.49 ? 58  PHE A C   1 
ATOM   445  O O   . PHE A 1 58  ? 12.505  -2.358  -9.723  1.00 19.57 ? 58  PHE A O   1 
ATOM   446  C CB  . PHE A 1 58  ? 11.157  -3.701  -7.391  1.00 16.83 ? 58  PHE A CB  1 
ATOM   447  C CG  . PHE A 1 58  ? 10.288  -4.057  -6.201  1.00 18.39 ? 58  PHE A CG  1 
ATOM   448  C CD1 . PHE A 1 58  ? 9.152   -4.859  -6.364  1.00 17.84 ? 58  PHE A CD1 1 
ATOM   449  C CD2 . PHE A 1 58  ? 10.620  -3.629  -4.915  1.00 16.10 ? 58  PHE A CD2 1 
ATOM   450  C CE1 . PHE A 1 58  ? 8.356   -5.240  -5.266  1.00 16.71 ? 58  PHE A CE1 1 
ATOM   451  C CE2 . PHE A 1 58  ? 9.830   -4.002  -3.811  1.00 17.86 ? 58  PHE A CE2 1 
ATOM   452  C CZ  . PHE A 1 58  ? 8.699   -4.811  -3.988  1.00 17.51 ? 58  PHE A CZ  1 
ATOM   453  N N   . GLY A 1 59  ? 13.138  -0.995  -8.045  1.00 23.07 ? 59  GLY A N   1 
ATOM   454  C CA  . GLY A 1 59  ? 14.349  -0.555  -8.706  1.00 25.43 ? 59  GLY A CA  1 
ATOM   455  C C   . GLY A 1 59  ? 14.124  0.617   -9.642  1.00 26.86 ? 59  GLY A C   1 
ATOM   456  O O   . GLY A 1 59  ? 15.069  1.104   -10.255 1.00 27.36 ? 59  GLY A O   1 
ATOM   457  N N   . ARG A 1 60  ? 12.884  1.090   -9.744  1.00 26.67 ? 60  ARG A N   1 
ATOM   458  C CA  . ARG A 1 60  ? 12.566  2.199   -10.635 1.00 27.60 ? 60  ARG A CA  1 
ATOM   459  C C   . ARG A 1 60  ? 11.884  3.398   -9.954  1.00 27.78 ? 60  ARG A C   1 
ATOM   460  O O   . ARG A 1 60  ? 12.540  4.374   -9.578  1.00 29.09 ? 60  ARG A O   1 
ATOM   461  C CB  . ARG A 1 60  ? 11.679  1.692   -11.770 1.00 29.74 ? 60  ARG A CB  1 
ATOM   462  C CG  . ARG A 1 60  ? 12.200  1.994   -13.149 1.00 39.79 ? 60  ARG A CG  1 
ATOM   463  C CD  . ARG A 1 60  ? 13.128  0.888   -13.669 1.00 46.87 ? 60  ARG A CD  1 
ATOM   464  N NE  . ARG A 1 60  ? 13.411  -0.155  -12.674 1.00 53.64 ? 60  ARG A NE  1 
ATOM   465  C CZ  . ARG A 1 60  ? 13.967  -1.339  -12.958 1.00 55.24 ? 60  ARG A CZ  1 
ATOM   466  N NH1 . ARG A 1 60  ? 14.299  -1.633  -14.215 1.00 54.41 ? 60  ARG A NH1 1 
ATOM   467  N NH2 . ARG A 1 60  ? 14.185  -2.236  -11.992 1.00 52.16 ? 60  ARG A NH2 1 
ATOM   468  N N   . ARG A 1 61  ? 10.564  3.317   -9.800  1.00 25.39 ? 61  ARG A N   1 
ATOM   469  C CA  . ARG A 1 61  ? 9.793   4.396   -9.205  1.00 23.83 ? 61  ARG A CA  1 
ATOM   470  C C   . ARG A 1 61  ? 8.621   3.855   -8.410  1.00 22.34 ? 61  ARG A C   1 
ATOM   471  O O   . ARG A 1 61  ? 8.367   2.647   -8.393  1.00 19.59 ? 61  ARG A O   1 
ATOM   472  C CB  . ARG A 1 61  ? 9.243   5.304   -10.299 1.00 27.57 ? 61  ARG A CB  1 
ATOM   473  C CG  . ARG A 1 61  ? 8.870   4.548   -11.554 1.00 33.63 ? 61  ARG A CG  1 
ATOM   474  C CD  . ARG A 1 61  ? 7.545   4.960   -12.150 1.00 39.47 ? 61  ARG A CD  1 
ATOM   475  N NE  . ARG A 1 61  ? 6.798   3.772   -12.579 1.00 46.51 ? 61  ARG A NE  1 
ATOM   476  C CZ  . ARG A 1 61  ? 5.810   3.777   -13.475 1.00 48.96 ? 61  ARG A CZ  1 
ATOM   477  N NH1 . ARG A 1 61  ? 5.438   4.920   -14.049 1.00 50.26 ? 61  ARG A NH1 1 
ATOM   478  N NH2 . ARG A 1 61  ? 5.190   2.641   -13.786 1.00 48.31 ? 61  ARG A NH2 1 
ATOM   479  N N   . VAL A 1 62  ? 7.908   4.777   -7.769  1.00 18.63 ? 62  VAL A N   1 
ATOM   480  C CA  . VAL A 1 62  ? 6.729   4.474   -6.981  1.00 17.07 ? 62  VAL A CA  1 
ATOM   481  C C   . VAL A 1 62  ? 5.698   5.462   -7.493  1.00 16.72 ? 62  VAL A C   1 
ATOM   482  O O   . VAL A 1 62  ? 6.012   6.636   -7.728  1.00 15.38 ? 62  VAL A O   1 
ATOM   483  C CB  . VAL A 1 62  ? 6.997   4.703   -5.485  1.00 17.63 ? 62  VAL A CB  1 
ATOM   484  C CG1 . VAL A 1 62  ? 5.682   4.795   -4.717  1.00 18.90 ? 62  VAL A CG1 1 
ATOM   485  C CG2 . VAL A 1 62  ? 7.860   3.579   -4.947  1.00 18.86 ? 62  VAL A CG2 1 
ATOM   486  N N   . VAL A 1 63  ? 4.479   4.989   -7.702  1.00 15.43 ? 63  VAL A N   1 
ATOM   487  C CA  . VAL A 1 63  ? 3.411   5.850   -8.186  1.00 17.50 ? 63  VAL A CA  1 
ATOM   488  C C   . VAL A 1 63  ? 2.267   5.777   -7.183  1.00 18.29 ? 63  VAL A C   1 
ATOM   489  O O   . VAL A 1 63  ? 1.986   4.699   -6.640  1.00 17.55 ? 63  VAL A O   1 
ATOM   490  C CB  . VAL A 1 63  ? 2.945   5.372   -9.579  1.00 18.48 ? 63  VAL A CB  1 
ATOM   491  C CG1 . VAL A 1 63  ? 1.596   5.956   -9.944  1.00 22.44 ? 63  VAL A CG1 1 
ATOM   492  C CG2 . VAL A 1 63  ? 3.973   5.802   -10.605 1.00 20.51 ? 63  VAL A CG2 1 
ATOM   493  N N   . MET A 1 64  ? 1.625   6.911   -6.909  1.00 16.54 ? 64  MET A N   1 
ATOM   494  C CA  . MET A 1 64  ? 0.494   6.933   -5.972  1.00 15.83 ? 64  MET A CA  1 
ATOM   495  C C   . MET A 1 64  ? -0.630  7.721   -6.604  1.00 16.64 ? 64  MET A C   1 
ATOM   496  O O   . MET A 1 64  ? -0.374  8.687   -7.323  1.00 16.38 ? 64  MET A O   1 
ATOM   497  C CB  . MET A 1 64  ? 0.903   7.567   -4.648  1.00 15.78 ? 64  MET A CB  1 
ATOM   498  C CG  . MET A 1 64  ? 1.835   6.682   -3.847  1.00 15.17 ? 64  MET A CG  1 
ATOM   499  S SD  . MET A 1 64  ? 2.548   7.540   -2.467  1.00 19.18 ? 64  MET A SD  1 
ATOM   500  C CE  . MET A 1 64  ? 3.743   8.581   -3.346  1.00 19.70 ? 64  MET A CE  1 
ATOM   501  N N   . ASN A 1 65  ? -1.871  7.312   -6.346  1.00 16.03 ? 65  ASN A N   1 
ATOM   502  C CA  . ASN A 1 65  ? -3.024  7.990   -6.946  1.00 15.29 ? 65  ASN A CA  1 
ATOM   503  C C   . ASN A 1 65  ? -4.302  7.549   -6.238  1.00 14.92 ? 65  ASN A C   1 
ATOM   504  O O   . ASN A 1 65  ? -4.251  6.850   -5.220  1.00 14.77 ? 65  ASN A O   1 
ATOM   505  C CB  . ASN A 1 65  ? -3.107  7.604   -8.435  1.00 16.58 ? 65  ASN A CB  1 
ATOM   506  C CG  . ASN A 1 65  ? -3.796  8.657   -9.296  1.00 19.78 ? 65  ASN A CG  1 
ATOM   507  O OD1 . ASN A 1 65  ? -4.445  9.578   -8.796  1.00 20.72 ? 65  ASN A OD1 1 
ATOM   508  N ND2 . ASN A 1 65  ? -3.661  8.513   -10.607 1.00 18.81 ? 65  ASN A ND2 1 
ATOM   509  N N   . SER A 1 66  ? -5.442  7.960   -6.790  1.00 13.70 ? 66  SER A N   1 
ATOM   510  C CA  . SER A 1 66  ? -6.734  7.570   -6.277  1.00 13.77 ? 66  SER A CA  1 
ATOM   511  C C   . SER A 1 66  ? -7.616  7.339   -7.488  1.00 13.92 ? 66  SER A C   1 
ATOM   512  O O   . SER A 1 66  ? -7.356  7.878   -8.559  1.00 15.45 ? 66  SER A O   1 
ATOM   513  C CB  . SER A 1 66  ? -7.335  8.658   -5.369  1.00 15.06 ? 66  SER A CB  1 
ATOM   514  O OG  . SER A 1 66  ? -7.515  9.906   -6.031  1.00 14.62 ? 66  SER A OG  1 
ATOM   515  N N   . ARG A 1 67  ? -8.629  6.497   -7.334  1.00 12.76 ? 67  ARG A N   1 
ATOM   516  C CA  . ARG A 1 67  ? -9.571  6.256   -8.412  1.00 12.53 ? 67  ARG A CA  1 
ATOM   517  C C   . ARG A 1 67  ? -10.912 6.664   -7.803  1.00 15.01 ? 67  ARG A C   1 
ATOM   518  O O   . ARG A 1 67  ? -11.409 6.023   -6.862  1.00 15.00 ? 67  ARG A O   1 
ATOM   519  C CB  . ARG A 1 67  ? -9.587  4.775   -8.838  1.00 12.40 ? 67  ARG A CB  1 
ATOM   520  C CG  . ARG A 1 67  ? -10.473 4.513   -10.051 1.00 10.82 ? 67  ARG A CG  1 
ATOM   521  C CD  . ARG A 1 67  ? -10.248 3.120   -10.636 1.00 16.46 ? 67  ARG A CD  1 
ATOM   522  N NE  . ARG A 1 67  ? -10.809 2.050   -9.808  1.00 14.78 ? 67  ARG A NE  1 
ATOM   523  C CZ  . ARG A 1 67  ? -10.379 0.792   -9.828  1.00 16.40 ? 67  ARG A CZ  1 
ATOM   524  N NH1 . ARG A 1 67  ? -9.378  0.452   -10.640 1.00 14.45 ? 67  ARG A NH1 1 
ATOM   525  N NH2 . ARG A 1 67  ? -10.942 -0.127  -9.039  1.00 14.43 ? 67  ARG A NH2 1 
ATOM   526  N N   . GLU A 1 68  ? -11.475 7.751   -8.319  1.00 15.02 ? 68  GLU A N   1 
ATOM   527  C CA  . GLU A 1 68  ? -12.734 8.257   -7.808  1.00 15.55 ? 68  GLU A CA  1 
ATOM   528  C C   . GLU A 1 68  ? -13.830 8.226   -8.858  1.00 17.51 ? 68  GLU A C   1 
ATOM   529  O O   . GLU A 1 68  ? -13.681 8.777   -9.942  1.00 17.82 ? 68  GLU A O   1 
ATOM   530  C CB  . GLU A 1 68  ? -12.498 9.656   -7.284  1.00 15.79 ? 68  GLU A CB  1 
ATOM   531  C CG  . GLU A 1 68  ? -11.200 9.712   -6.495  1.00 16.42 ? 68  GLU A CG  1 
ATOM   532  C CD  . GLU A 1 68  ? -10.870 11.094  -5.980  1.00 20.24 ? 68  GLU A CD  1 
ATOM   533  O OE1 . GLU A 1 68  ? -11.749 11.985  -6.071  1.00 21.27 ? 68  GLU A OE1 1 
ATOM   534  O OE2 . GLU A 1 68  ? -9.734  11.291  -5.486  1.00 18.37 ? 68  GLU A OE2 1 
ATOM   535  N N   . TYR A 1 69  ? -14.937 7.578   -8.519  1.00 17.42 ? 69  TYR A N   1 
ATOM   536  C CA  . TYR A 1 69  ? -16.049 7.429   -9.444  1.00 19.89 ? 69  TYR A CA  1 
ATOM   537  C C   . TYR A 1 69  ? -15.586 6.754   -10.720 1.00 21.12 ? 69  TYR A C   1 
ATOM   538  O O   . TYR A 1 69  ? -16.028 7.089   -11.812 1.00 20.99 ? 69  TYR A O   1 
ATOM   539  C CB  . TYR A 1 69  ? -16.701 8.784   -9.718  1.00 20.22 ? 69  TYR A CB  1 
ATOM   540  C CG  . TYR A 1 69  ? -17.614 9.104   -8.570  1.00 23.53 ? 69  TYR A CG  1 
ATOM   541  C CD1 . TYR A 1 69  ? -17.178 9.881   -7.489  1.00 25.47 ? 69  TYR A CD1 1 
ATOM   542  C CD2 . TYR A 1 69  ? -18.848 8.463   -8.468  1.00 26.16 ? 69  TYR A CD2 1 
ATOM   543  C CE1 . TYR A 1 69  ? -17.948 9.989   -6.323  1.00 26.21 ? 69  TYR A CE1 1 
ATOM   544  C CE2 . TYR A 1 69  ? -19.617 8.562   -7.319  1.00 28.36 ? 69  TYR A CE2 1 
ATOM   545  C CZ  . TYR A 1 69  ? -19.159 9.314   -6.254  1.00 27.14 ? 69  TYR A CZ  1 
ATOM   546  O OH  . TYR A 1 69  ? -19.913 9.307   -5.111  1.00 33.64 ? 69  TYR A OH  1 
ATOM   547  N N   . GLY A 1 70  ? -14.682 5.791   -10.550 1.00 20.88 ? 70  GLY A N   1 
ATOM   548  C CA  . GLY A 1 70  ? -14.165 5.030   -11.668 1.00 21.66 ? 70  GLY A CA  1 
ATOM   549  C C   . GLY A 1 70  ? -13.032 5.655   -12.451 1.00 21.91 ? 70  GLY A C   1 
ATOM   550  O O   . GLY A 1 70  ? -12.500 5.025   -13.359 1.00 25.79 ? 70  GLY A O   1 
ATOM   551  N N   . ALA A 1 71  ? -12.636 6.872   -12.114 1.00 19.81 ? 71  ALA A N   1 
ATOM   552  C CA  . ALA A 1 71  ? -11.571 7.525   -12.858 1.00 19.16 ? 71  ALA A CA  1 
ATOM   553  C C   . ALA A 1 71  ? -10.343 7.769   -12.024 1.00 19.78 ? 71  ALA A C   1 
ATOM   554  O O   . ALA A 1 71  ? -10.440 8.214   -10.882 1.00 20.09 ? 71  ALA A O   1 
ATOM   555  C CB  . ALA A 1 71  ? -12.063 8.849   -13.408 1.00 19.97 ? 71  ALA A CB  1 
ATOM   556  N N   . TRP A 1 72  ? -9.176  7.498   -12.607 1.00 20.40 ? 72  TRP A N   1 
ATOM   557  C CA  . TRP A 1 72  ? -7.910  7.726   -11.920 1.00 19.35 ? 72  TRP A CA  1 
ATOM   558  C C   . TRP A 1 72  ? -7.708  9.231   -11.855 1.00 20.01 ? 72  TRP A C   1 
ATOM   559  O O   . TRP A 1 72  ? -8.078  9.953   -12.786 1.00 22.14 ? 72  TRP A O   1 
ATOM   560  C CB  . TRP A 1 72  ? -6.753  7.070   -12.689 1.00 16.42 ? 72  TRP A CB  1 
ATOM   561  C CG  . TRP A 1 72  ? -6.707  5.590   -12.506 1.00 18.18 ? 72  TRP A CG  1 
ATOM   562  C CD1 . TRP A 1 72  ? -7.086  4.644   -13.406 1.00 18.75 ? 72  TRP A CD1 1 
ATOM   563  C CD2 . TRP A 1 72  ? -6.301  4.883   -11.326 1.00 19.73 ? 72  TRP A CD2 1 
ATOM   564  N NE1 . TRP A 1 72  ? -6.945  3.389   -12.866 1.00 20.12 ? 72  TRP A NE1 1 
ATOM   565  C CE2 . TRP A 1 72  ? -6.467  3.507   -11.589 1.00 20.60 ? 72  TRP A CE2 1 
ATOM   566  C CE3 . TRP A 1 72  ? -5.818  5.278   -10.075 1.00 19.69 ? 72  TRP A CE3 1 
ATOM   567  C CZ2 . TRP A 1 72  ? -6.166  2.520   -10.648 1.00 18.98 ? 72  TRP A CZ2 1 
ATOM   568  C CZ3 . TRP A 1 72  ? -5.519  4.299   -9.136  1.00 20.72 ? 72  TRP A CZ3 1 
ATOM   569  C CH2 . TRP A 1 72  ? -5.696  2.932   -9.431  1.00 19.47 ? 72  TRP A CH2 1 
ATOM   570  N N   . LYS A 1 73  ? -7.129  9.722   -10.769 1.00 19.02 ? 73  LYS A N   1 
ATOM   571  C CA  . LYS A 1 73  ? -6.921  11.151  -10.666 1.00 20.93 ? 73  LYS A CA  1 
ATOM   572  C C   . LYS A 1 73  ? -5.483  11.535  -10.948 1.00 21.04 ? 73  LYS A C   1 
ATOM   573  O O   . LYS A 1 73  ? -4.815  10.873  -11.716 1.00 21.38 ? 73  LYS A O   1 
ATOM   574  C CB  . LYS A 1 73  ? -7.355  11.651  -9.294  1.00 21.78 ? 73  LYS A CB  1 
ATOM   575  C CG  . LYS A 1 73  ? -8.857  11.653  -9.129  1.00 25.12 ? 73  LYS A CG  1 
ATOM   576  C CD  . LYS A 1 73  ? -9.501  12.593  -10.116 1.00 28.86 ? 73  LYS A CD  1 
ATOM   577  C CE  . LYS A 1 73  ? -10.995 12.650  -9.907  1.00 34.21 ? 73  LYS A CE  1 
ATOM   578  N NZ  . LYS A 1 73  ? -11.701 11.824  -10.925 1.00 39.20 ? 73  LYS A NZ  1 
ATOM   579  N N   . GLN A 1 74  ? -5.010  12.605  -10.327 1.00 23.83 ? 74  GLN A N   1 
ATOM   580  C CA  . GLN A 1 74  ? -3.647  13.064  -10.554 1.00 27.23 ? 74  GLN A CA  1 
ATOM   581  C C   . GLN A 1 74  ? -2.612  12.178  -9.877  1.00 26.00 ? 74  GLN A C   1 
ATOM   582  O O   . GLN A 1 74  ? -2.580  12.022  -8.654  1.00 26.15 ? 74  GLN A O   1 
ATOM   583  C CB  . GLN A 1 74  ? -3.484  14.507  -10.081 1.00 32.18 ? 74  GLN A CB  1 
ATOM   584  C CG  . GLN A 1 74  ? -2.320  15.223  -10.736 1.00 42.03 ? 74  GLN A CG  1 
ATOM   585  C CD  . GLN A 1 74  ? -1.185  15.506  -9.763  1.00 48.71 ? 74  GLN A CD  1 
ATOM   586  O OE1 . GLN A 1 74  ? -0.003  15.301  -10.083 1.00 53.26 ? 74  GLN A OE1 1 
ATOM   587  N NE2 . GLN A 1 74  ? -1.534  15.983  -8.563  1.00 51.90 ? 74  GLN A NE2 1 
ATOM   588  N N   . GLN A 1 75  ? -1.753  11.608  -10.704 1.00 26.29 ? 75  GLN A N   1 
ATOM   589  C CA  . GLN A 1 75  ? -0.696  10.718  -10.259 1.00 26.90 ? 75  GLN A CA  1 
ATOM   590  C C   . GLN A 1 75  ? 0.457   11.439  -9.561  1.00 25.59 ? 75  GLN A C   1 
ATOM   591  O O   . GLN A 1 75  ? 0.813   12.556  -9.912  1.00 25.62 ? 75  GLN A O   1 
ATOM   592  C CB  . GLN A 1 75  ? -0.189  9.963   -11.474 1.00 29.32 ? 75  GLN A CB  1 
ATOM   593  C CG  . GLN A 1 75  ? 0.934   9.024   -11.224 1.00 36.41 ? 75  GLN A CG  1 
ATOM   594  C CD  . GLN A 1 75  ? 1.488   8.524   -12.528 1.00 39.89 ? 75  GLN A CD  1 
ATOM   595  O OE1 . GLN A 1 75  ? 0.833   7.752   -13.238 1.00 41.73 ? 75  GLN A OE1 1 
ATOM   596  N NE2 . GLN A 1 75  ? 2.693   8.976   -12.871 1.00 42.70 ? 75  GLN A NE2 1 
ATOM   597  N N   . VAL A 1 76  ? 1.028   10.796  -8.554  1.00 23.90 ? 76  VAL A N   1 
ATOM   598  C CA  . VAL A 1 76  ? 2.155   11.359  -7.827  1.00 24.44 ? 76  VAL A CA  1 
ATOM   599  C C   . VAL A 1 76  ? 3.230   10.302  -7.962  1.00 25.89 ? 76  VAL A C   1 
ATOM   600  O O   . VAL A 1 76  ? 3.011   9.139   -7.617  1.00 26.60 ? 76  VAL A O   1 
ATOM   601  C CB  . VAL A 1 76  ? 1.851   11.538  -6.330  1.00 23.37 ? 76  VAL A CB  1 
ATOM   602  C CG1 . VAL A 1 76  ? 3.101   11.992  -5.594  1.00 22.37 ? 76  VAL A CG1 1 
ATOM   603  C CG2 . VAL A 1 76  ? 0.722   12.530  -6.147  1.00 26.24 ? 76  VAL A CG2 1 
ATOM   604  N N   . GLU A 1 77  ? 4.384   10.676  -8.478  1.00 27.47 ? 77  GLU A N   1 
ATOM   605  C CA  . GLU A 1 77  ? 5.431   9.685   -8.622  1.00 30.25 ? 77  GLU A CA  1 
ATOM   606  C C   . GLU A 1 77  ? 6.663   10.101  -7.850  1.00 28.96 ? 77  GLU A C   1 
ATOM   607  O O   . GLU A 1 77  ? 6.956   11.284  -7.735  1.00 30.53 ? 77  GLU A O   1 
ATOM   608  C CB  . GLU A 1 77  ? 5.734   9.451   -10.104 1.00 35.62 ? 77  GLU A CB  1 
ATOM   609  C CG  . GLU A 1 77  ? 6.728   10.386  -10.720 1.00 46.32 ? 77  GLU A CG  1 
ATOM   610  C CD  . GLU A 1 77  ? 7.552   9.710   -11.810 1.00 53.04 ? 77  GLU A CD  1 
ATOM   611  O OE1 . GLU A 1 77  ? 6.982   8.866   -12.548 1.00 54.90 ? 77  GLU A OE1 1 
ATOM   612  O OE2 . GLU A 1 77  ? 8.769   10.022  -11.923 1.00 56.80 ? 77  GLU A OE2 1 
ATOM   613  N N   . SER A 1 78  ? 7.359   9.124   -7.288  1.00 26.32 ? 78  SER A N   1 
ATOM   614  C CA  . SER A 1 78  ? 8.559   9.379   -6.506  1.00 25.98 ? 78  SER A CA  1 
ATOM   615  C C   . SER A 1 78  ? 9.641   8.414   -6.974  1.00 27.77 ? 78  SER A C   1 
ATOM   616  O O   . SER A 1 78  ? 9.352   7.257   -7.272  1.00 28.80 ? 78  SER A O   1 
ATOM   617  C CB  . SER A 1 78  ? 8.270   9.159   -5.022  1.00 24.41 ? 78  SER A CB  1 
ATOM   618  O OG  . SER A 1 78  ? 9.455   8.911   -4.298  1.00 23.07 ? 78  SER A OG  1 
ATOM   619  N N   . LYS A 1 79  ? 10.880  8.892   -7.066  1.00 28.28 ? 79  LYS A N   1 
ATOM   620  C CA  . LYS A 1 79  ? 12.000  8.054   -7.501  1.00 28.27 ? 79  LYS A CA  1 
ATOM   621  C C   . LYS A 1 79  ? 12.768  7.538   -6.285  1.00 26.59 ? 79  LYS A C   1 
ATOM   622  O O   . LYS A 1 79  ? 13.790  6.871   -6.415  1.00 27.43 ? 79  LYS A O   1 
ATOM   623  C CB  . LYS A 1 79  ? 12.946  8.841   -8.434  1.00 30.22 ? 79  LYS A CB  1 
ATOM   624  C CG  . LYS A 1 79  ? 12.306  9.291   -9.774  1.00 36.10 ? 79  LYS A CG  1 
ATOM   625  C CD  . LYS A 1 79  ? 12.226  8.167   -10.810 1.00 38.07 ? 79  LYS A CD  1 
ATOM   626  C CE  . LYS A 1 79  ? 13.043  8.486   -12.068 1.00 41.46 ? 79  LYS A CE  1 
ATOM   627  N NZ  . LYS A 1 79  ? 12.310  9.393   -13.008 1.00 42.68 ? 79  LYS A NZ  1 
ATOM   628  N N   . ASN A 1 80  ? 12.270  7.856   -5.097  1.00 24.18 ? 80  ASN A N   1 
ATOM   629  C CA  . ASN A 1 80  ? 12.892  7.398   -3.868  1.00 23.59 ? 80  ASN A CA  1 
ATOM   630  C C   . ASN A 1 80  ? 12.742  5.868   -3.858  1.00 22.96 ? 80  ASN A C   1 
ATOM   631  O O   . ASN A 1 80  ? 11.637  5.346   -3.974  1.00 22.29 ? 80  ASN A O   1 
ATOM   632  C CB  . ASN A 1 80  ? 12.167  8.030   -2.688  1.00 27.19 ? 80  ASN A CB  1 
ATOM   633  C CG  . ASN A 1 80  ? 12.784  7.655   -1.374  1.00 31.55 ? 80  ASN A CG  1 
ATOM   634  O OD1 . ASN A 1 80  ? 13.961  7.300   -1.318  1.00 32.59 ? 80  ASN A OD1 1 
ATOM   635  N ND2 . ASN A 1 80  ? 11.997  7.722   -0.299  1.00 32.20 ? 80  ASN A ND2 1 
ATOM   636  N N   . MET A 1 81  ? 13.846  5.146   -3.728  1.00 21.73 ? 81  MET A N   1 
ATOM   637  C CA  . MET A 1 81  ? 13.766  3.692   -3.769  1.00 22.14 ? 81  MET A CA  1 
ATOM   638  C C   . MET A 1 81  ? 14.535  2.986   -2.648  1.00 23.10 ? 81  MET A C   1 
ATOM   639  O O   . MET A 1 81  ? 15.637  2.485   -2.862  1.00 23.78 ? 81  MET A O   1 
ATOM   640  C CB  . MET A 1 81  ? 14.260  3.218   -5.143  1.00 20.81 ? 81  MET A CB  1 
ATOM   641  C CG  . MET A 1 81  ? 14.168  1.727   -5.391  1.00 21.21 ? 81  MET A CG  1 
ATOM   642  S SD  . MET A 1 81  ? 12.494  1.068   -5.319  1.00 21.10 ? 81  MET A SD  1 
ATOM   643  C CE  . MET A 1 81  ? 11.629  2.096   -6.508  1.00 21.43 ? 81  MET A CE  1 
ATOM   644  N N   . PRO A 1 82  ? 13.944  2.908   -1.440  1.00 22.35 ? 82  PRO A N   1 
ATOM   645  C CA  . PRO A 1 82  ? 14.625  2.250   -0.317  1.00 22.34 ? 82  PRO A CA  1 
ATOM   646  C C   . PRO A 1 82  ? 14.605  0.710   -0.323  1.00 23.57 ? 82  PRO A C   1 
ATOM   647  O O   . PRO A 1 82  ? 15.304  0.074   0.470   1.00 23.97 ? 82  PRO A O   1 
ATOM   648  C CB  . PRO A 1 82  ? 13.914  2.819   0.915   1.00 20.47 ? 82  PRO A CB  1 
ATOM   649  C CG  . PRO A 1 82  ? 12.510  3.085   0.438   1.00 20.73 ? 82  PRO A CG  1 
ATOM   650  C CD  . PRO A 1 82  ? 12.615  3.432   -1.050  1.00 22.24 ? 82  PRO A CD  1 
ATOM   651  N N   . PHE A 1 83  ? 13.810  0.102   -1.197  1.00 22.69 ? 83  PHE A N   1 
ATOM   652  C CA  . PHE A 1 83  ? 13.734  -1.358  -1.218  1.00 23.12 ? 83  PHE A CA  1 
ATOM   653  C C   . PHE A 1 83  ? 15.047  -1.988  -1.678  1.00 24.84 ? 83  PHE A C   1 
ATOM   654  O O   . PHE A 1 83  ? 15.694  -1.484  -2.592  1.00 25.61 ? 83  PHE A O   1 
ATOM   655  C CB  . PHE A 1 83  ? 12.586  -1.818  -2.119  1.00 20.99 ? 83  PHE A CB  1 
ATOM   656  C CG  . PHE A 1 83  ? 11.217  -1.375  -1.645  1.00 18.83 ? 83  PHE A CG  1 
ATOM   657  C CD1 . PHE A 1 83  ? 10.657  -0.191  -2.110  1.00 17.41 ? 83  PHE A CD1 1 
ATOM   658  C CD2 . PHE A 1 83  ? 10.478  -2.171  -0.772  1.00 17.86 ? 83  PHE A CD2 1 
ATOM   659  C CE1 . PHE A 1 83  ? 9.377   0.199   -1.718  1.00 17.92 ? 83  PHE A CE1 1 
ATOM   660  C CE2 . PHE A 1 83  ? 9.203   -1.795  -0.375  1.00 19.08 ? 83  PHE A CE2 1 
ATOM   661  C CZ  . PHE A 1 83  ? 8.648   -0.603  -0.850  1.00 18.88 ? 83  PHE A CZ  1 
ATOM   662  N N   . GLN A 1 84  ? 15.420  -3.095  -1.040  1.00 26.67 ? 84  GLN A N   1 
ATOM   663  C CA  . GLN A 1 84  ? 16.659  -3.816  -1.343  1.00 29.36 ? 84  GLN A CA  1 
ATOM   664  C C   . GLN A 1 84  ? 16.426  -5.034  -2.231  1.00 28.54 ? 84  GLN A C   1 
ATOM   665  O O   . GLN A 1 84  ? 15.524  -5.838  -1.980  1.00 26.94 ? 84  GLN A O   1 
ATOM   666  C CB  . GLN A 1 84  ? 17.319  -4.305  -0.048  1.00 34.56 ? 84  GLN A CB  1 
ATOM   667  C CG  . GLN A 1 84  ? 17.935  -3.222  0.802   1.00 42.98 ? 84  GLN A CG  1 
ATOM   668  C CD  . GLN A 1 84  ? 18.775  -2.267  -0.020  1.00 48.37 ? 84  GLN A CD  1 
ATOM   669  O OE1 . GLN A 1 84  ? 19.363  -2.656  -1.034  1.00 54.08 ? 84  GLN A OE1 1 
ATOM   670  N NE2 . GLN A 1 84  ? 18.833  -1.009  0.406   1.00 51.04 ? 84  GLN A NE2 1 
ATOM   671  N N   . ASP A 1 85  ? 17.264  -5.183  -3.250  1.00 29.25 ? 85  ASP A N   1 
ATOM   672  C CA  . ASP A 1 85  ? 17.168  -6.318  -4.162  1.00 28.56 ? 85  ASP A CA  1 
ATOM   673  C C   . ASP A 1 85  ? 17.225  -7.667  -3.426  1.00 27.77 ? 85  ASP A C   1 
ATOM   674  O O   . ASP A 1 85  ? 18.111  -7.920  -2.603  1.00 28.26 ? 85  ASP A O   1 
ATOM   675  C CB  . ASP A 1 85  ? 18.298  -6.244  -5.191  1.00 28.71 ? 85  ASP A CB  1 
ATOM   676  C CG  . ASP A 1 85  ? 18.035  -7.101  -6.433  1.00 31.05 ? 85  ASP A CG  1 
ATOM   677  O OD1 . ASP A 1 85  ? 17.163  -8.008  -6.401  1.00 29.17 ? 85  ASP A OD1 1 
ATOM   678  O OD2 . ASP A 1 85  ? 18.720  -6.854  -7.451  1.00 31.99 ? 85  ASP A OD2 1 
ATOM   679  N N   . GLY A 1 86  ? 16.262  -8.524  -3.720  1.00 27.14 ? 86  GLY A N   1 
ATOM   680  C CA  . GLY A 1 86  ? 16.222  -9.839  -3.117  1.00 28.24 ? 86  GLY A CA  1 
ATOM   681  C C   . GLY A 1 86  ? 16.048  -9.916  -1.614  1.00 30.27 ? 86  GLY A C   1 
ATOM   682  O O   . GLY A 1 86  ? 16.222  -10.998 -1.041  1.00 31.83 ? 86  GLY A O   1 
ATOM   683  N N   . GLN A 1 87  ? 15.683  -8.805  -0.970  1.00 29.33 ? 87  GLN A N   1 
ATOM   684  C CA  . GLN A 1 87  ? 15.511  -8.782  0.488   1.00 27.63 ? 87  GLN A CA  1 
ATOM   685  C C   . GLN A 1 87  ? 14.054  -8.742  0.929   1.00 26.29 ? 87  GLN A C   1 
ATOM   686  O O   . GLN A 1 87  ? 13.174  -8.288  0.192   1.00 23.82 ? 87  GLN A O   1 
ATOM   687  C CB  . GLN A 1 87  ? 16.198  -7.544  1.095   1.00 31.51 ? 87  GLN A CB  1 
ATOM   688  C CG  . GLN A 1 87  ? 17.714  -7.514  1.078   1.00 37.78 ? 87  GLN A CG  1 
ATOM   689  C CD  . GLN A 1 87  ? 18.326  -8.842  1.463   1.00 42.85 ? 87  GLN A CD  1 
ATOM   690  O OE1 . GLN A 1 87  ? 18.919  -9.530  0.623   1.00 47.45 ? 87  GLN A OE1 1 
ATOM   691  N NE2 . GLN A 1 87  ? 18.190  -9.218  2.737   1.00 45.06 ? 87  GLN A NE2 1 
ATOM   692  N N   . GLU A 1 88  ? 13.812  -9.197  2.153   1.00 25.49 ? 88  GLU A N   1 
ATOM   693  C CA  . GLU A 1 88  ? 12.477  -9.137  2.738   1.00 26.90 ? 88  GLU A CA  1 
ATOM   694  C C   . GLU A 1 88  ? 12.281  -7.659  3.121   1.00 24.88 ? 88  GLU A C   1 
ATOM   695  O O   . GLU A 1 88  ? 13.242  -6.978  3.480   1.00 25.49 ? 88  GLU A O   1 
ATOM   696  C CB  . GLU A 1 88  ? 12.407  -10.002 3.994   1.00 30.86 ? 88  GLU A CB  1 
ATOM   697  C CG  . GLU A 1 88  ? 11.087  -9.884  4.737   1.00 41.00 ? 88  GLU A CG  1 
ATOM   698  C CD  . GLU A 1 88  ? 10.847  -11.045 5.691   1.00 44.83 ? 88  GLU A CD  1 
ATOM   699  O OE1 . GLU A 1 88  ? 11.680  -11.222 6.607   1.00 47.72 ? 88  GLU A OE1 1 
ATOM   700  O OE2 . GLU A 1 88  ? 9.832   -11.772 5.524   1.00 47.47 ? 88  GLU A OE2 1 
ATOM   701  N N   . PHE A 1 89  ? 11.067  -7.140  3.023   1.00 20.28 ? 89  PHE A N   1 
ATOM   702  C CA  . PHE A 1 89  ? 10.860  -5.739  3.378   1.00 18.76 ? 89  PHE A CA  1 
ATOM   703  C C   . PHE A 1 89  ? 9.701   -5.620  4.359   1.00 19.26 ? 89  PHE A C   1 
ATOM   704  O O   . PHE A 1 89  ? 8.844   -6.495  4.417   1.00 18.13 ? 89  PHE A O   1 
ATOM   705  C CB  . PHE A 1 89  ? 10.561  -4.891  2.120   1.00 16.48 ? 89  PHE A CB  1 
ATOM   706  C CG  . PHE A 1 89  ? 9.326   -5.335  1.349   1.00 19.95 ? 89  PHE A CG  1 
ATOM   707  C CD1 . PHE A 1 89  ? 8.046   -5.064  1.827   1.00 18.56 ? 89  PHE A CD1 1 
ATOM   708  C CD2 . PHE A 1 89  ? 9.447   -6.083  0.175   1.00 20.36 ? 89  PHE A CD2 1 
ATOM   709  C CE1 . PHE A 1 89  ? 6.906   -5.541  1.158   1.00 20.10 ? 89  PHE A CE1 1 
ATOM   710  C CE2 . PHE A 1 89  ? 8.307   -6.564  -0.500  1.00 21.06 ? 89  PHE A CE2 1 
ATOM   711  C CZ  . PHE A 1 89  ? 7.033   -6.293  -0.003  1.00 19.60 ? 89  PHE A CZ  1 
ATOM   712  N N   . GLU A 1 90  ? 9.700   -4.561  5.163   1.00 19.08 ? 90  GLU A N   1 
ATOM   713  C CA  . GLU A 1 90  ? 8.582   -4.315  6.058   1.00 19.35 ? 90  GLU A CA  1 
ATOM   714  C C   . GLU A 1 90  ? 8.044   -2.943  5.644   1.00 17.99 ? 90  GLU A C   1 
ATOM   715  O O   . GLU A 1 90  ? 8.761   -1.934  5.658   1.00 17.69 ? 90  GLU A O   1 
ATOM   716  C CB  . GLU A 1 90  ? 9.002   -4.300  7.520   1.00 22.62 ? 90  GLU A CB  1 
ATOM   717  C CG  . GLU A 1 90  ? 7.832   -3.931  8.435   1.00 31.21 ? 90  GLU A CG  1 
ATOM   718  C CD  . GLU A 1 90  ? 8.050   -4.338  9.882   1.00 37.04 ? 90  GLU A CD  1 
ATOM   719  O OE1 . GLU A 1 90  ? 8.532   -3.490  10.663  1.00 40.51 ? 90  GLU A OE1 1 
ATOM   720  O OE2 . GLU A 1 90  ? 7.740   -5.501  10.237  1.00 40.66 ? 90  GLU A OE2 1 
ATOM   721  N N   . LEU A 1 91  ? 6.785   -2.926  5.236   1.00 15.03 ? 91  LEU A N   1 
ATOM   722  C CA  . LEU A 1 91  ? 6.147   -1.707  4.787   1.00 16.82 ? 91  LEU A CA  1 
ATOM   723  C C   . LEU A 1 91  ? 5.082   -1.336  5.815   1.00 18.42 ? 91  LEU A C   1 
ATOM   724  O O   . LEU A 1 91  ? 4.229   -2.150  6.166   1.00 18.71 ? 91  LEU A O   1 
ATOM   725  C CB  . LEU A 1 91  ? 5.528   -1.949  3.415   1.00 17.96 ? 91  LEU A CB  1 
ATOM   726  C CG  . LEU A 1 91  ? 4.863   -0.805  2.659   1.00 20.84 ? 91  LEU A CG  1 
ATOM   727  C CD1 . LEU A 1 91  ? 5.911   0.122   2.116   1.00 23.33 ? 91  LEU A CD1 1 
ATOM   728  C CD2 . LEU A 1 91  ? 4.032   -1.378  1.520   1.00 22.57 ? 91  LEU A CD2 1 
ATOM   729  N N   . SER A 1 92  ? 5.141   -0.105  6.301   1.00 17.65 ? 92  SER A N   1 
ATOM   730  C CA  . SER A 1 92  ? 4.200   0.357   7.292   1.00 18.18 ? 92  SER A CA  1 
ATOM   731  C C   . SER A 1 92  ? 3.505   1.625   6.812   1.00 17.53 ? 92  SER A C   1 
ATOM   732  O O   . SER A 1 92  ? 4.174   2.612   6.488   1.00 18.82 ? 92  SER A O   1 
ATOM   733  C CB  . SER A 1 92  ? 4.961   0.636   8.577   1.00 21.94 ? 92  SER A CB  1 
ATOM   734  O OG  . SER A 1 92  ? 4.065   1.052   9.578   1.00 28.29 ? 92  SER A OG  1 
ATOM   735  N N   . ILE A 1 93  ? 2.173   1.602   6.760   1.00 15.16 ? 93  ILE A N   1 
ATOM   736  C CA  . ILE A 1 93  ? 1.420   2.773   6.319   1.00 14.80 ? 93  ILE A CA  1 
ATOM   737  C C   . ILE A 1 93  ? 0.595   3.334   7.476   1.00 16.39 ? 93  ILE A C   1 
ATOM   738  O O   . ILE A 1 93  ? -0.312  2.666   7.974   1.00 16.58 ? 93  ILE A O   1 
ATOM   739  C CB  . ILE A 1 93  ? 0.512   2.420   5.141   1.00 14.46 ? 93  ILE A CB  1 
ATOM   740  C CG1 . ILE A 1 93  ? 1.373   1.914   3.989   1.00 14.29 ? 93  ILE A CG1 1 
ATOM   741  C CG2 . ILE A 1 93  ? -0.268  3.635   4.687   1.00 14.44 ? 93  ILE A CG2 1 
ATOM   742  C CD1 . ILE A 1 93  ? 0.699   0.884   3.129   1.00 16.46 ? 93  ILE A CD1 1 
ATOM   743  N N   . SER A 1 94  ? 0.927   4.551   7.903   1.00 13.96 ? 94  SER A N   1 
ATOM   744  C CA  . SER A 1 94  ? 0.241   5.201   9.023   1.00 16.32 ? 94  SER A CA  1 
ATOM   745  C C   . SER A 1 94  ? -0.751  6.267   8.608   1.00 14.74 ? 94  SER A C   1 
ATOM   746  O O   . SER A 1 94  ? -0.460  7.069   7.733   1.00 15.22 ? 94  SER A O   1 
ATOM   747  C CB  . SER A 1 94  ? 1.253   5.850   9.971   1.00 17.91 ? 94  SER A CB  1 
ATOM   748  O OG  . SER A 1 94  ? 1.847   4.855   10.788  1.00 28.42 ? 94  SER A OG  1 
ATOM   749  N N   . VAL A 1 95  ? -1.915  6.286   9.254   1.00 12.49 ? 95  VAL A N   1 
ATOM   750  C CA  . VAL A 1 95  ? -2.915  7.291   8.931   1.00 14.51 ? 95  VAL A CA  1 
ATOM   751  C C   . VAL A 1 95  ? -2.765  8.492   9.863   1.00 15.80 ? 95  VAL A C   1 
ATOM   752  O O   . VAL A 1 95  ? -3.069  8.402   11.052  1.00 15.14 ? 95  VAL A O   1 
ATOM   753  C CB  . VAL A 1 95  ? -4.359  6.736   9.063   1.00 14.21 ? 95  VAL A CB  1 
ATOM   754  C CG1 . VAL A 1 95  ? -5.364  7.747   8.506   1.00 14.68 ? 95  VAL A CG1 1 
ATOM   755  C CG2 . VAL A 1 95  ? -4.479  5.408   8.316   1.00 15.94 ? 95  VAL A CG2 1 
ATOM   756  N N   . LEU A 1 96  ? -2.251  9.594   9.324   1.00 17.34 ? 96  LEU A N   1 
ATOM   757  C CA  . LEU A 1 96  ? -2.100  10.848  10.078  1.00 18.85 ? 96  LEU A CA  1 
ATOM   758  C C   . LEU A 1 96  ? -3.346  11.694  9.752   1.00 20.73 ? 96  LEU A C   1 
ATOM   759  O O   . LEU A 1 96  ? -4.075  11.404  8.785   1.00 18.82 ? 96  LEU A O   1 
ATOM   760  C CB  . LEU A 1 96  ? -0.834  11.595  9.645   1.00 17.46 ? 96  LEU A CB  1 
ATOM   761  C CG  . LEU A 1 96  ? 0.479   10.814  9.720   1.00 20.32 ? 96  LEU A CG  1 
ATOM   762  C CD1 . LEU A 1 96  ? 1.653   11.759  9.478   1.00 18.63 ? 96  LEU A CD1 1 
ATOM   763  C CD2 . LEU A 1 96  ? 0.585   10.128  11.067  1.00 20.11 ? 96  LEU A CD2 1 
ATOM   764  N N   . PRO A 1 97  ? -3.614  12.751  10.546  1.00 22.03 ? 97  PRO A N   1 
ATOM   765  C CA  . PRO A 1 97  ? -4.803  13.559  10.250  1.00 22.27 ? 97  PRO A CA  1 
ATOM   766  C C   . PRO A 1 97  ? -4.829  14.134  8.845   1.00 21.32 ? 97  PRO A C   1 
ATOM   767  O O   . PRO A 1 97  ? -5.884  14.201  8.216   1.00 23.29 ? 97  PRO A O   1 
ATOM   768  C CB  . PRO A 1 97  ? -4.770  14.666  11.313  1.00 20.27 ? 97  PRO A CB  1 
ATOM   769  C CG  . PRO A 1 97  ? -3.915  14.131  12.400  1.00 20.84 ? 97  PRO A CG  1 
ATOM   770  C CD  . PRO A 1 97  ? -2.888  13.266  11.724  1.00 22.16 ? 97  PRO A CD  1 
ATOM   771  N N   . ASP A 1 98  ? -3.666  14.524  8.344   1.00 19.95 ? 98  ASP A N   1 
ATOM   772  C CA  . ASP A 1 98  ? -3.585  15.150  7.031   1.00 21.70 ? 98  ASP A CA  1 
ATOM   773  C C   . ASP A 1 98  ? -3.082  14.273  5.896   1.00 19.72 ? 98  ASP A C   1 
ATOM   774  O O   . ASP A 1 98  ? -3.202  14.651  4.735   1.00 18.74 ? 98  ASP A O   1 
ATOM   775  C CB  . ASP A 1 98  ? -2.673  16.388  7.109   1.00 24.74 ? 98  ASP A CB  1 
ATOM   776  C CG  . ASP A 1 98  ? -1.322  16.076  7.739   1.00 29.59 ? 98  ASP A CG  1 
ATOM   777  O OD1 . ASP A 1 98  ? -0.329  16.793  7.455   1.00 33.71 ? 98  ASP A OD1 1 
ATOM   778  O OD2 . ASP A 1 98  ? -1.251  15.102  8.522   1.00 31.28 ? 98  ASP A OD2 1 
ATOM   779  N N   . LYS A 1 99  ? -2.532  13.110  6.211   1.00 17.34 ? 99  LYS A N   1 
ATOM   780  C CA  . LYS A 1 99  ? -1.989  12.303  5.141   1.00 15.20 ? 99  LYS A CA  1 
ATOM   781  C C   . LYS A 1 99  ? -1.588  10.925  5.626   1.00 14.70 ? 99  LYS A C   1 
ATOM   782  O O   . LYS A 1 99  ? -1.626  10.647  6.823   1.00 13.96 ? 99  LYS A O   1 
ATOM   783  C CB  . LYS A 1 99  ? -0.738  12.999  4.608   1.00 13.74 ? 99  LYS A CB  1 
ATOM   784  C CG  . LYS A 1 99  ? 0.377   13.005  5.655   1.00 17.30 ? 99  LYS A CG  1 
ATOM   785  C CD  . LYS A 1 99  ? 1.395   14.113  5.410   1.00 19.63 ? 99  LYS A CD  1 
ATOM   786  C CE  . LYS A 1 99  ? 2.259   14.326  6.642   1.00 21.05 ? 99  LYS A CE  1 
ATOM   787  N NZ  . LYS A 1 99  ? 2.663   15.758  6.811   1.00 19.45 ? 99  LYS A NZ  1 
ATOM   788  N N   . TYR A 1 100 ? -1.196  10.076  4.667   1.00 13.62 ? 100 TYR A N   1 
ATOM   789  C CA  . TYR A 1 100 ? -0.693  8.739   4.951   1.00 12.61 ? 100 TYR A CA  1 
ATOM   790  C C   . TYR A 1 100 ? 0.820   8.935   4.953   1.00 12.68 ? 100 TYR A C   1 
ATOM   791  O O   . TYR A 1 100 ? 1.357   9.706   4.148   1.00 12.74 ? 100 TYR A O   1 
ATOM   792  C CB  . TYR A 1 100 ? -1.004  7.736   3.821   1.00 10.77 ? 100 TYR A CB  1 
ATOM   793  C CG  . TYR A 1 100 ? -2.453  7.354   3.665   1.00 9.32  ? 100 TYR A CG  1 
ATOM   794  C CD1 . TYR A 1 100 ? -3.233  7.929   2.670   1.00 10.78 ? 100 TYR A CD1 1 
ATOM   795  C CD2 . TYR A 1 100 ? -3.044  6.433   4.525   1.00 10.02 ? 100 TYR A CD2 1 
ATOM   796  C CE1 . TYR A 1 100 ? -4.581  7.608   2.533   1.00 10.89 ? 100 TYR A CE1 1 
ATOM   797  C CE2 . TYR A 1 100 ? -4.390  6.095   4.402   1.00 12.23 ? 100 TYR A CE2 1 
ATOM   798  C CZ  . TYR A 1 100 ? -5.156  6.691   3.403   1.00 14.17 ? 100 TYR A CZ  1 
ATOM   799  O OH  . TYR A 1 100 ? -6.500  6.380   3.288   1.00 14.83 ? 100 TYR A OH  1 
ATOM   800  N N   . GLN A 1 101 ? 1.498   8.247   5.858   1.00 13.83 ? 101 GLN A N   1 
ATOM   801  C CA  . GLN A 1 101 ? 2.940   8.293   5.894   1.00 14.04 ? 101 GLN A CA  1 
ATOM   802  C C   . GLN A 1 101 ? 3.360   6.846   5.715   1.00 14.33 ? 101 GLN A C   1 
ATOM   803  O O   . GLN A 1 101 ? 2.914   5.959   6.451   1.00 14.24 ? 101 GLN A O   1 
ATOM   804  C CB  . GLN A 1 101 ? 3.470   8.806   7.219   1.00 15.47 ? 101 GLN A CB  1 
ATOM   805  C CG  . GLN A 1 101 ? 4.984   8.734   7.233   1.00 20.79 ? 101 GLN A CG  1 
ATOM   806  C CD  . GLN A 1 101 ? 5.621   9.603   8.294   1.00 25.36 ? 101 GLN A CD  1 
ATOM   807  O OE1 . GLN A 1 101 ? 5.239   9.551   9.463   1.00 25.16 ? 101 GLN A OE1 1 
ATOM   808  N NE2 . GLN A 1 101 ? 6.607   10.398  7.895   1.00 23.88 ? 101 GLN A NE2 1 
ATOM   809  N N   . VAL A 1 102 ? 4.221   6.609   4.731   1.00 14.90 ? 102 VAL A N   1 
ATOM   810  C CA  . VAL A 1 102 ? 4.694   5.262   4.424   1.00 12.90 ? 102 VAL A CA  1 
ATOM   811  C C   . VAL A 1 102 ? 6.138   5.042   4.846   1.00 14.29 ? 102 VAL A C   1 
ATOM   812  O O   . VAL A 1 102 ? 7.026   5.746   4.361   1.00 15.09 ? 102 VAL A O   1 
ATOM   813  C CB  . VAL A 1 102 ? 4.605   4.998   2.893   1.00 13.44 ? 102 VAL A CB  1 
ATOM   814  C CG1 . VAL A 1 102 ? 4.933   3.537   2.572   1.00 12.85 ? 102 VAL A CG1 1 
ATOM   815  C CG2 . VAL A 1 102 ? 3.228   5.365   2.390   1.00 14.37 ? 102 VAL A CG2 1 
ATOM   816  N N   . MET A 1 103 ? 6.370   4.081   5.740   1.00 13.41 ? 103 MET A N   1 
ATOM   817  C CA  . MET A 1 103 ? 7.727   3.733   6.175   1.00 16.09 ? 103 MET A CA  1 
ATOM   818  C C   . MET A 1 103 ? 8.157   2.418   5.516   1.00 17.12 ? 103 MET A C   1 
ATOM   819  O O   . MET A 1 103 ? 7.355   1.496   5.376   1.00 15.81 ? 103 MET A O   1 
ATOM   820  C CB  . MET A 1 103 ? 7.788   3.522   7.680   1.00 19.88 ? 103 MET A CB  1 
ATOM   821  C CG  . MET A 1 103 ? 6.900   4.438   8.451   1.00 27.37 ? 103 MET A CG  1 
ATOM   822  S SD  . MET A 1 103 ? 7.913   5.709   9.134   1.00 37.71 ? 103 MET A SD  1 
ATOM   823  C CE  . MET A 1 103 ? 8.769   4.738   10.397  1.00 30.17 ? 103 MET A CE  1 
ATOM   824  N N   . VAL A 1 104 ? 9.412   2.339   5.098   1.00 16.55 ? 104 VAL A N   1 
ATOM   825  C CA  . VAL A 1 104 ? 9.932   1.117   4.508   1.00 17.41 ? 104 VAL A CA  1 
ATOM   826  C C   . VAL A 1 104 ? 11.114  0.750   5.379   1.00 18.12 ? 104 VAL A C   1 
ATOM   827  O O   . VAL A 1 104 ? 12.061  1.526   5.518   1.00 17.78 ? 104 VAL A O   1 
ATOM   828  C CB  . VAL A 1 104 ? 10.424  1.324   3.082   1.00 18.37 ? 104 VAL A CB  1 
ATOM   829  C CG1 . VAL A 1 104 ? 10.978  0.005   2.543   1.00 21.37 ? 104 VAL A CG1 1 
ATOM   830  C CG2 . VAL A 1 104 ? 9.291   1.817   2.207   1.00 18.61 ? 104 VAL A CG2 1 
ATOM   831  N N   . ASN A 1 105 ? 11.042  -0.424  5.986   1.00 19.77 ? 105 ASN A N   1 
ATOM   832  C CA  . ASN A 1 105 ? 12.095  -0.900  6.874   1.00 22.84 ? 105 ASN A CA  1 
ATOM   833  C C   . ASN A 1 105 ? 12.452  0.156   7.922   1.00 24.86 ? 105 ASN A C   1 
ATOM   834  O O   . ASN A 1 105 ? 13.627  0.393   8.202   1.00 24.34 ? 105 ASN A O   1 
ATOM   835  C CB  . ASN A 1 105 ? 13.348  -1.298  6.078   1.00 24.07 ? 105 ASN A CB  1 
ATOM   836  C CG  . ASN A 1 105 ? 13.076  -2.408  5.048   1.00 25.48 ? 105 ASN A CG  1 
ATOM   837  O OD1 . ASN A 1 105 ? 13.603  -2.372  3.934   1.00 26.76 ? 105 ASN A OD1 1 
ATOM   838  N ND2 . ASN A 1 105 ? 12.257  -3.385  5.420   1.00 23.64 ? 105 ASN A ND2 1 
ATOM   839  N N   . GLY A 1 106 ? 11.428  0.797   8.486   1.00 24.96 ? 106 GLY A N   1 
ATOM   840  C CA  . GLY A 1 106 ? 11.657  1.785   9.521   1.00 25.65 ? 106 GLY A CA  1 
ATOM   841  C C   . GLY A 1 106 ? 12.016  3.206   9.120   1.00 26.44 ? 106 GLY A C   1 
ATOM   842  O O   . GLY A 1 106 ? 12.225  4.050   9.995   1.00 28.84 ? 106 GLY A O   1 
ATOM   843  N N   . GLN A 1 107 ? 12.083  3.507   7.831   1.00 23.55 ? 107 GLN A N   1 
ATOM   844  C CA  . GLN A 1 107 ? 12.430  4.864   7.447   1.00 24.89 ? 107 GLN A CA  1 
ATOM   845  C C   . GLN A 1 107 ? 11.311  5.549   6.657   1.00 23.12 ? 107 GLN A C   1 
ATOM   846  O O   . GLN A 1 107 ? 10.746  4.951   5.741   1.00 20.96 ? 107 GLN A O   1 
ATOM   847  C CB  . GLN A 1 107 ? 13.749  4.837   6.657   1.00 30.14 ? 107 GLN A CB  1 
ATOM   848  C CG  . GLN A 1 107 ? 13.732  5.535   5.303   1.00 37.69 ? 107 GLN A CG  1 
ATOM   849  C CD  . GLN A 1 107 ? 14.975  5.229   4.471   1.00 42.05 ? 107 GLN A CD  1 
ATOM   850  O OE1 . GLN A 1 107 ? 15.674  4.244   4.713   1.00 44.76 ? 107 GLN A OE1 1 
ATOM   851  N NE2 . GLN A 1 107 ? 15.255  6.079   3.489   1.00 44.66 ? 107 GLN A NE2 1 
ATOM   852  N N   . SER A 1 108 ? 10.972  6.793   7.015   1.00 20.15 ? 108 SER A N   1 
ATOM   853  C CA  . SER A 1 108 ? 9.916   7.513   6.297   1.00 19.43 ? 108 SER A CA  1 
ATOM   854  C C   . SER A 1 108 ? 10.371  7.616   4.849   1.00 19.72 ? 108 SER A C   1 
ATOM   855  O O   . SER A 1 108 ? 11.495  8.034   4.582   1.00 21.49 ? 108 SER A O   1 
ATOM   856  C CB  . SER A 1 108 ? 9.701   8.917   6.872   1.00 19.70 ? 108 SER A CB  1 
ATOM   857  O OG  . SER A 1 108 ? 8.600   9.557   6.230   1.00 21.60 ? 108 SER A OG  1 
ATOM   858  N N   . SER A 1 109 ? 9.504   7.248   3.912   1.00 17.05 ? 109 SER A N   1 
ATOM   859  C CA  . SER A 1 109 ? 9.872   7.271   2.505   1.00 16.03 ? 109 SER A CA  1 
ATOM   860  C C   . SER A 1 109 ? 8.901   7.982   1.584   1.00 15.97 ? 109 SER A C   1 
ATOM   861  O O   . SER A 1 109 ? 9.305   8.484   0.545   1.00 15.68 ? 109 SER A O   1 
ATOM   862  C CB  . SER A 1 109 ? 10.061  5.835   2.015   1.00 16.71 ? 109 SER A CB  1 
ATOM   863  O OG  . SER A 1 109 ? 10.888  5.109   2.908   1.00 18.95 ? 109 SER A OG  1 
ATOM   864  N N   . TYR A 1 110 ? 7.619   8.008   1.945   1.00 13.95 ? 110 TYR A N   1 
ATOM   865  C CA  . TYR A 1 110 ? 6.625   8.665   1.116   1.00 14.14 ? 110 TYR A CA  1 
ATOM   866  C C   . TYR A 1 110 ? 5.463   9.142   1.963   1.00 14.71 ? 110 TYR A C   1 
ATOM   867  O O   . TYR A 1 110 ? 5.205   8.580   3.037   1.00 14.16 ? 110 TYR A O   1 
ATOM   868  C CB  . TYR A 1 110 ? 6.036   7.690   0.075   1.00 15.75 ? 110 TYR A CB  1 
ATOM   869  C CG  . TYR A 1 110 ? 7.025   6.747   -0.585  1.00 17.43 ? 110 TYR A CG  1 
ATOM   870  C CD1 . TYR A 1 110 ? 7.302   5.500   -0.031  1.00 17.55 ? 110 TYR A CD1 1 
ATOM   871  C CD2 . TYR A 1 110 ? 7.692   7.112   -1.761  1.00 18.54 ? 110 TYR A CD2 1 
ATOM   872  C CE1 . TYR A 1 110 ? 8.225   4.641   -0.626  1.00 18.31 ? 110 TYR A CE1 1 
ATOM   873  C CE2 . TYR A 1 110 ? 8.619   6.258   -2.368  1.00 18.51 ? 110 TYR A CE2 1 
ATOM   874  C CZ  . TYR A 1 110 ? 8.879   5.029   -1.792  1.00 18.97 ? 110 TYR A CZ  1 
ATOM   875  O OH  . TYR A 1 110 ? 9.801   4.192   -2.369  1.00 20.55 ? 110 TYR A OH  1 
ATOM   876  N N   . THR A 1 111 ? 4.775   10.179  1.487   1.00 15.44 ? 111 THR A N   1 
ATOM   877  C CA  . THR A 1 111 ? 3.556   10.649  2.158   1.00 16.65 ? 111 THR A CA  1 
ATOM   878  C C   . THR A 1 111 ? 2.534   10.958  1.050   1.00 16.31 ? 111 THR A C   1 
ATOM   879  O O   . THR A 1 111 ? 2.904   11.193  -0.103  1.00 15.63 ? 111 THR A O   1 
ATOM   880  C CB  . THR A 1 111 ? 3.793   11.884  3.095   1.00 16.69 ? 111 THR A CB  1 
ATOM   881  O OG1 . THR A 1 111 ? 4.080   13.039  2.316   1.00 17.25 ? 111 THR A OG1 1 
ATOM   882  C CG2 . THR A 1 111 ? 4.932   11.614  4.081   1.00 16.46 ? 111 THR A CG2 1 
ATOM   883  N N   . PHE A 1 112 ? 1.249   10.915  1.391   1.00 14.49 ? 112 PHE A N   1 
ATOM   884  C CA  . PHE A 1 112 ? 0.188   11.162  0.422   1.00 14.44 ? 112 PHE A CA  1 
ATOM   885  C C   . PHE A 1 112 ? -0.976  11.820  1.169   1.00 15.17 ? 112 PHE A C   1 
ATOM   886  O O   . PHE A 1 112 ? -1.603  11.199  2.032   1.00 13.99 ? 112 PHE A O   1 
ATOM   887  C CB  . PHE A 1 112 ? -0.263  9.825   -0.185  1.00 13.73 ? 112 PHE A CB  1 
ATOM   888  C CG  . PHE A 1 112 ? -1.299  9.948   -1.279  1.00 14.11 ? 112 PHE A CG  1 
ATOM   889  C CD1 . PHE A 1 112 ? -0.918  10.140  -2.596  1.00 14.00 ? 112 PHE A CD1 1 
ATOM   890  C CD2 . PHE A 1 112 ? -2.650  9.796   -0.994  1.00 16.33 ? 112 PHE A CD2 1 
ATOM   891  C CE1 . PHE A 1 112 ? -1.853  10.176  -3.611  1.00 15.15 ? 112 PHE A CE1 1 
ATOM   892  C CE2 . PHE A 1 112 ? -3.608  9.829   -2.019  1.00 15.29 ? 112 PHE A CE2 1 
ATOM   893  C CZ  . PHE A 1 112 ? -3.207  10.019  -3.324  1.00 14.77 ? 112 PHE A CZ  1 
ATOM   894  N N   . ASP A 1 113 ? -1.252  13.077  0.846   1.00 14.58 ? 113 ASP A N   1 
ATOM   895  C CA  . ASP A 1 113 ? -2.327  13.805  1.498   1.00 15.54 ? 113 ASP A CA  1 
ATOM   896  C C   . ASP A 1 113 ? -3.675  13.182  1.176   1.00 15.62 ? 113 ASP A C   1 
ATOM   897  O O   . ASP A 1 113 ? -3.948  12.835  0.037   1.00 15.51 ? 113 ASP A O   1 
ATOM   898  C CB  . ASP A 1 113 ? -2.323  15.267  1.037   1.00 19.53 ? 113 ASP A CB  1 
ATOM   899  C CG  . ASP A 1 113 ? -1.107  16.047  1.536   1.00 20.49 ? 113 ASP A CG  1 
ATOM   900  O OD1 . ASP A 1 113 ? -0.352  15.543  2.391   1.00 22.09 ? 113 ASP A OD1 1 
ATOM   901  O OD2 . ASP A 1 113 ? -0.909  17.179  1.059   1.00 25.87 ? 113 ASP A OD2 1 
ATOM   902  N N   . HIS A 1 114 ? -4.531  13.062  2.182   1.00 15.58 ? 114 HIS A N   1 
ATOM   903  C CA  . HIS A 1 114 ? -5.853  12.482  1.995   1.00 15.96 ? 114 HIS A CA  1 
ATOM   904  C C   . HIS A 1 114 ? -6.690  13.209  0.947   1.00 16.65 ? 114 HIS A C   1 
ATOM   905  O O   . HIS A 1 114 ? -6.792  14.431  0.973   1.00 18.39 ? 114 HIS A O   1 
ATOM   906  C CB  . HIS A 1 114 ? -6.617  12.484  3.327   1.00 15.48 ? 114 HIS A CB  1 
ATOM   907  C CG  . HIS A 1 114 ? -5.943  11.705  4.416   1.00 15.02 ? 114 HIS A CG  1 
ATOM   908  N ND1 . HIS A 1 114 ? -5.637  10.367  4.294   1.00 17.33 ? 114 HIS A ND1 1 
ATOM   909  C CD2 . HIS A 1 114 ? -5.538  12.069  5.652   1.00 13.06 ? 114 HIS A CD2 1 
ATOM   910  C CE1 . HIS A 1 114 ? -5.072  9.942   5.410   1.00 15.47 ? 114 HIS A CE1 1 
ATOM   911  N NE2 . HIS A 1 114 ? -5.000  10.957  6.249   1.00 14.52 ? 114 HIS A NE2 1 
ATOM   912  N N   . ARG A 1 115 ? -7.287  12.454  0.028   1.00 15.83 ? 115 ARG A N   1 
ATOM   913  C CA  . ARG A 1 115 ? -8.155  13.022  -1.000  1.00 16.67 ? 115 ARG A CA  1 
ATOM   914  C C   . ARG A 1 115 ? -9.597  12.689  -0.642  1.00 17.21 ? 115 ARG A C   1 
ATOM   915  O O   . ARG A 1 115 ? -10.527 13.419  -0.985  1.00 19.12 ? 115 ARG A O   1 
ATOM   916  C CB  . ARG A 1 115 ? -7.806  12.446  -2.368  1.00 16.46 ? 115 ARG A CB  1 
ATOM   917  C CG  . ARG A 1 115 ? -6.406  12.854  -2.832  1.00 18.06 ? 115 ARG A CG  1 
ATOM   918  C CD  . ARG A 1 115 ? -6.088  12.294  -4.193  1.00 15.28 ? 115 ARG A CD  1 
ATOM   919  N NE  . ARG A 1 115 ? -4.750  12.670  -4.630  1.00 16.17 ? 115 ARG A NE  1 
ATOM   920  C CZ  . ARG A 1 115 ? -4.220  12.286  -5.786  1.00 15.59 ? 115 ARG A CZ  1 
ATOM   921  N NH1 . ARG A 1 115 ? -4.915  11.516  -6.614  1.00 13.67 ? 115 ARG A NH1 1 
ATOM   922  N NH2 . ARG A 1 115 ? -3.004  12.674  -6.116  1.00 15.67 ? 115 ARG A NH2 1 
ATOM   923  N N   . ILE A 1 116 ? -9.754  11.579  0.073   1.00 16.52 ? 116 ILE A N   1 
ATOM   924  C CA  . ILE A 1 116 ? -11.035 11.074  0.551   1.00 15.94 ? 116 ILE A CA  1 
ATOM   925  C C   . ILE A 1 116 ? -10.767 10.683  2.013   1.00 17.19 ? 116 ILE A C   1 
ATOM   926  O O   . ILE A 1 116 ? -9.671  10.221  2.347   1.00 16.38 ? 116 ILE A O   1 
ATOM   927  C CB  . ILE A 1 116 ? -11.463 9.823   -0.250  1.00 15.39 ? 116 ILE A CB  1 
ATOM   928  C CG1 . ILE A 1 116 ? -11.845 10.221  -1.681  1.00 16.31 ? 116 ILE A CG1 1 
ATOM   929  C CG2 . ILE A 1 116 ? -12.616 9.113   0.458   1.00 16.74 ? 116 ILE A CG2 1 
ATOM   930  C CD1 . ILE A 1 116 ? -12.102 9.034   -2.582  1.00 15.82 ? 116 ILE A CD1 1 
ATOM   931  N N   . LYS A 1 117 ? -11.746 10.871  2.891   1.00 17.42 ? 117 LYS A N   1 
ATOM   932  C CA  . LYS A 1 117 ? -11.543 10.528  4.297   1.00 18.99 ? 117 LYS A CA  1 
ATOM   933  C C   . LYS A 1 117 ? -11.168 9.044   4.475   1.00 19.28 ? 117 LYS A C   1 
ATOM   934  O O   . LYS A 1 117 ? -11.761 8.163   3.831   1.00 18.81 ? 117 LYS A O   1 
ATOM   935  C CB  . LYS A 1 117 ? -12.810 10.851  5.113   1.00 21.70 ? 117 LYS A CB  1 
ATOM   936  C CG  . LYS A 1 117 ? -14.078 10.165  4.613   1.00 28.13 ? 117 LYS A CG  1 
ATOM   937  C CD  . LYS A 1 117 ? -15.346 10.635  5.339   1.00 32.30 ? 117 LYS A CD  1 
ATOM   938  C CE  . LYS A 1 117 ? -16.610 10.078  4.651   1.00 36.67 ? 117 LYS A CE  1 
ATOM   939  N NZ  . LYS A 1 117 ? -17.867 10.148  5.479   1.00 38.77 ? 117 LYS A NZ  1 
ATOM   940  N N   . PRO A 1 118 ? -10.170 8.748   5.341   1.00 18.15 ? 118 PRO A N   1 
ATOM   941  C CA  . PRO A 1 118 ? -9.737  7.368   5.593   1.00 17.41 ? 118 PRO A CA  1 
ATOM   942  C C   . PRO A 1 118 ? -10.909 6.500   6.018   1.00 18.54 ? 118 PRO A C   1 
ATOM   943  O O   . PRO A 1 118 ? -10.912 5.286   5.806   1.00 17.96 ? 118 PRO A O   1 
ATOM   944  C CB  . PRO A 1 118 ? -8.712  7.505   6.721   1.00 17.48 ? 118 PRO A CB  1 
ATOM   945  C CG  . PRO A 1 118 ? -8.253  8.902   6.666   1.00 18.05 ? 118 PRO A CG  1 
ATOM   946  C CD  . PRO A 1 118 ? -9.381  9.719   6.120   1.00 17.87 ? 118 PRO A CD  1 
ATOM   947  N N   . GLU A 1 119 ? -11.914 7.127   6.622   1.00 17.37 ? 119 GLU A N   1 
ATOM   948  C CA  . GLU A 1 119 ? -13.090 6.400   7.078   1.00 17.43 ? 119 GLU A CA  1 
ATOM   949  C C   . GLU A 1 119 ? -13.894 5.739   5.941   1.00 16.87 ? 119 GLU A C   1 
ATOM   950  O O   . GLU A 1 119 ? -14.744 4.889   6.200   1.00 16.71 ? 119 GLU A O   1 
ATOM   951  C CB  . GLU A 1 119 ? -13.983 7.347   7.883   1.00 19.34 ? 119 GLU A CB  1 
ATOM   952  C CG  . GLU A 1 119 ? -13.416 7.671   9.273   1.00 21.43 ? 119 GLU A CG  1 
ATOM   953  C CD  . GLU A 1 119 ? -12.371 8.794   9.248   1.00 26.23 ? 119 GLU A CD  1 
ATOM   954  O OE1 . GLU A 1 119 ? -12.257 9.483   8.210   1.00 24.32 ? 119 GLU A OE1 1 
ATOM   955  O OE2 . GLU A 1 119 ? -11.662 8.989   10.271  1.00 29.19 ? 119 GLU A OE2 1 
ATOM   956  N N   . ALA A 1 120 ? -13.620 6.121   4.692   1.00 14.55 ? 120 ALA A N   1 
ATOM   957  C CA  . ALA A 1 120 ? -14.323 5.551   3.550   1.00 13.34 ? 120 ALA A CA  1 
ATOM   958  C C   . ALA A 1 120 ? -13.766 4.164   3.175   1.00 15.63 ? 120 ALA A C   1 
ATOM   959  O O   . ALA A 1 120 ? -14.409 3.415   2.432   1.00 17.03 ? 120 ALA A O   1 
ATOM   960  C CB  . ALA A 1 120 ? -14.222 6.482   2.356   1.00 10.69 ? 120 ALA A CB  1 
ATOM   961  N N   . VAL A 1 121 ? -12.590 3.813   3.697   1.00 13.78 ? 121 VAL A N   1 
ATOM   962  C CA  . VAL A 1 121 ? -11.976 2.528   3.375   1.00 13.12 ? 121 VAL A CA  1 
ATOM   963  C C   . VAL A 1 121 ? -12.670 1.328   4.016   1.00 14.77 ? 121 VAL A C   1 
ATOM   964  O O   . VAL A 1 121 ? -12.983 1.348   5.196   1.00 15.34 ? 121 VAL A O   1 
ATOM   965  C CB  . VAL A 1 121 ? -10.488 2.509   3.783   1.00 12.98 ? 121 VAL A CB  1 
ATOM   966  C CG1 . VAL A 1 121 ? -9.927  1.123   3.574   1.00 11.78 ? 121 VAL A CG1 1 
ATOM   967  C CG2 . VAL A 1 121 ? -9.695  3.544   2.966   1.00 11.61 ? 121 VAL A CG2 1 
ATOM   968  N N   . LYS A 1 122 ? -12.907 0.277   3.236   1.00 13.25 ? 122 LYS A N   1 
ATOM   969  C CA  . LYS A 1 122 ? -13.551 -0.911  3.765   1.00 12.62 ? 122 LYS A CA  1 
ATOM   970  C C   . LYS A 1 122 ? -12.741 -2.156  3.468   1.00 15.01 ? 122 LYS A C   1 
ATOM   971  O O   . LYS A 1 122 ? -12.985 -3.210  4.066   1.00 13.06 ? 122 LYS A O   1 
ATOM   972  C CB  . LYS A 1 122 ? -14.929 -1.087  3.150   1.00 14.69 ? 122 LYS A CB  1 
ATOM   973  C CG  . LYS A 1 122 ? -15.884 0.030   3.463   1.00 19.85 ? 122 LYS A CG  1 
ATOM   974  C CD  . LYS A 1 122 ? -17.302 -0.414  3.166   1.00 25.91 ? 122 LYS A CD  1 
ATOM   975  C CE  . LYS A 1 122 ? -18.291 0.725   3.373   1.00 31.44 ? 122 LYS A CE  1 
ATOM   976  N NZ  . LYS A 1 122 ? -19.287 0.816   2.262   1.00 36.82 ? 122 LYS A NZ  1 
ATOM   977  N N   . MET A 1 123 ? -11.764 -2.042  2.562   1.00 14.18 ? 123 MET A N   1 
ATOM   978  C CA  . MET A 1 123 ? -10.977 -3.206  2.156   1.00 12.14 ? 123 MET A CA  1 
ATOM   979  C C   . MET A 1 123 ? -9.578  -2.806  1.691   1.00 13.10 ? 123 MET A C   1 
ATOM   980  O O   . MET A 1 123 ? -9.368  -1.708  1.191   1.00 10.85 ? 123 MET A O   1 
ATOM   981  C CB  . MET A 1 123 ? -11.721 -3.927  1.021   1.00 11.91 ? 123 MET A CB  1 
ATOM   982  C CG  . MET A 1 123 ? -11.041 -5.167  0.462   1.00 16.28 ? 123 MET A CG  1 
ATOM   983  S SD  . MET A 1 123 ? -10.031 -4.776  -0.988  1.00 18.19 ? 123 MET A SD  1 
ATOM   984  C CE  . MET A 1 123 ? -11.221 -5.003  -2.292  1.00 14.20 ? 123 MET A CE  1 
ATOM   985  N N   . VAL A 1 124 ? -8.624  -3.707  1.885   1.00 11.95 ? 124 VAL A N   1 
ATOM   986  C CA  . VAL A 1 124 ? -7.250  -3.469  1.453   1.00 11.71 ? 124 VAL A CA  1 
ATOM   987  C C   . VAL A 1 124 ? -6.813  -4.705  0.641   1.00 13.84 ? 124 VAL A C   1 
ATOM   988  O O   . VAL A 1 124 ? -7.006  -5.856  1.080   1.00 12.60 ? 124 VAL A O   1 
ATOM   989  C CB  . VAL A 1 124 ? -6.300  -3.313  2.645   1.00 10.84 ? 124 VAL A CB  1 
ATOM   990  C CG1 . VAL A 1 124 ? -4.858  -3.250  2.151   1.00 11.70 ? 124 VAL A CG1 1 
ATOM   991  C CG2 . VAL A 1 124 ? -6.651  -2.063  3.428   1.00 11.42 ? 124 VAL A CG2 1 
ATOM   992  N N   . GLN A 1 125 ? -6.253  -4.469  -0.543  1.00 12.96 ? 125 GLN A N   1 
ATOM   993  C CA  . GLN A 1 125 ? -5.778  -5.567  -1.380  1.00 13.40 ? 125 GLN A CA  1 
ATOM   994  C C   . GLN A 1 125 ? -4.294  -5.385  -1.666  1.00 13.71 ? 125 GLN A C   1 
ATOM   995  O O   . GLN A 1 125 ? -3.861  -4.291  -2.046  1.00 12.74 ? 125 GLN A O   1 
ATOM   996  C CB  . GLN A 1 125 ? -6.526  -5.605  -2.702  1.00 14.18 ? 125 GLN A CB  1 
ATOM   997  C CG  . GLN A 1 125 ? -6.025  -6.720  -3.607  1.00 18.30 ? 125 GLN A CG  1 
ATOM   998  C CD  . GLN A 1 125 ? -7.017  -7.059  -4.694  1.00 21.06 ? 125 GLN A CD  1 
ATOM   999  O OE1 . GLN A 1 125 ? -7.251  -6.267  -5.593  1.00 20.19 ? 125 GLN A OE1 1 
ATOM   1000 N NE2 . GLN A 1 125 ? -7.606  -8.248  -4.617  1.00 24.04 ? 125 GLN A NE2 1 
ATOM   1001 N N   . VAL A 1 126 ? -3.517  -6.447  -1.463  1.00 11.85 ? 126 VAL A N   1 
ATOM   1002 C CA  . VAL A 1 126 ? -2.076  -6.407  -1.706  1.00 11.28 ? 126 VAL A CA  1 
ATOM   1003 C C   . VAL A 1 126 ? -1.812  -7.429  -2.806  1.00 11.64 ? 126 VAL A C   1 
ATOM   1004 O O   . VAL A 1 126 ? -2.205  -8.590  -2.698  1.00 11.67 ? 126 VAL A O   1 
ATOM   1005 C CB  . VAL A 1 126 ? -1.289  -6.828  -0.464  1.00 12.43 ? 126 VAL A CB  1 
ATOM   1006 C CG1 . VAL A 1 126 ? 0.206   -6.791  -0.776  1.00 14.45 ? 126 VAL A CG1 1 
ATOM   1007 C CG2 . VAL A 1 126 ? -1.616  -5.908  0.708   1.00 14.38 ? 126 VAL A CG2 1 
ATOM   1008 N N   . TRP A 1 127 ? -1.162  -7.011  -3.873  1.00 10.84 ? 127 TRP A N   1 
ATOM   1009 C CA  . TRP A 1 127 ? -0.921  -7.957  -4.938  1.00 10.29 ? 127 TRP A CA  1 
ATOM   1010 C C   . TRP A 1 127 ? 0.294   -7.617  -5.799  1.00 12.00 ? 127 TRP A C   1 
ATOM   1011 O O   . TRP A 1 127 ? 1.098   -6.742  -5.446  1.00 11.54 ? 127 TRP A O   1 
ATOM   1012 C CB  . TRP A 1 127 ? -2.193  -8.104  -5.778  1.00 9.72  ? 127 TRP A CB  1 
ATOM   1013 C CG  . TRP A 1 127 ? -2.682  -6.837  -6.430  1.00 10.92 ? 127 TRP A CG  1 
ATOM   1014 C CD1 . TRP A 1 127 ? -3.030  -5.665  -5.811  1.00 10.96 ? 127 TRP A CD1 1 
ATOM   1015 C CD2 . TRP A 1 127 ? -2.917  -6.635  -7.828  1.00 11.96 ? 127 TRP A CD2 1 
ATOM   1016 N NE1 . TRP A 1 127 ? -3.470  -4.746  -6.736  1.00 12.24 ? 127 TRP A NE1 1 
ATOM   1017 C CE2 . TRP A 1 127 ? -3.413  -5.313  -7.982  1.00 11.53 ? 127 TRP A CE2 1 
ATOM   1018 C CE3 . TRP A 1 127 ? -2.760  -7.445  -8.969  1.00 10.71 ? 127 TRP A CE3 1 
ATOM   1019 C CZ2 . TRP A 1 127 ? -3.751  -4.780  -9.235  1.00 12.18 ? 127 TRP A CZ2 1 
ATOM   1020 C CZ3 . TRP A 1 127 ? -3.094  -6.917  -10.220 1.00 11.50 ? 127 TRP A CZ3 1 
ATOM   1021 C CH2 . TRP A 1 127 ? -3.582  -5.596  -10.341 1.00 14.55 ? 127 TRP A CH2 1 
ATOM   1022 N N   . ARG A 1 128 ? 0.407   -8.331  -6.919  1.00 11.80 ? 128 ARG A N   1 
ATOM   1023 C CA  . ARG A 1 128 ? 1.505   -8.246  -7.887  1.00 11.18 ? 128 ARG A CA  1 
ATOM   1024 C C   . ARG A 1 128 ? 2.613   -9.243  -7.515  1.00 12.75 ? 128 ARG A C   1 
ATOM   1025 O O   . ARG A 1 128 ? 2.336   -10.229 -6.833  1.00 12.29 ? 128 ARG A O   1 
ATOM   1026 C CB  . ARG A 1 128 ? 2.056   -6.829  -8.054  1.00 12.08 ? 128 ARG A CB  1 
ATOM   1027 C CG  . ARG A 1 128 ? 0.997   -5.829  -8.508  1.00 15.23 ? 128 ARG A CG  1 
ATOM   1028 C CD  . ARG A 1 128 ? 0.913   -5.654  -9.986  1.00 14.94 ? 128 ARG A CD  1 
ATOM   1029 N NE  . ARG A 1 128 ? 0.058   -4.514  -10.340 1.00 16.11 ? 128 ARG A NE  1 
ATOM   1030 C CZ  . ARG A 1 128 ? -0.649  -4.425  -11.469 1.00 15.30 ? 128 ARG A CZ  1 
ATOM   1031 N NH1 . ARG A 1 128 ? -0.606  -5.408  -12.354 1.00 13.43 ? 128 ARG A NH1 1 
ATOM   1032 N NH2 . ARG A 1 128 ? -1.385  -3.348  -11.729 1.00 12.47 ? 128 ARG A NH2 1 
ATOM   1033 N N   . ASP A 1 129 ? 3.851   -8.984  -7.926  1.00 11.29 ? 129 ASP A N   1 
ATOM   1034 C CA  . ASP A 1 129 ? 4.958   -9.947  -7.760  1.00 12.36 ? 129 ASP A CA  1 
ATOM   1035 C C   . ASP A 1 129 ? 5.692   -10.125 -6.432  1.00 12.01 ? 129 ASP A C   1 
ATOM   1036 O O   . ASP A 1 129 ? 6.922   -9.985  -6.367  1.00 12.34 ? 129 ASP A O   1 
ATOM   1037 C CB  . ASP A 1 129 ? 5.969   -9.692  -8.895  1.00 13.13 ? 129 ASP A CB  1 
ATOM   1038 C CG  . ASP A 1 129 ? 5.273   -9.357  -10.223 1.00 14.11 ? 129 ASP A CG  1 
ATOM   1039 O OD1 . ASP A 1 129 ? 4.578   -10.247 -10.776 1.00 16.07 ? 129 ASP A OD1 1 
ATOM   1040 O OD2 . ASP A 1 129 ? 5.394   -8.215  -10.713 1.00 13.84 ? 129 ASP A OD2 1 
ATOM   1041 N N   . ILE A 1 130 ? 4.946   -10.497 -5.391  1.00 12.66 ? 130 ILE A N   1 
ATOM   1042 C CA  . ILE A 1 130 ? 5.515   -10.680 -4.056  1.00 13.28 ? 130 ILE A CA  1 
ATOM   1043 C C   . ILE A 1 130 ? 4.929   -11.875 -3.333  1.00 12.49 ? 130 ILE A C   1 
ATOM   1044 O O   . ILE A 1 130 ? 3.872   -12.367 -3.683  1.00 12.53 ? 130 ILE A O   1 
ATOM   1045 C CB  . ILE A 1 130 ? 5.212   -9.457  -3.122  1.00 13.67 ? 130 ILE A CB  1 
ATOM   1046 C CG1 . ILE A 1 130 ? 3.702   -9.217  -3.092  1.00 15.66 ? 130 ILE A CG1 1 
ATOM   1047 C CG2 . ILE A 1 130 ? 5.910   -8.182  -3.623  1.00 13.06 ? 130 ILE A CG2 1 
ATOM   1048 C CD1 . ILE A 1 130 ? 3.188   -8.815  -1.760  1.00 19.71 ? 130 ILE A CD1 1 
ATOM   1049 N N   . SER A 1 131 ? 5.654   -12.338 -2.322  1.00 15.11 ? 131 SER A N   1 
ATOM   1050 C CA  . SER A 1 131 ? 5.163   -13.388 -1.443  1.00 18.18 ? 131 SER A CA  1 
ATOM   1051 C C   . SER A 1 131 ? 4.860   -12.552 -0.187  1.00 18.16 ? 131 SER A C   1 
ATOM   1052 O O   . SER A 1 131 ? 5.585   -11.595 0.138   1.00 20.98 ? 131 SER A O   1 
ATOM   1053 C CB  . SER A 1 131 ? 6.233   -14.446 -1.141  1.00 18.67 ? 131 SER A CB  1 
ATOM   1054 O OG  . SER A 1 131 ? 7.451   -13.839 -0.751  1.00 22.93 ? 131 SER A OG  1 
ATOM   1055 N N   . LEU A 1 132 ? 3.790   -12.896 0.503   1.00 17.51 ? 132 LEU A N   1 
ATOM   1056 C CA  . LEU A 1 132 ? 3.358   -12.159 1.672   1.00 19.29 ? 132 LEU A CA  1 
ATOM   1057 C C   . LEU A 1 132 ? 3.534   -12.984 2.936   1.00 21.33 ? 132 LEU A C   1 
ATOM   1058 O O   . LEU A 1 132 ? 2.952   -14.061 3.053   1.00 21.23 ? 132 LEU A O   1 
ATOM   1059 C CB  . LEU A 1 132 ? 1.889   -11.824 1.485   1.00 20.60 ? 132 LEU A CB  1 
ATOM   1060 C CG  . LEU A 1 132 ? 1.311   -10.614 2.184   1.00 23.66 ? 132 LEU A CG  1 
ATOM   1061 C CD1 . LEU A 1 132 ? 2.194   -9.405  1.908   1.00 25.96 ? 132 LEU A CD1 1 
ATOM   1062 C CD2 . LEU A 1 132 ? -0.103  -10.399 1.692   1.00 23.73 ? 132 LEU A CD2 1 
ATOM   1063 N N   . THR A 1 133 ? 4.322   -12.505 3.891   1.00 21.39 ? 133 THR A N   1 
ATOM   1064 C CA  . THR A 1 133 ? 4.486   -13.291 5.106   1.00 23.32 ? 133 THR A CA  1 
ATOM   1065 C C   . THR A 1 133 ? 3.624   -12.767 6.249   1.00 23.50 ? 133 THR A C   1 
ATOM   1066 O O   . THR A 1 133 ? 3.242   -13.531 7.133   1.00 23.54 ? 133 THR A O   1 
ATOM   1067 C CB  . THR A 1 133 ? 5.955   -13.351 5.550   1.00 23.33 ? 133 THR A CB  1 
ATOM   1068 O OG1 . THR A 1 133 ? 6.372   -12.064 6.002   1.00 28.52 ? 133 THR A OG1 1 
ATOM   1069 C CG2 . THR A 1 133 ? 6.831   -13.741 4.394   1.00 25.10 ? 133 THR A CG2 1 
ATOM   1070 N N   . LYS A 1 134 ? 3.279   -11.483 6.218   1.00 22.72 ? 134 LYS A N   1 
ATOM   1071 C CA  . LYS A 1 134 ? 2.462   -10.901 7.287   1.00 22.66 ? 134 LYS A CA  1 
ATOM   1072 C C   . LYS A 1 134 ? 1.648   -9.682  6.874   1.00 19.66 ? 134 LYS A C   1 
ATOM   1073 O O   . LYS A 1 134 ? 2.122   -8.840  6.114   1.00 19.23 ? 134 LYS A O   1 
ATOM   1074 C CB  . LYS A 1 134 ? 3.368   -10.498 8.460   1.00 27.42 ? 134 LYS A CB  1 
ATOM   1075 C CG  . LYS A 1 134 ? 2.711   -10.591 9.827   1.00 34.46 ? 134 LYS A CG  1 
ATOM   1076 C CD  . LYS A 1 134 ? 3.523   -9.841  10.874  1.00 41.55 ? 134 LYS A CD  1 
ATOM   1077 C CE  . LYS A 1 134 ? 2.786   -9.777  12.210  1.00 45.70 ? 134 LYS A CE  1 
ATOM   1078 N NZ  . LYS A 1 134 ? 2.439   -8.372  12.601  1.00 49.52 ? 134 LYS A NZ  1 
ATOM   1079 N N   . PHE A 1 135 ? 0.421   -9.596  7.378   1.00 18.38 ? 135 PHE A N   1 
ATOM   1080 C CA  . PHE A 1 135 ? -0.461  -8.456  7.117   1.00 16.84 ? 135 PHE A CA  1 
ATOM   1081 C C   . PHE A 1 135 ? -1.232  -8.135  8.397   1.00 18.06 ? 135 PHE A C   1 
ATOM   1082 O O   . PHE A 1 135 ? -1.911  -8.980  8.969   1.00 16.55 ? 135 PHE A O   1 
ATOM   1083 C CB  . PHE A 1 135 ? -1.458  -8.746  5.991   1.00 15.89 ? 135 PHE A CB  1 
ATOM   1084 C CG  . PHE A 1 135 ? -2.392  -7.602  5.700   1.00 13.90 ? 135 PHE A CG  1 
ATOM   1085 C CD1 . PHE A 1 135 ? -2.059  -6.648  4.746   1.00 13.44 ? 135 PHE A CD1 1 
ATOM   1086 C CD2 . PHE A 1 135 ? -3.594  -7.469  6.398   1.00 13.52 ? 135 PHE A CD2 1 
ATOM   1087 C CE1 . PHE A 1 135 ? -2.908  -5.569  4.490   1.00 14.87 ? 135 PHE A CE1 1 
ATOM   1088 C CE2 . PHE A 1 135 ? -4.458  -6.404  6.156   1.00 13.10 ? 135 PHE A CE2 1 
ATOM   1089 C CZ  . PHE A 1 135 ? -4.117  -5.445  5.198   1.00 15.20 ? 135 PHE A CZ  1 
ATOM   1090 N N   . ASN A 1 136 ? -1.120  -6.899  8.849   1.00 20.27 ? 136 ASN A N   1 
ATOM   1091 C CA  . ASN A 1 136 ? -1.802  -6.516  10.067  1.00 22.40 ? 136 ASN A CA  1 
ATOM   1092 C C   . ASN A 1 136 ? -2.304  -5.072  10.066  1.00 21.68 ? 136 ASN A C   1 
ATOM   1093 O O   . ASN A 1 136 ? -1.617  -4.169  9.599   1.00 19.29 ? 136 ASN A O   1 
ATOM   1094 C CB  . ASN A 1 136 ? -0.877  -6.736  11.262  1.00 25.75 ? 136 ASN A CB  1 
ATOM   1095 C CG  . ASN A 1 136 ? -1.527  -6.330  12.551  1.00 34.63 ? 136 ASN A CG  1 
ATOM   1096 O OD1 . ASN A 1 136 ? -1.387  -5.186  12.995  1.00 38.09 ? 136 ASN A OD1 1 
ATOM   1097 N ND2 . ASN A 1 136 ? -2.280  -7.253  13.154  1.00 37.04 ? 136 ASN A ND2 1 
ATOM   1098 N N   . VAL A 1 137 ? -3.522  -4.879  10.569  1.00 22.16 ? 137 VAL A N   1 
ATOM   1099 C CA  . VAL A 1 137 ? -4.128  -3.552  10.669  1.00 24.77 ? 137 VAL A CA  1 
ATOM   1100 C C   . VAL A 1 137 ? -4.311  -3.303  12.168  1.00 29.31 ? 137 VAL A C   1 
ATOM   1101 O O   . VAL A 1 137 ? -4.910  -4.129  12.867  1.00 28.45 ? 137 VAL A O   1 
ATOM   1102 C CB  . VAL A 1 137 ? -5.520  -3.498  9.982   1.00 23.00 ? 137 VAL A CB  1 
ATOM   1103 C CG1 . VAL A 1 137 ? -6.193  -2.160  10.266  1.00 21.18 ? 137 VAL A CG1 1 
ATOM   1104 C CG2 . VAL A 1 137 ? -5.377  -3.722  8.485   1.00 20.41 ? 137 VAL A CG2 1 
ATOM   1105 N N   . SER A 1 138 ? -3.777  -2.194  12.669  1.00 31.06 ? 138 SER A N   1 
ATOM   1106 C CA  . SER A 1 138 ? -3.913  -1.881  14.089  1.00 39.45 ? 138 SER A CA  1 
ATOM   1107 C C   . SER A 1 138 ? -5.266  -1.205  14.376  1.00 46.27 ? 138 SER A C   1 
ATOM   1108 O O   . SER A 1 138 ? -5.618  -0.194  13.745  1.00 47.98 ? 138 SER A O   1 
ATOM   1109 C CB  . SER A 1 138 ? -2.803  -0.946  14.542  1.00 36.68 ? 138 SER A CB  1 
ATOM   1110 O OG  . SER A 1 138 ? -3.200  0.391   14.294  1.00 35.77 ? 138 SER A OG  1 
ATOM   1111 N N   . TYR A 1 139 ? -6.010  -1.774  15.331  1.00 51.80 ? 139 TYR A N   1 
ATOM   1112 C CA  . TYR A 1 139 ? -7.324  -1.263  15.759  1.00 55.36 ? 139 TYR A CA  1 
ATOM   1113 C C   . TYR A 1 139 ? -7.191  -0.807  17.223  1.00 57.69 ? 139 TYR A C   1 
ATOM   1114 O O   . TYR A 1 139 ? -7.989  -1.180  18.095  1.00 58.44 ? 139 TYR A O   1 
ATOM   1115 C CB  . TYR A 1 139 ? -8.386  -2.370  15.630  1.00 53.44 ? 139 TYR A CB  1 
ATOM   1116 C CG  . TYR A 1 139 ? -8.675  -2.763  14.192  1.00 53.41 ? 139 TYR A CG  1 
ATOM   1117 C CD1 . TYR A 1 139 ? -9.378  -1.900  13.343  1.00 52.30 ? 139 TYR A CD1 1 
ATOM   1118 C CD2 . TYR A 1 139 ? -8.234  -3.991  13.672  1.00 52.96 ? 139 TYR A CD2 1 
ATOM   1119 C CE1 . TYR A 1 139 ? -9.638  -2.247  12.007  1.00 51.98 ? 139 TYR A CE1 1 
ATOM   1120 C CE2 . TYR A 1 139 ? -8.489  -4.350  12.336  1.00 52.46 ? 139 TYR A CE2 1 
ATOM   1121 C CZ  . TYR A 1 139 ? -9.191  -3.468  11.511  1.00 52.04 ? 139 TYR A CZ  1 
ATOM   1122 O OH  . TYR A 1 139 ? -9.435  -3.791  10.195  1.00 52.10 ? 139 TYR A OH  1 
ATOM   1123 N N   . LEU A 1 140 ? -6.160  0.009   17.452  1.00 59.74 ? 140 LEU A N   1 
ATOM   1124 C CA  . LEU A 1 140 ? -5.788  0.564   18.756  1.00 61.09 ? 140 LEU A CA  1 
ATOM   1125 C C   . LEU A 1 140 ? -6.608  1.778   19.229  1.00 63.49 ? 140 LEU A C   1 
ATOM   1126 O O   . LEU A 1 140 ? -7.069  1.817   20.379  1.00 61.52 ? 140 LEU A O   1 
ATOM   1127 C CB  . LEU A 1 140 ? -4.295  0.954   18.731  1.00 58.71 ? 140 LEU A CB  1 
ATOM   1128 C CG  . LEU A 1 140 ? -3.626  1.283   17.378  1.00 56.16 ? 140 LEU A CG  1 
ATOM   1129 C CD1 . LEU A 1 140 ? -4.554  2.087   16.482  1.00 52.58 ? 140 LEU A CD1 1 
ATOM   1130 C CD2 . LEU A 1 140 ? -2.345  2.062   17.622  1.00 54.92 ? 140 LEU A CD2 1 
ATOM   1131 N N   . LYS A 1 141 ? -6.771  2.764   18.340  1.00 66.48 ? 141 LYS A N   1 
ATOM   1132 C CA  . LYS A 1 141 ? -7.488  4.008   18.648  1.00 68.26 ? 141 LYS A CA  1 
ATOM   1133 C C   . LYS A 1 141 ? -8.984  4.019   18.290  1.00 69.93 ? 141 LYS A C   1 
ATOM   1134 O O   . LYS A 1 141 ? -9.446  3.260   17.428  1.00 69.14 ? 141 LYS A O   1 
ATOM   1135 C CB  . LYS A 1 141 ? -6.783  5.195   17.964  1.00 67.04 ? 141 LYS A CB  1 
ATOM   1136 C CG  . LYS A 1 141 ? -5.734  5.895   18.826  1.00 65.20 ? 141 LYS A CG  1 
ATOM   1137 C CD  . LYS A 1 141 ? -4.331  5.652   18.301  1.00 64.28 ? 141 LYS A CD  1 
ATOM   1138 C CE  . LYS A 1 141 ? -3.577  4.664   19.178  1.00 64.18 ? 141 LYS A CE  1 
ATOM   1139 N NZ  . LYS A 1 141 ? -2.130  4.617   18.824  1.00 64.66 ? 141 LYS A NZ  1 
ATOM   1140 N N   . ARG A 1 142 ? -9.725  4.898   18.972  1.00 72.79 ? 142 ARG A N   1 
ATOM   1141 C CA  . ARG A 1 142 ? -11.169 5.059   18.783  1.00 75.12 ? 142 ARG A CA  1 
ATOM   1142 C C   . ARG A 1 142 ? -11.512 5.635   17.405  1.00 76.67 ? 142 ARG A C   1 
ATOM   1143 O O   . ARG A 1 142 ? -12.716 5.664   17.055  1.00 78.15 ? 142 ARG A O   1 
ATOM   1144 C CB  . ARG A 1 142 ? -11.750 5.962   19.894  1.00 73.61 ? 142 ARG A CB  1 
ATOM   1145 O OXT . ARG A 1 142 ? -10.570 6.052   16.691  1.00 78.52 ? 142 ARG A OXT 1 
HETATM 1146 N N1  . NEQ B 2 .   ? 19.582  -11.425 -5.317  1.00 61.89 ? 143 NEQ A N1  1 
HETATM 1147 O O1  . NEQ B 2 .   ? 19.173  -10.140 -7.192  1.00 62.10 ? 143 NEQ A O1  1 
HETATM 1148 O O2  . NEQ B 2 .   ? 19.266  -13.067 -3.646  1.00 65.08 ? 143 NEQ A O2  1 
HETATM 1149 C C1  . NEQ B 2 .   ? 18.839  -11.015 -6.443  1.00 61.43 ? 143 NEQ A C1  1 
HETATM 1150 C C2  . NEQ B 2 .   ? 17.607  -11.884 -6.473  1.00 60.80 ? 143 NEQ A C2  1 
HETATM 1151 C C3  . NEQ B 2 .   ? 17.629  -12.722 -5.462  1.00 62.32 ? 143 NEQ A C3  1 
HETATM 1152 C C4  . NEQ B 2 .   ? 18.882  -12.493 -4.656  1.00 62.77 ? 143 NEQ A C4  1 
HETATM 1153 C C5  . NEQ B 2 .   ? 20.895  -10.836 -4.887  1.00 60.09 ? 143 NEQ A C5  1 
HETATM 1154 C C6  . NEQ B 2 .   ? 20.673  -9.739  -3.901  1.00 59.17 ? 143 NEQ A C6  1 
HETATM 1155 N N1  . NEQ C 2 .   ? -2.472  4.669   -13.157 1.00 60.43 ? 153 NEQ A N1  1 
HETATM 1156 O O1  . NEQ C 2 .   ? -1.891  5.742   -11.168 1.00 59.66 ? 153 NEQ A O1  1 
HETATM 1157 O O2  . NEQ C 2 .   ? -2.954  2.937   -14.636 1.00 61.02 ? 153 NEQ A O2  1 
HETATM 1158 C C1  . NEQ C 2 .   ? -2.113  4.722   -11.789 1.00 59.86 ? 153 NEQ A C1  1 
HETATM 1159 C C2  . NEQ C 2 .   ? -2.075  3.321   -11.335 1.00 57.40 ? 153 NEQ A C2  1 
HETATM 1160 C C3  . NEQ C 2 .   ? -2.378  2.510   -12.312 1.00 59.62 ? 153 NEQ A C3  1 
HETATM 1161 C C4  . NEQ C 2 .   ? -2.647  3.307   -13.535 1.00 60.20 ? 153 NEQ A C4  1 
HETATM 1162 C C5  . NEQ C 2 .   ? -2.632  5.861   -14.056 1.00 60.74 ? 153 NEQ A C5  1 
HETATM 1163 C C6  . NEQ C 2 .   ? -3.994  5.904   -14.667 1.00 61.43 ? 153 NEQ A C6  1 
HETATM 1164 O O   . HOH D 3 .   ? 12.948  8.145   8.811   1.00 24.86 ? 154 HOH A O   1 
HETATM 1165 O O   . HOH D 3 .   ? 13.494  6.670   2.019   1.00 40.85 ? 155 HOH A O   1 
HETATM 1166 O O   . HOH D 3 .   ? 14.795  1.882   4.580   1.00 38.52 ? 156 HOH A O   1 
HETATM 1167 O O   . HOH D 3 .   ? 15.410  -0.200  3.213   1.00 31.15 ? 157 HOH A O   1 
HETATM 1168 O O   . HOH D 3 .   ? 14.241  -4.264  1.144   1.00 27.95 ? 158 HOH A O   1 
HETATM 1169 O O   . HOH D 3 .   ? 12.754  -5.341  7.075   1.00 46.57 ? 159 HOH A O   1 
HETATM 1170 O O   . HOH D 3 .   ? 8.709   0.051   8.318   1.00 27.85 ? 160 HOH A O   1 
HETATM 1171 O O   . HOH D 3 .   ? 12.988  -5.730  -1.051  1.00 27.92 ? 161 HOH A O   1 
HETATM 1172 O O   . HOH D 3 .   ? 2.682   -5.914  13.400  1.00 65.78 ? 162 HOH A O   1 
HETATM 1173 O O   . HOH D 3 .   ? -0.176  -2.632  11.954  1.00 24.76 ? 163 HOH A O   1 
HETATM 1174 O O   . HOH D 3 .   ? -5.132  -7.471  10.869  1.00 25.17 ? 164 HOH A O   1 
HETATM 1175 O O   . HOH D 3 .   ? -2.361  -9.706  12.002  1.00 31.86 ? 165 HOH A O   1 
HETATM 1176 O O   . HOH D 3 .   ? 1.328   -14.620 8.931   1.00 45.60 ? 166 HOH A O   1 
HETATM 1177 O O   . HOH D 3 .   ? 2.572   -15.231 -0.442  1.00 22.82 ? 167 HOH A O   1 
HETATM 1178 O O   . HOH D 3 .   ? 2.827   -14.647 -4.438  1.00 38.94 ? 168 HOH A O   1 
HETATM 1179 O O   . HOH D 3 .   ? 1.419   -14.851 -6.619  1.00 62.63 ? 169 HOH A O   1 
HETATM 1180 O O   . HOH D 3 .   ? 0.851   -12.482 -7.846  1.00 27.06 ? 170 HOH A O   1 
HETATM 1181 O O   . HOH D 3 .   ? 1.926   -11.192 -9.975  0.50 41.57 ? 171 HOH A O   1 
HETATM 1182 O O   . HOH D 3 .   ? 4.675   -13.124 -10.839 1.00 16.32 ? 172 HOH A O   1 
HETATM 1183 O O   . HOH D 3 .   ? 2.605   -7.758  -11.993 0.50 4.68  ? 173 HOH A O   1 
HETATM 1184 O O   . HOH D 3 .   ? -14.722 4.211   18.225  1.00 27.02 ? 174 HOH A O   1 
HETATM 1185 O O   . HOH D 3 .   ? -7.111  -3.423  -6.012  1.00 20.20 ? 175 HOH A O   1 
HETATM 1186 O O   . HOH D 3 .   ? -13.009 -8.973  -2.878  1.00 55.15 ? 176 HOH A O   1 
HETATM 1187 O O   . HOH D 3 .   ? -14.578 -8.109  -7.033  1.00 45.72 ? 177 HOH A O   1 
HETATM 1188 O O   . HOH D 3 .   ? -7.761  -12.005 -2.918  1.00 41.67 ? 178 HOH A O   1 
HETATM 1189 O O   . HOH D 3 .   ? -5.808  -14.736 -4.393  1.00 42.99 ? 179 HOH A O   1 
HETATM 1190 O O   . HOH D 3 .   ? -3.407  -16.624 -6.072  1.00 52.56 ? 180 HOH A O   1 
HETATM 1191 O O   . HOH D 3 .   ? -0.510  -16.863 -2.698  1.00 62.87 ? 181 HOH A O   1 
HETATM 1192 O O   . HOH D 3 .   ? -7.311  -13.104 0.702   1.00 38.06 ? 182 HOH A O   1 
HETATM 1193 O O   . HOH D 3 .   ? -8.964  -11.995 4.602   1.00 31.03 ? 183 HOH A O   1 
HETATM 1194 O O   . HOH D 3 .   ? -8.520  -5.784  8.975   1.00 22.41 ? 184 HOH A O   1 
HETATM 1195 O O   . HOH D 3 .   ? -7.961  0.791   12.405  1.00 24.19 ? 185 HOH A O   1 
HETATM 1196 O O   . HOH D 3 .   ? -10.570 1.537   13.366  1.00 48.15 ? 186 HOH A O   1 
HETATM 1197 O O   . HOH D 3 .   ? -7.295  2.786   15.440  1.00 47.34 ? 187 HOH A O   1 
HETATM 1198 O O   . HOH D 3 .   ? -8.555  8.109   15.797  1.00 56.16 ? 188 HOH A O   1 
HETATM 1199 O O   . HOH D 3 .   ? 18.521  2.017   -2.468  1.00 54.94 ? 189 HOH A O   1 
HETATM 1200 O O   . HOH D 3 .   ? -11.660 12.186  8.152   1.00 52.76 ? 190 HOH A O   1 
HETATM 1201 O O   . HOH D 3 .   ? -14.037 12.555  2.079   1.00 26.81 ? 191 HOH A O   1 
HETATM 1202 O O   . HOH D 3 .   ? -11.454 14.198  -3.654  1.00 47.44 ? 192 HOH A O   1 
HETATM 1203 O O   . HOH D 3 .   ? -8.608  13.865  -6.260  1.00 34.51 ? 193 HOH A O   1 
HETATM 1204 O O   . HOH D 3 .   ? -6.054  14.838  -8.218  1.00 34.09 ? 194 HOH A O   1 
HETATM 1205 O O   . HOH D 3 .   ? -1.669  15.136  -5.102  1.00 57.77 ? 195 HOH A O   1 
HETATM 1206 O O   . HOH D 3 .   ? -2.999  13.518  -2.401  1.00 21.12 ? 196 HOH A O   1 
HETATM 1207 O O   . HOH D 3 .   ? -4.028  16.129  -3.220  1.00 51.79 ? 197 HOH A O   1 
HETATM 1208 O O   . HOH D 3 .   ? -6.033  16.334  -1.037  1.00 55.30 ? 198 HOH A O   1 
HETATM 1209 O O   . HOH D 3 .   ? -4.062  17.133  3.594   1.00 45.55 ? 199 HOH A O   1 
HETATM 1210 O O   . HOH D 3 .   ? -0.011  19.193  6.600   1.00 27.78 ? 200 HOH A O   1 
HETATM 1211 O O   . HOH D 3 .   ? 0.471   15.132  10.368  1.00 41.57 ? 201 HOH A O   1 
HETATM 1212 O O   . HOH D 3 .   ? 5.812   10.842  11.898  1.00 17.94 ? 202 HOH A O   1 
HETATM 1213 O O   . HOH D 3 .   ? 4.374   4.801   9.382   1.00 36.03 ? 203 HOH A O   1 
HETATM 1214 O O   . HOH D 3 .   ? 5.965   10.890  -1.272  1.00 30.50 ? 204 HOH A O   1 
HETATM 1215 O O   . HOH D 3 .   ? 12.736  -11.213 -16.945 1.00 61.04 ? 205 HOH A O   1 
HETATM 1216 O O   . HOH D 3 .   ? -0.035  14.147  -1.707  1.00 24.24 ? 206 HOH A O   1 
HETATM 1217 O O   . HOH D 3 .   ? 2.053   14.429  1.404   1.00 32.63 ? 207 HOH A O   1 
HETATM 1218 O O   . HOH D 3 .   ? 5.316   14.733  -0.073  1.00 53.69 ? 208 HOH A O   1 
HETATM 1219 O O   . HOH D 3 .   ? -13.985 12.833  -4.674  1.00 42.12 ? 209 HOH A O   1 
HETATM 1220 O O   . HOH D 3 .   ? 10.187  11.982  -9.867  1.00 47.39 ? 210 HOH A O   1 
HETATM 1221 O O   . HOH D 3 .   ? 17.495  -0.457  -4.239  1.00 45.92 ? 211 HOH A O   1 
HETATM 1222 O O   . HOH D 3 .   ? 20.737  -6.523  -1.992  1.00 42.99 ? 212 HOH A O   1 
HETATM 1223 O O   . HOH D 3 .   ? 14.451  -9.166  -5.726  1.00 38.35 ? 213 HOH A O   1 
HETATM 1224 O O   . HOH D 3 .   ? 14.060  -11.363 -4.740  1.00 55.76 ? 214 HOH A O   1 
HETATM 1225 O O   . HOH D 3 .   ? 9.419   -15.964 -1.756  1.00 58.82 ? 215 HOH A O   1 
HETATM 1226 O O   . HOH D 3 .   ? 18.660  -7.615  -10.257 1.00 34.24 ? 216 HOH A O   1 
HETATM 1227 O O   . HOH D 3 .   ? 16.817  -6.160  -17.436 1.00 41.81 ? 217 HOH A O   1 
HETATM 1228 O O   . HOH D 3 .   ? 15.124  -3.571  -16.125 1.00 46.33 ? 218 HOH A O   1 
HETATM 1229 O O   . HOH D 3 .   ? 10.725  -7.753  -17.174 1.00 28.81 ? 219 HOH A O   1 
HETATM 1230 O O   . HOH D 3 .   ? -9.567  7.015   -15.580 1.00 33.00 ? 220 HOH A O   1 
HETATM 1231 O O   . HOH D 3 .   ? -13.517 2.457   -9.265  1.00 15.63 ? 221 HOH A O   1 
HETATM 1232 O O   . HOH D 3 .   ? -17.250 3.937   -8.546  1.00 45.86 ? 222 HOH A O   1 
HETATM 1233 O O   . HOH D 3 .   ? -18.302 5.518   -5.938  1.00 50.34 ? 223 HOH A O   1 
HETATM 1234 O O   . HOH D 3 .   ? -16.903 2.387   -5.591  1.00 21.54 ? 224 HOH A O   1 
HETATM 1235 O O   . HOH D 3 .   ? -17.676 3.566   -3.148  1.00 29.14 ? 225 HOH A O   1 
HETATM 1236 O O   . HOH D 3 .   ? -16.929 3.621   1.766   1.00 29.97 ? 226 HOH A O   1 
HETATM 1237 O O   . HOH D 3 .   ? -15.173 0.646   7.182   1.00 44.99 ? 227 HOH A O   1 
HETATM 1238 O O   . HOH D 3 .   ? -14.731 3.088   8.265   1.00 41.95 ? 228 HOH A O   1 
HETATM 1239 O O   . HOH D 3 .   ? -12.259 3.025   7.181   1.00 21.21 ? 229 HOH A O   1 
HETATM 1240 O O   . HOH D 3 .   ? -13.108 4.131   10.203  1.00 29.41 ? 230 HOH A O   1 
HETATM 1241 O O   . HOH D 3 .   ? -15.312 -4.203  5.273   1.00 30.23 ? 231 HOH A O   1 
HETATM 1242 O O   . HOH D 3 .   ? -18.293 -3.537  0.581   1.00 23.85 ? 232 HOH A O   1 
HETATM 1243 O O   . HOH D 3 .   ? -7.390  8.908   2.491   1.00 14.35 ? 233 HOH A O   1 
HETATM 1244 O O   . HOH D 3 .   ? -7.098  9.697   -0.110  1.00 13.90 ? 234 HOH A O   1 
HETATM 1245 O O   . HOH D 3 .   ? -14.474 11.306  -10.993 1.00 30.30 ? 235 HOH A O   1 
# 
loop_
_pdbx_poly_seq_scheme.asym_id 
_pdbx_poly_seq_scheme.entity_id 
_pdbx_poly_seq_scheme.seq_id 
_pdbx_poly_seq_scheme.mon_id 
_pdbx_poly_seq_scheme.ndb_seq_num 
_pdbx_poly_seq_scheme.pdb_seq_num 
_pdbx_poly_seq_scheme.auth_seq_num 
_pdbx_poly_seq_scheme.pdb_mon_id 
_pdbx_poly_seq_scheme.auth_mon_id 
_pdbx_poly_seq_scheme.pdb_strand_id 
_pdbx_poly_seq_scheme.pdb_ins_code 
_pdbx_poly_seq_scheme.hetero 
A 1 1   MET 1   1   ?   ?   ?   A . n 
A 1 2   SER 2   2   2   SER SER A . n 
A 1 3   LEU 3   3   3   LEU LEU A . n 
A 1 4   LEU 4   4   4   LEU LEU A . n 
A 1 5   PRO 5   5   5   PRO PRO A . n 
A 1 6   VAL 6   6   6   VAL VAL A . n 
A 1 7   PRO 7   7   7   PRO PRO A . n 
A 1 8   TYR 8   8   8   TYR TYR A . n 
A 1 9   THR 9   9   9   THR THR A . n 
A 1 10  GLU 10  10  10  GLU GLU A . n 
A 1 11  ALA 11  11  11  ALA ALA A . n 
A 1 12  ALA 12  12  12  ALA ALA A . n 
A 1 13  SER 13  13  13  SER SER A . n 
A 1 14  LEU 14  14  14  LEU LEU A . n 
A 1 15  SER 15  15  15  SER SER A . n 
A 1 16  THR 16  16  16  THR THR A . n 
A 1 17  GLY 17  17  17  GLY GLY A . n 
A 1 18  SER 18  18  18  SER SER A . n 
A 1 19  THR 19  19  19  THR THR A . n 
A 1 20  VAL 20  20  20  VAL VAL A . n 
A 1 21  THR 21  21  21  THR THR A . n 
A 1 22  ILE 22  22  22  ILE ILE A . n 
A 1 23  LYS 23  23  23  LYS LYS A . n 
A 1 24  GLY 24  24  24  GLY GLY A . n 
A 1 25  ARG 25  25  25  ARG ARG A . n 
A 1 26  PRO 26  26  26  PRO PRO A . n 
A 1 27  LEU 27  27  27  LEU LEU A . n 
A 1 28  VAL 28  28  28  VAL VAL A . n 
A 1 29  CYS 29  29  29  CYS CYS A . n 
A 1 30  PHE 30  30  30  PHE PHE A . n 
A 1 31  LEU 31  31  31  LEU LEU A . n 
A 1 32  ASN 32  32  32  ASN ASN A . n 
A 1 33  GLU 33  33  33  GLU GLU A . n 
A 1 34  PRO 34  34  34  PRO PRO A . n 
A 1 35  TYR 35  35  35  TYR TYR A . n 
A 1 36  LEU 36  36  36  LEU LEU A . n 
A 1 37  GLN 37  37  37  GLN GLN A . n 
A 1 38  VAL 38  38  38  VAL VAL A . n 
A 1 39  ASP 39  39  39  ASP ASP A . n 
A 1 40  PHE 40  40  40  PHE PHE A . n 
A 1 41  HIS 41  41  41  HIS HIS A . n 
A 1 42  THR 42  42  42  THR THR A . n 
A 1 43  GLU 43  43  43  GLU GLU A . n 
A 1 44  MET 44  44  44  MET MET A . n 
A 1 45  LYS 45  45  45  LYS LYS A . n 
A 1 46  GLU 46  46  46  GLU GLU A . n 
A 1 47  GLU 47  47  47  GLU GLU A . n 
A 1 48  SER 48  48  48  SER SER A . n 
A 1 49  ASP 49  49  49  ASP ASP A . n 
A 1 50  ILE 50  50  50  ILE ILE A . n 
A 1 51  VAL 51  51  51  VAL VAL A . n 
A 1 52  PHE 52  52  52  PHE PHE A . n 
A 1 53  HIS 53  53  53  HIS HIS A . n 
A 1 54  PHE 54  54  54  PHE PHE A . n 
A 1 55  GLN 55  55  55  GLN GLN A . n 
A 1 56  VAL 56  56  56  VAL VAL A . n 
A 1 57  CYS 57  57  57  CYS CYS A . n 
A 1 58  PHE 58  58  58  PHE PHE A . n 
A 1 59  GLY 59  59  59  GLY GLY A . n 
A 1 60  ARG 60  60  60  ARG ARG A . n 
A 1 61  ARG 61  61  61  ARG ARG A . n 
A 1 62  VAL 62  62  62  VAL VAL A . n 
A 1 63  VAL 63  63  63  VAL VAL A . n 
A 1 64  MET 64  64  64  MET MET A . n 
A 1 65  ASN 65  65  65  ASN ASN A . n 
A 1 66  SER 66  66  66  SER SER A . n 
A 1 67  ARG 67  67  67  ARG ARG A . n 
A 1 68  GLU 68  68  68  GLU GLU A . n 
A 1 69  TYR 69  69  69  TYR TYR A . n 
A 1 70  GLY 70  70  70  GLY GLY A . n 
A 1 71  ALA 71  71  71  ALA ALA A . n 
A 1 72  TRP 72  72  72  TRP TRP A . n 
A 1 73  LYS 73  73  73  LYS LYS A . n 
A 1 74  GLN 74  74  74  GLN GLN A . n 
A 1 75  GLN 75  75  75  GLN GLN A . n 
A 1 76  VAL 76  76  76  VAL VAL A . n 
A 1 77  GLU 77  77  77  GLU GLU A . n 
A 1 78  SER 78  78  78  SER SER A . n 
A 1 79  LYS 79  79  79  LYS LYS A . n 
A 1 80  ASN 80  80  80  ASN ASN A . n 
A 1 81  MET 81  81  81  MET MET A . n 
A 1 82  PRO 82  82  82  PRO PRO A . n 
A 1 83  PHE 83  83  83  PHE PHE A . n 
A 1 84  GLN 84  84  84  GLN GLN A . n 
A 1 85  ASP 85  85  85  ASP ASP A . n 
A 1 86  GLY 86  86  86  GLY GLY A . n 
A 1 87  GLN 87  87  87  GLN GLN A . n 
A 1 88  GLU 88  88  88  GLU GLU A . n 
A 1 89  PHE 89  89  89  PHE PHE A . n 
A 1 90  GLU 90  90  90  GLU GLU A . n 
A 1 91  LEU 91  91  91  LEU LEU A . n 
A 1 92  SER 92  92  92  SER SER A . n 
A 1 93  ILE 93  93  93  ILE ILE A . n 
A 1 94  SER 94  94  94  SER SER A . n 
A 1 95  VAL 95  95  95  VAL VAL A . n 
A 1 96  LEU 96  96  96  LEU LEU A . n 
A 1 97  PRO 97  97  97  PRO PRO A . n 
A 1 98  ASP 98  98  98  ASP ASP A . n 
A 1 99  LYS 99  99  99  LYS LYS A . n 
A 1 100 TYR 100 100 100 TYR TYR A . n 
A 1 101 GLN 101 101 101 GLN GLN A . n 
A 1 102 VAL 102 102 102 VAL VAL A . n 
A 1 103 MET 103 103 103 MET MET A . n 
A 1 104 VAL 104 104 104 VAL VAL A . n 
A 1 105 ASN 105 105 105 ASN ASN A . n 
A 1 106 GLY 106 106 106 GLY GLY A . n 
A 1 107 GLN 107 107 107 GLN GLN A . n 
A 1 108 SER 108 108 108 SER SER A . n 
A 1 109 SER 109 109 109 SER SER A . n 
A 1 110 TYR 110 110 110 TYR TYR A . n 
A 1 111 THR 111 111 111 THR THR A . n 
A 1 112 PHE 112 112 112 PHE PHE A . n 
A 1 113 ASP 113 113 113 ASP ASP A . n 
A 1 114 HIS 114 114 114 HIS HIS A . n 
A 1 115 ARG 115 115 115 ARG ARG A . n 
A 1 116 ILE 116 116 116 ILE ILE A . n 
A 1 117 LYS 117 117 117 LYS LYS A . n 
A 1 118 PRO 118 118 118 PRO PRO A . n 
A 1 119 GLU 119 119 119 GLU GLU A . n 
A 1 120 ALA 120 120 120 ALA ALA A . n 
A 1 121 VAL 121 121 121 VAL VAL A . n 
A 1 122 LYS 122 122 122 LYS LYS A . n 
A 1 123 MET 123 123 123 MET MET A . n 
A 1 124 VAL 124 124 124 VAL VAL A . n 
A 1 125 GLN 125 125 125 GLN GLN A . n 
A 1 126 VAL 126 126 126 VAL VAL A . n 
A 1 127 TRP 127 127 127 TRP TRP A . n 
A 1 128 ARG 128 128 128 ARG ARG A . n 
A 1 129 ASP 129 129 129 ASP ASP A . n 
A 1 130 ILE 130 130 130 ILE ILE A . n 
A 1 131 SER 131 131 131 SER SER A . n 
A 1 132 LEU 132 132 132 LEU LEU A . n 
A 1 133 THR 133 133 133 THR THR A . n 
A 1 134 LYS 134 134 134 LYS LYS A . n 
A 1 135 PHE 135 135 135 PHE PHE A . n 
A 1 136 ASN 136 136 136 ASN ASN A . n 
A 1 137 VAL 137 137 137 VAL VAL A . n 
A 1 138 SER 138 138 138 SER SER A . n 
A 1 139 TYR 139 139 139 TYR TYR A . n 
A 1 140 LEU 140 140 140 LEU LEU A . n 
A 1 141 LYS 141 141 141 LYS LYS A . n 
A 1 142 ARG 142 142 142 ARG ARG A . n 
# 
loop_
_pdbx_nonpoly_scheme.asym_id 
_pdbx_nonpoly_scheme.entity_id 
_pdbx_nonpoly_scheme.mon_id 
_pdbx_nonpoly_scheme.ndb_seq_num 
_pdbx_nonpoly_scheme.pdb_seq_num 
_pdbx_nonpoly_scheme.auth_seq_num 
_pdbx_nonpoly_scheme.pdb_mon_id 
_pdbx_nonpoly_scheme.auth_mon_id 
_pdbx_nonpoly_scheme.pdb_strand_id 
_pdbx_nonpoly_scheme.pdb_ins_code 
B 2 NEQ 1  143 29 NEQ NEM A . 
C 2 NEQ 1  153 53 NEQ NEM A . 
D 3 HOH 1  154 1  HOH WAT A . 
D 3 HOH 2  155 2  HOH WAT A . 
D 3 HOH 3  156 3  HOH WAT A . 
D 3 HOH 4  157 4  HOH WAT A . 
D 3 HOH 5  158 5  HOH WAT A . 
D 3 HOH 6  159 6  HOH WAT A . 
D 3 HOH 7  160 7  HOH WAT A . 
D 3 HOH 8  161 8  HOH WAT A . 
D 3 HOH 9  162 9  HOH WAT A . 
D 3 HOH 10 163 10 HOH WAT A . 
D 3 HOH 11 164 11 HOH WAT A . 
D 3 HOH 12 165 12 HOH WAT A . 
D 3 HOH 13 166 13 HOH WAT A . 
D 3 HOH 14 167 14 HOH WAT A . 
D 3 HOH 15 168 15 HOH WAT A . 
D 3 HOH 16 169 16 HOH WAT A . 
D 3 HOH 17 170 17 HOH WAT A . 
D 3 HOH 18 171 18 HOH WAT A . 
D 3 HOH 19 172 19 HOH WAT A . 
D 3 HOH 20 173 20 HOH WAT A . 
D 3 HOH 21 174 21 HOH WAT A . 
D 3 HOH 22 175 22 HOH WAT A . 
D 3 HOH 23 176 23 HOH WAT A . 
D 3 HOH 24 177 24 HOH WAT A . 
D 3 HOH 25 178 25 HOH WAT A . 
D 3 HOH 26 179 26 HOH WAT A . 
D 3 HOH 27 180 27 HOH WAT A . 
D 3 HOH 28 181 28 HOH WAT A . 
D 3 HOH 29 182 29 HOH WAT A . 
D 3 HOH 30 183 30 HOH WAT A . 
D 3 HOH 31 184 31 HOH WAT A . 
D 3 HOH 32 185 32 HOH WAT A . 
D 3 HOH 33 186 33 HOH WAT A . 
D 3 HOH 34 187 34 HOH WAT A . 
D 3 HOH 35 188 35 HOH WAT A . 
D 3 HOH 36 189 36 HOH WAT A . 
D 3 HOH 37 190 37 HOH WAT A . 
D 3 HOH 38 191 38 HOH WAT A . 
D 3 HOH 39 192 39 HOH WAT A . 
D 3 HOH 40 193 40 HOH WAT A . 
D 3 HOH 41 194 41 HOH WAT A . 
D 3 HOH 42 195 42 HOH WAT A . 
D 3 HOH 43 196 43 HOH WAT A . 
D 3 HOH 44 197 44 HOH WAT A . 
D 3 HOH 45 198 45 HOH WAT A . 
D 3 HOH 46 199 46 HOH WAT A . 
D 3 HOH 47 200 47 HOH WAT A . 
D 3 HOH 48 201 48 HOH WAT A . 
D 3 HOH 49 202 49 HOH WAT A . 
D 3 HOH 50 203 50 HOH WAT A . 
D 3 HOH 51 204 51 HOH WAT A . 
D 3 HOH 52 205 52 HOH WAT A . 
D 3 HOH 53 206 53 HOH WAT A . 
D 3 HOH 54 207 54 HOH WAT A . 
D 3 HOH 55 208 55 HOH WAT A . 
D 3 HOH 56 209 56 HOH WAT A . 
D 3 HOH 57 210 57 HOH WAT A . 
D 3 HOH 58 211 58 HOH WAT A . 
D 3 HOH 59 212 59 HOH WAT A . 
D 3 HOH 60 213 60 HOH WAT A . 
D 3 HOH 61 214 61 HOH WAT A . 
D 3 HOH 62 215 62 HOH WAT A . 
D 3 HOH 63 216 63 HOH WAT A . 
D 3 HOH 64 217 64 HOH WAT A . 
D 3 HOH 65 218 65 HOH WAT A . 
D 3 HOH 66 219 66 HOH WAT A . 
D 3 HOH 67 220 67 HOH WAT A . 
D 3 HOH 68 221 69 HOH WAT A . 
D 3 HOH 69 222 70 HOH WAT A . 
D 3 HOH 70 223 71 HOH WAT A . 
D 3 HOH 71 224 72 HOH WAT A . 
D 3 HOH 72 225 73 HOH WAT A . 
D 3 HOH 73 226 74 HOH WAT A . 
D 3 HOH 74 227 75 HOH WAT A . 
D 3 HOH 75 228 76 HOH WAT A . 
D 3 HOH 76 229 77 HOH WAT A . 
D 3 HOH 77 230 78 HOH WAT A . 
D 3 HOH 78 231 79 HOH WAT A . 
D 3 HOH 79 232 80 HOH WAT A . 
D 3 HOH 80 233 81 HOH WAT A . 
D 3 HOH 81 234 82 HOH WAT A . 
D 3 HOH 82 235 83 HOH WAT A . 
# 
_pdbx_struct_assembly.id                   1 
_pdbx_struct_assembly.details              author_defined_assembly 
_pdbx_struct_assembly.method_details       ? 
_pdbx_struct_assembly.oligomeric_details   monomeric 
_pdbx_struct_assembly.oligomeric_count     1 
# 
_pdbx_struct_assembly_gen.assembly_id       1 
_pdbx_struct_assembly_gen.oper_expression   1 
_pdbx_struct_assembly_gen.asym_id_list      A,B,C,D 
# 
_pdbx_struct_oper_list.id                   1 
_pdbx_struct_oper_list.type                 'identity operation' 
_pdbx_struct_oper_list.name                 1_555 
_pdbx_struct_oper_list.symmetry_operation   x,y,z 
_pdbx_struct_oper_list.matrix[1][1]         1.0000000000 
_pdbx_struct_oper_list.matrix[1][2]         0.0000000000 
_pdbx_struct_oper_list.matrix[1][3]         0.0000000000 
_pdbx_struct_oper_list.vector[1]            0.0000000000 
_pdbx_struct_oper_list.matrix[2][1]         0.0000000000 
_pdbx_struct_oper_list.matrix[2][2]         1.0000000000 
_pdbx_struct_oper_list.matrix[2][3]         0.0000000000 
_pdbx_struct_oper_list.vector[2]            0.0000000000 
_pdbx_struct_oper_list.matrix[3][1]         0.0000000000 
_pdbx_struct_oper_list.matrix[3][2]         0.0000000000 
_pdbx_struct_oper_list.matrix[3][3]         1.0000000000 
_pdbx_struct_oper_list.vector[3]            0.0000000000 
# 
loop_
_pdbx_struct_special_symmetry.id 
_pdbx_struct_special_symmetry.PDB_model_num 
_pdbx_struct_special_symmetry.auth_asym_id 
_pdbx_struct_special_symmetry.auth_comp_id 
_pdbx_struct_special_symmetry.auth_seq_id 
_pdbx_struct_special_symmetry.PDB_ins_code 
_pdbx_struct_special_symmetry.label_asym_id 
_pdbx_struct_special_symmetry.label_comp_id 
_pdbx_struct_special_symmetry.label_seq_id 
1 1 A HOH 171 ? D HOH . 
2 1 A HOH 173 ? D HOH . 
# 
loop_
_pdbx_audit_revision_history.ordinal 
_pdbx_audit_revision_history.data_content_type 
_pdbx_audit_revision_history.major_revision 
_pdbx_audit_revision_history.minor_revision 
_pdbx_audit_revision_history.revision_date 
1 'Structure model' 1 0 2002-06-19 
2 'Structure model' 1 1 2008-04-27 
3 'Structure model' 1 2 2011-07-13 
4 'Structure model' 1 3 2023-08-09 
# 
_pdbx_audit_revision_details.ordinal             1 
_pdbx_audit_revision_details.revision_ordinal    1 
_pdbx_audit_revision_details.data_content_type   'Structure model' 
_pdbx_audit_revision_details.provider            repository 
_pdbx_audit_revision_details.type                'Initial release' 
_pdbx_audit_revision_details.description         ? 
_pdbx_audit_revision_details.details             ? 
# 
loop_
_pdbx_audit_revision_group.ordinal 
_pdbx_audit_revision_group.revision_ordinal 
_pdbx_audit_revision_group.data_content_type 
_pdbx_audit_revision_group.group 
1 2 'Structure model' 'Version format compliance' 
2 3 'Structure model' 'Version format compliance' 
3 4 'Structure model' 'Data collection'           
4 4 'Structure model' 'Database references'       
5 4 'Structure model' 'Derived calculations'      
6 4 'Structure model' 'Refinement description'    
# 
loop_
_pdbx_audit_revision_category.ordinal 
_pdbx_audit_revision_category.revision_ordinal 
_pdbx_audit_revision_category.data_content_type 
_pdbx_audit_revision_category.category 
1 4 'Structure model' chem_comp_atom                
2 4 'Structure model' chem_comp_bond                
3 4 'Structure model' database_2                    
4 4 'Structure model' pdbx_initial_refinement_model 
5 4 'Structure model' struct_site                   
# 
loop_
_pdbx_audit_revision_item.ordinal 
_pdbx_audit_revision_item.revision_ordinal 
_pdbx_audit_revision_item.data_content_type 
_pdbx_audit_revision_item.item 
1 4 'Structure model' '_database_2.pdbx_DOI'                
2 4 'Structure model' '_database_2.pdbx_database_accession' 
3 4 'Structure model' '_struct_site.pdbx_auth_asym_id'      
4 4 'Structure model' '_struct_site.pdbx_auth_comp_id'      
5 4 'Structure model' '_struct_site.pdbx_auth_seq_id'       
# 
loop_
_software.name 
_software.classification 
_software.version 
_software.citation_id 
_software.pdbx_ordinal 
X-PLOR    'model building' .     ? 1 
X-PLOR    refinement       3.851 ? 2 
DENZO     'data reduction' .     ? 3 
SCALEPACK 'data scaling'   .     ? 4 
X-PLOR    phasing          .     ? 5 
# 
_pdbx_validate_symm_contact.id                1 
_pdbx_validate_symm_contact.PDB_model_num     1 
_pdbx_validate_symm_contact.auth_atom_id_1    O 
_pdbx_validate_symm_contact.auth_asym_id_1    A 
_pdbx_validate_symm_contact.auth_comp_id_1    HOH 
_pdbx_validate_symm_contact.auth_seq_id_1     169 
_pdbx_validate_symm_contact.PDB_ins_code_1    ? 
_pdbx_validate_symm_contact.label_alt_id_1    ? 
_pdbx_validate_symm_contact.site_symmetry_1   1_555 
_pdbx_validate_symm_contact.auth_atom_id_2    O 
_pdbx_validate_symm_contact.auth_asym_id_2    A 
_pdbx_validate_symm_contact.auth_comp_id_2    HOH 
_pdbx_validate_symm_contact.auth_seq_id_2     169 
_pdbx_validate_symm_contact.PDB_ins_code_2    ? 
_pdbx_validate_symm_contact.label_alt_id_2    ? 
_pdbx_validate_symm_contact.site_symmetry_2   11_555 
_pdbx_validate_symm_contact.dist              2.03 
# 
loop_
_pdbx_validate_torsion.id 
_pdbx_validate_torsion.PDB_model_num 
_pdbx_validate_torsion.auth_comp_id 
_pdbx_validate_torsion.auth_asym_id 
_pdbx_validate_torsion.auth_seq_id 
_pdbx_validate_torsion.PDB_ins_code 
_pdbx_validate_torsion.label_alt_id 
_pdbx_validate_torsion.phi 
_pdbx_validate_torsion.psi 
1 1 ARG A 60  ? ? -124.43 -83.95  
2 1 LYS A 73  ? ? -102.42 -149.58 
3 1 ARG A 128 ? ? 90.39   -154.95 
4 1 TYR A 139 ? ? -115.13 50.61   
# 
_pdbx_validate_planes.id              1 
_pdbx_validate_planes.PDB_model_num   1 
_pdbx_validate_planes.auth_comp_id    TYR 
_pdbx_validate_planes.auth_asym_id    A 
_pdbx_validate_planes.auth_seq_id     69 
_pdbx_validate_planes.PDB_ins_code    ? 
_pdbx_validate_planes.label_alt_id    ? 
_pdbx_validate_planes.rmsd            0.078 
_pdbx_validate_planes.type            'SIDE CHAIN' 
# 
loop_
_pdbx_unobs_or_zero_occ_atoms.id 
_pdbx_unobs_or_zero_occ_atoms.PDB_model_num 
_pdbx_unobs_or_zero_occ_atoms.polymer_flag 
_pdbx_unobs_or_zero_occ_atoms.occupancy_flag 
_pdbx_unobs_or_zero_occ_atoms.auth_asym_id 
_pdbx_unobs_or_zero_occ_atoms.auth_comp_id 
_pdbx_unobs_or_zero_occ_atoms.auth_seq_id 
_pdbx_unobs_or_zero_occ_atoms.PDB_ins_code 
_pdbx_unobs_or_zero_occ_atoms.auth_atom_id 
_pdbx_unobs_or_zero_occ_atoms.label_alt_id 
_pdbx_unobs_or_zero_occ_atoms.label_asym_id 
_pdbx_unobs_or_zero_occ_atoms.label_comp_id 
_pdbx_unobs_or_zero_occ_atoms.label_seq_id 
_pdbx_unobs_or_zero_occ_atoms.label_atom_id 
1 1 Y 1 A ARG 142 ? CG  ? A ARG 142 CG  
2 1 Y 1 A ARG 142 ? CD  ? A ARG 142 CD  
3 1 Y 1 A ARG 142 ? NE  ? A ARG 142 NE  
4 1 Y 1 A ARG 142 ? CZ  ? A ARG 142 CZ  
5 1 Y 1 A ARG 142 ? NH1 ? A ARG 142 NH1 
6 1 Y 1 A ARG 142 ? NH2 ? A ARG 142 NH2 
# 
_pdbx_unobs_or_zero_occ_residues.id               1 
_pdbx_unobs_or_zero_occ_residues.PDB_model_num    1 
_pdbx_unobs_or_zero_occ_residues.polymer_flag     Y 
_pdbx_unobs_or_zero_occ_residues.occupancy_flag   1 
_pdbx_unobs_or_zero_occ_residues.auth_asym_id     A 
_pdbx_unobs_or_zero_occ_residues.auth_comp_id     MET 
_pdbx_unobs_or_zero_occ_residues.auth_seq_id      1 
_pdbx_unobs_or_zero_occ_residues.PDB_ins_code     ? 
_pdbx_unobs_or_zero_occ_residues.label_asym_id    A 
_pdbx_unobs_or_zero_occ_residues.label_comp_id    MET 
_pdbx_unobs_or_zero_occ_residues.label_seq_id     1 
# 
loop_
_chem_comp_atom.comp_id 
_chem_comp_atom.atom_id 
_chem_comp_atom.type_symbol 
_chem_comp_atom.pdbx_aromatic_flag 
_chem_comp_atom.pdbx_stereo_config 
_chem_comp_atom.pdbx_ordinal 
ALA N    N N N 1   
ALA CA   C N S 2   
ALA C    C N N 3   
ALA O    O N N 4   
ALA CB   C N N 5   
ALA OXT  O N N 6   
ALA H    H N N 7   
ALA H2   H N N 8   
ALA HA   H N N 9   
ALA HB1  H N N 10  
ALA HB2  H N N 11  
ALA HB3  H N N 12  
ALA HXT  H N N 13  
ARG N    N N N 14  
ARG CA   C N S 15  
ARG C    C N N 16  
ARG O    O N N 17  
ARG CB   C N N 18  
ARG CG   C N N 19  
ARG CD   C N N 20  
ARG NE   N N N 21  
ARG CZ   C N N 22  
ARG NH1  N N N 23  
ARG NH2  N N N 24  
ARG OXT  O N N 25  
ARG H    H N N 26  
ARG H2   H N N 27  
ARG HA   H N N 28  
ARG HB2  H N N 29  
ARG HB3  H N N 30  
ARG HG2  H N N 31  
ARG HG3  H N N 32  
ARG HD2  H N N 33  
ARG HD3  H N N 34  
ARG HE   H N N 35  
ARG HH11 H N N 36  
ARG HH12 H N N 37  
ARG HH21 H N N 38  
ARG HH22 H N N 39  
ARG HXT  H N N 40  
ASN N    N N N 41  
ASN CA   C N S 42  
ASN C    C N N 43  
ASN O    O N N 44  
ASN CB   C N N 45  
ASN CG   C N N 46  
ASN OD1  O N N 47  
ASN ND2  N N N 48  
ASN OXT  O N N 49  
ASN H    H N N 50  
ASN H2   H N N 51  
ASN HA   H N N 52  
ASN HB2  H N N 53  
ASN HB3  H N N 54  
ASN HD21 H N N 55  
ASN HD22 H N N 56  
ASN HXT  H N N 57  
ASP N    N N N 58  
ASP CA   C N S 59  
ASP C    C N N 60  
ASP O    O N N 61  
ASP CB   C N N 62  
ASP CG   C N N 63  
ASP OD1  O N N 64  
ASP OD2  O N N 65  
ASP OXT  O N N 66  
ASP H    H N N 67  
ASP H2   H N N 68  
ASP HA   H N N 69  
ASP HB2  H N N 70  
ASP HB3  H N N 71  
ASP HD2  H N N 72  
ASP HXT  H N N 73  
CYS N    N N N 74  
CYS CA   C N R 75  
CYS C    C N N 76  
CYS O    O N N 77  
CYS CB   C N N 78  
CYS SG   S N N 79  
CYS OXT  O N N 80  
CYS H    H N N 81  
CYS H2   H N N 82  
CYS HA   H N N 83  
CYS HB2  H N N 84  
CYS HB3  H N N 85  
CYS HG   H N N 86  
CYS HXT  H N N 87  
GLN N    N N N 88  
GLN CA   C N S 89  
GLN C    C N N 90  
GLN O    O N N 91  
GLN CB   C N N 92  
GLN CG   C N N 93  
GLN CD   C N N 94  
GLN OE1  O N N 95  
GLN NE2  N N N 96  
GLN OXT  O N N 97  
GLN H    H N N 98  
GLN H2   H N N 99  
GLN HA   H N N 100 
GLN HB2  H N N 101 
GLN HB3  H N N 102 
GLN HG2  H N N 103 
GLN HG3  H N N 104 
GLN HE21 H N N 105 
GLN HE22 H N N 106 
GLN HXT  H N N 107 
GLU N    N N N 108 
GLU CA   C N S 109 
GLU C    C N N 110 
GLU O    O N N 111 
GLU CB   C N N 112 
GLU CG   C N N 113 
GLU CD   C N N 114 
GLU OE1  O N N 115 
GLU OE2  O N N 116 
GLU OXT  O N N 117 
GLU H    H N N 118 
GLU H2   H N N 119 
GLU HA   H N N 120 
GLU HB2  H N N 121 
GLU HB3  H N N 122 
GLU HG2  H N N 123 
GLU HG3  H N N 124 
GLU HE2  H N N 125 
GLU HXT  H N N 126 
GLY N    N N N 127 
GLY CA   C N N 128 
GLY C    C N N 129 
GLY O    O N N 130 
GLY OXT  O N N 131 
GLY H    H N N 132 
GLY H2   H N N 133 
GLY HA2  H N N 134 
GLY HA3  H N N 135 
GLY HXT  H N N 136 
HIS N    N N N 137 
HIS CA   C N S 138 
HIS C    C N N 139 
HIS O    O N N 140 
HIS CB   C N N 141 
HIS CG   C Y N 142 
HIS ND1  N Y N 143 
HIS CD2  C Y N 144 
HIS CE1  C Y N 145 
HIS NE2  N Y N 146 
HIS OXT  O N N 147 
HIS H    H N N 148 
HIS H2   H N N 149 
HIS HA   H N N 150 
HIS HB2  H N N 151 
HIS HB3  H N N 152 
HIS HD1  H N N 153 
HIS HD2  H N N 154 
HIS HE1  H N N 155 
HIS HE2  H N N 156 
HIS HXT  H N N 157 
HOH O    O N N 158 
HOH H1   H N N 159 
HOH H2   H N N 160 
ILE N    N N N 161 
ILE CA   C N S 162 
ILE C    C N N 163 
ILE O    O N N 164 
ILE CB   C N S 165 
ILE CG1  C N N 166 
ILE CG2  C N N 167 
ILE CD1  C N N 168 
ILE OXT  O N N 169 
ILE H    H N N 170 
ILE H2   H N N 171 
ILE HA   H N N 172 
ILE HB   H N N 173 
ILE HG12 H N N 174 
ILE HG13 H N N 175 
ILE HG21 H N N 176 
ILE HG22 H N N 177 
ILE HG23 H N N 178 
ILE HD11 H N N 179 
ILE HD12 H N N 180 
ILE HD13 H N N 181 
ILE HXT  H N N 182 
LEU N    N N N 183 
LEU CA   C N S 184 
LEU C    C N N 185 
LEU O    O N N 186 
LEU CB   C N N 187 
LEU CG   C N N 188 
LEU CD1  C N N 189 
LEU CD2  C N N 190 
LEU OXT  O N N 191 
LEU H    H N N 192 
LEU H2   H N N 193 
LEU HA   H N N 194 
LEU HB2  H N N 195 
LEU HB3  H N N 196 
LEU HG   H N N 197 
LEU HD11 H N N 198 
LEU HD12 H N N 199 
LEU HD13 H N N 200 
LEU HD21 H N N 201 
LEU HD22 H N N 202 
LEU HD23 H N N 203 
LEU HXT  H N N 204 
LYS N    N N N 205 
LYS CA   C N S 206 
LYS C    C N N 207 
LYS O    O N N 208 
LYS CB   C N N 209 
LYS CG   C N N 210 
LYS CD   C N N 211 
LYS CE   C N N 212 
LYS NZ   N N N 213 
LYS OXT  O N N 214 
LYS H    H N N 215 
LYS H2   H N N 216 
LYS HA   H N N 217 
LYS HB2  H N N 218 
LYS HB3  H N N 219 
LYS HG2  H N N 220 
LYS HG3  H N N 221 
LYS HD2  H N N 222 
LYS HD3  H N N 223 
LYS HE2  H N N 224 
LYS HE3  H N N 225 
LYS HZ1  H N N 226 
LYS HZ2  H N N 227 
LYS HZ3  H N N 228 
LYS HXT  H N N 229 
MET N    N N N 230 
MET CA   C N S 231 
MET C    C N N 232 
MET O    O N N 233 
MET CB   C N N 234 
MET CG   C N N 235 
MET SD   S N N 236 
MET CE   C N N 237 
MET OXT  O N N 238 
MET H    H N N 239 
MET H2   H N N 240 
MET HA   H N N 241 
MET HB2  H N N 242 
MET HB3  H N N 243 
MET HG2  H N N 244 
MET HG3  H N N 245 
MET HE1  H N N 246 
MET HE2  H N N 247 
MET HE3  H N N 248 
MET HXT  H N N 249 
NEQ N1   N N N 250 
NEQ O1   O N N 251 
NEQ O2   O N N 252 
NEQ C1   C N N 253 
NEQ C2   C N N 254 
NEQ C3   C N N 255 
NEQ C4   C N N 256 
NEQ C5   C N N 257 
NEQ C6   C N N 258 
NEQ H21  H N N 259 
NEQ H31  H N N 260 
NEQ H51  H N N 261 
NEQ H52  H N N 262 
NEQ H61  H N N 263 
NEQ H62  H N N 264 
NEQ H63  H N N 265 
PHE N    N N N 266 
PHE CA   C N S 267 
PHE C    C N N 268 
PHE O    O N N 269 
PHE CB   C N N 270 
PHE CG   C Y N 271 
PHE CD1  C Y N 272 
PHE CD2  C Y N 273 
PHE CE1  C Y N 274 
PHE CE2  C Y N 275 
PHE CZ   C Y N 276 
PHE OXT  O N N 277 
PHE H    H N N 278 
PHE H2   H N N 279 
PHE HA   H N N 280 
PHE HB2  H N N 281 
PHE HB3  H N N 282 
PHE HD1  H N N 283 
PHE HD2  H N N 284 
PHE HE1  H N N 285 
PHE HE2  H N N 286 
PHE HZ   H N N 287 
PHE HXT  H N N 288 
PRO N    N N N 289 
PRO CA   C N S 290 
PRO C    C N N 291 
PRO O    O N N 292 
PRO CB   C N N 293 
PRO CG   C N N 294 
PRO CD   C N N 295 
PRO OXT  O N N 296 
PRO H    H N N 297 
PRO HA   H N N 298 
PRO HB2  H N N 299 
PRO HB3  H N N 300 
PRO HG2  H N N 301 
PRO HG3  H N N 302 
PRO HD2  H N N 303 
PRO HD3  H N N 304 
PRO HXT  H N N 305 
SER N    N N N 306 
SER CA   C N S 307 
SER C    C N N 308 
SER O    O N N 309 
SER CB   C N N 310 
SER OG   O N N 311 
SER OXT  O N N 312 
SER H    H N N 313 
SER H2   H N N 314 
SER HA   H N N 315 
SER HB2  H N N 316 
SER HB3  H N N 317 
SER HG   H N N 318 
SER HXT  H N N 319 
THR N    N N N 320 
THR CA   C N S 321 
THR C    C N N 322 
THR O    O N N 323 
THR CB   C N R 324 
THR OG1  O N N 325 
THR CG2  C N N 326 
THR OXT  O N N 327 
THR H    H N N 328 
THR H2   H N N 329 
THR HA   H N N 330 
THR HB   H N N 331 
THR HG1  H N N 332 
THR HG21 H N N 333 
THR HG22 H N N 334 
THR HG23 H N N 335 
THR HXT  H N N 336 
TRP N    N N N 337 
TRP CA   C N S 338 
TRP C    C N N 339 
TRP O    O N N 340 
TRP CB   C N N 341 
TRP CG   C Y N 342 
TRP CD1  C Y N 343 
TRP CD2  C Y N 344 
TRP NE1  N Y N 345 
TRP CE2  C Y N 346 
TRP CE3  C Y N 347 
TRP CZ2  C Y N 348 
TRP CZ3  C Y N 349 
TRP CH2  C Y N 350 
TRP OXT  O N N 351 
TRP H    H N N 352 
TRP H2   H N N 353 
TRP HA   H N N 354 
TRP HB2  H N N 355 
TRP HB3  H N N 356 
TRP HD1  H N N 357 
TRP HE1  H N N 358 
TRP HE3  H N N 359 
TRP HZ2  H N N 360 
TRP HZ3  H N N 361 
TRP HH2  H N N 362 
TRP HXT  H N N 363 
TYR N    N N N 364 
TYR CA   C N S 365 
TYR C    C N N 366 
TYR O    O N N 367 
TYR CB   C N N 368 
TYR CG   C Y N 369 
TYR CD1  C Y N 370 
TYR CD2  C Y N 371 
TYR CE1  C Y N 372 
TYR CE2  C Y N 373 
TYR CZ   C Y N 374 
TYR OH   O N N 375 
TYR OXT  O N N 376 
TYR H    H N N 377 
TYR H2   H N N 378 
TYR HA   H N N 379 
TYR HB2  H N N 380 
TYR HB3  H N N 381 
TYR HD1  H N N 382 
TYR HD2  H N N 383 
TYR HE1  H N N 384 
TYR HE2  H N N 385 
TYR HH   H N N 386 
TYR HXT  H N N 387 
VAL N    N N N 388 
VAL CA   C N S 389 
VAL C    C N N 390 
VAL O    O N N 391 
VAL CB   C N N 392 
VAL CG1  C N N 393 
VAL CG2  C N N 394 
VAL OXT  O N N 395 
VAL H    H N N 396 
VAL H2   H N N 397 
VAL HA   H N N 398 
VAL HB   H N N 399 
VAL HG11 H N N 400 
VAL HG12 H N N 401 
VAL HG13 H N N 402 
VAL HG21 H N N 403 
VAL HG22 H N N 404 
VAL HG23 H N N 405 
VAL HXT  H N N 406 
# 
loop_
_chem_comp_bond.comp_id 
_chem_comp_bond.atom_id_1 
_chem_comp_bond.atom_id_2 
_chem_comp_bond.value_order 
_chem_comp_bond.pdbx_aromatic_flag 
_chem_comp_bond.pdbx_stereo_config 
_chem_comp_bond.pdbx_ordinal 
ALA N   CA   sing N N 1   
ALA N   H    sing N N 2   
ALA N   H2   sing N N 3   
ALA CA  C    sing N N 4   
ALA CA  CB   sing N N 5   
ALA CA  HA   sing N N 6   
ALA C   O    doub N N 7   
ALA C   OXT  sing N N 8   
ALA CB  HB1  sing N N 9   
ALA CB  HB2  sing N N 10  
ALA CB  HB3  sing N N 11  
ALA OXT HXT  sing N N 12  
ARG N   CA   sing N N 13  
ARG N   H    sing N N 14  
ARG N   H2   sing N N 15  
ARG CA  C    sing N N 16  
ARG CA  CB   sing N N 17  
ARG CA  HA   sing N N 18  
ARG C   O    doub N N 19  
ARG C   OXT  sing N N 20  
ARG CB  CG   sing N N 21  
ARG CB  HB2  sing N N 22  
ARG CB  HB3  sing N N 23  
ARG CG  CD   sing N N 24  
ARG CG  HG2  sing N N 25  
ARG CG  HG3  sing N N 26  
ARG CD  NE   sing N N 27  
ARG CD  HD2  sing N N 28  
ARG CD  HD3  sing N N 29  
ARG NE  CZ   sing N N 30  
ARG NE  HE   sing N N 31  
ARG CZ  NH1  sing N N 32  
ARG CZ  NH2  doub N N 33  
ARG NH1 HH11 sing N N 34  
ARG NH1 HH12 sing N N 35  
ARG NH2 HH21 sing N N 36  
ARG NH2 HH22 sing N N 37  
ARG OXT HXT  sing N N 38  
ASN N   CA   sing N N 39  
ASN N   H    sing N N 40  
ASN N   H2   sing N N 41  
ASN CA  C    sing N N 42  
ASN CA  CB   sing N N 43  
ASN CA  HA   sing N N 44  
ASN C   O    doub N N 45  
ASN C   OXT  sing N N 46  
ASN CB  CG   sing N N 47  
ASN CB  HB2  sing N N 48  
ASN CB  HB3  sing N N 49  
ASN CG  OD1  doub N N 50  
ASN CG  ND2  sing N N 51  
ASN ND2 HD21 sing N N 52  
ASN ND2 HD22 sing N N 53  
ASN OXT HXT  sing N N 54  
ASP N   CA   sing N N 55  
ASP N   H    sing N N 56  
ASP N   H2   sing N N 57  
ASP CA  C    sing N N 58  
ASP CA  CB   sing N N 59  
ASP CA  HA   sing N N 60  
ASP C   O    doub N N 61  
ASP C   OXT  sing N N 62  
ASP CB  CG   sing N N 63  
ASP CB  HB2  sing N N 64  
ASP CB  HB3  sing N N 65  
ASP CG  OD1  doub N N 66  
ASP CG  OD2  sing N N 67  
ASP OD2 HD2  sing N N 68  
ASP OXT HXT  sing N N 69  
CYS N   CA   sing N N 70  
CYS N   H    sing N N 71  
CYS N   H2   sing N N 72  
CYS CA  C    sing N N 73  
CYS CA  CB   sing N N 74  
CYS CA  HA   sing N N 75  
CYS C   O    doub N N 76  
CYS C   OXT  sing N N 77  
CYS CB  SG   sing N N 78  
CYS CB  HB2  sing N N 79  
CYS CB  HB3  sing N N 80  
CYS SG  HG   sing N N 81  
CYS OXT HXT  sing N N 82  
GLN N   CA   sing N N 83  
GLN N   H    sing N N 84  
GLN N   H2   sing N N 85  
GLN CA  C    sing N N 86  
GLN CA  CB   sing N N 87  
GLN CA  HA   sing N N 88  
GLN C   O    doub N N 89  
GLN C   OXT  sing N N 90  
GLN CB  CG   sing N N 91  
GLN CB  HB2  sing N N 92  
GLN CB  HB3  sing N N 93  
GLN CG  CD   sing N N 94  
GLN CG  HG2  sing N N 95  
GLN CG  HG3  sing N N 96  
GLN CD  OE1  doub N N 97  
GLN CD  NE2  sing N N 98  
GLN NE2 HE21 sing N N 99  
GLN NE2 HE22 sing N N 100 
GLN OXT HXT  sing N N 101 
GLU N   CA   sing N N 102 
GLU N   H    sing N N 103 
GLU N   H2   sing N N 104 
GLU CA  C    sing N N 105 
GLU CA  CB   sing N N 106 
GLU CA  HA   sing N N 107 
GLU C   O    doub N N 108 
GLU C   OXT  sing N N 109 
GLU CB  CG   sing N N 110 
GLU CB  HB2  sing N N 111 
GLU CB  HB3  sing N N 112 
GLU CG  CD   sing N N 113 
GLU CG  HG2  sing N N 114 
GLU CG  HG3  sing N N 115 
GLU CD  OE1  doub N N 116 
GLU CD  OE2  sing N N 117 
GLU OE2 HE2  sing N N 118 
GLU OXT HXT  sing N N 119 
GLY N   CA   sing N N 120 
GLY N   H    sing N N 121 
GLY N   H2   sing N N 122 
GLY CA  C    sing N N 123 
GLY CA  HA2  sing N N 124 
GLY CA  HA3  sing N N 125 
GLY C   O    doub N N 126 
GLY C   OXT  sing N N 127 
GLY OXT HXT  sing N N 128 
HIS N   CA   sing N N 129 
HIS N   H    sing N N 130 
HIS N   H2   sing N N 131 
HIS CA  C    sing N N 132 
HIS CA  CB   sing N N 133 
HIS CA  HA   sing N N 134 
HIS C   O    doub N N 135 
HIS C   OXT  sing N N 136 
HIS CB  CG   sing N N 137 
HIS CB  HB2  sing N N 138 
HIS CB  HB3  sing N N 139 
HIS CG  ND1  sing Y N 140 
HIS CG  CD2  doub Y N 141 
HIS ND1 CE1  doub Y N 142 
HIS ND1 HD1  sing N N 143 
HIS CD2 NE2  sing Y N 144 
HIS CD2 HD2  sing N N 145 
HIS CE1 NE2  sing Y N 146 
HIS CE1 HE1  sing N N 147 
HIS NE2 HE2  sing N N 148 
HIS OXT HXT  sing N N 149 
HOH O   H1   sing N N 150 
HOH O   H2   sing N N 151 
ILE N   CA   sing N N 152 
ILE N   H    sing N N 153 
ILE N   H2   sing N N 154 
ILE CA  C    sing N N 155 
ILE CA  CB   sing N N 156 
ILE CA  HA   sing N N 157 
ILE C   O    doub N N 158 
ILE C   OXT  sing N N 159 
ILE CB  CG1  sing N N 160 
ILE CB  CG2  sing N N 161 
ILE CB  HB   sing N N 162 
ILE CG1 CD1  sing N N 163 
ILE CG1 HG12 sing N N 164 
ILE CG1 HG13 sing N N 165 
ILE CG2 HG21 sing N N 166 
ILE CG2 HG22 sing N N 167 
ILE CG2 HG23 sing N N 168 
ILE CD1 HD11 sing N N 169 
ILE CD1 HD12 sing N N 170 
ILE CD1 HD13 sing N N 171 
ILE OXT HXT  sing N N 172 
LEU N   CA   sing N N 173 
LEU N   H    sing N N 174 
LEU N   H2   sing N N 175 
LEU CA  C    sing N N 176 
LEU CA  CB   sing N N 177 
LEU CA  HA   sing N N 178 
LEU C   O    doub N N 179 
LEU C   OXT  sing N N 180 
LEU CB  CG   sing N N 181 
LEU CB  HB2  sing N N 182 
LEU CB  HB3  sing N N 183 
LEU CG  CD1  sing N N 184 
LEU CG  CD2  sing N N 185 
LEU CG  HG   sing N N 186 
LEU CD1 HD11 sing N N 187 
LEU CD1 HD12 sing N N 188 
LEU CD1 HD13 sing N N 189 
LEU CD2 HD21 sing N N 190 
LEU CD2 HD22 sing N N 191 
LEU CD2 HD23 sing N N 192 
LEU OXT HXT  sing N N 193 
LYS N   CA   sing N N 194 
LYS N   H    sing N N 195 
LYS N   H2   sing N N 196 
LYS CA  C    sing N N 197 
LYS CA  CB   sing N N 198 
LYS CA  HA   sing N N 199 
LYS C   O    doub N N 200 
LYS C   OXT  sing N N 201 
LYS CB  CG   sing N N 202 
LYS CB  HB2  sing N N 203 
LYS CB  HB3  sing N N 204 
LYS CG  CD   sing N N 205 
LYS CG  HG2  sing N N 206 
LYS CG  HG3  sing N N 207 
LYS CD  CE   sing N N 208 
LYS CD  HD2  sing N N 209 
LYS CD  HD3  sing N N 210 
LYS CE  NZ   sing N N 211 
LYS CE  HE2  sing N N 212 
LYS CE  HE3  sing N N 213 
LYS NZ  HZ1  sing N N 214 
LYS NZ  HZ2  sing N N 215 
LYS NZ  HZ3  sing N N 216 
LYS OXT HXT  sing N N 217 
MET N   CA   sing N N 218 
MET N   H    sing N N 219 
MET N   H2   sing N N 220 
MET CA  C    sing N N 221 
MET CA  CB   sing N N 222 
MET CA  HA   sing N N 223 
MET C   O    doub N N 224 
MET C   OXT  sing N N 225 
MET CB  CG   sing N N 226 
MET CB  HB2  sing N N 227 
MET CB  HB3  sing N N 228 
MET CG  SD   sing N N 229 
MET CG  HG2  sing N N 230 
MET CG  HG3  sing N N 231 
MET SD  CE   sing N N 232 
MET CE  HE1  sing N N 233 
MET CE  HE2  sing N N 234 
MET CE  HE3  sing N N 235 
MET OXT HXT  sing N N 236 
NEQ N1  C1   sing N N 237 
NEQ N1  C4   sing N N 238 
NEQ N1  C5   sing N N 239 
NEQ O1  C1   doub N N 240 
NEQ O2  C4   doub N N 241 
NEQ C1  C2   sing N N 242 
NEQ C2  C3   doub N N 243 
NEQ C2  H21  sing N N 244 
NEQ C3  C4   sing N N 245 
NEQ C3  H31  sing N N 246 
NEQ C5  C6   sing N N 247 
NEQ C5  H51  sing N N 248 
NEQ C5  H52  sing N N 249 
NEQ C6  H61  sing N N 250 
NEQ C6  H62  sing N N 251 
NEQ C6  H63  sing N N 252 
PHE N   CA   sing N N 253 
PHE N   H    sing N N 254 
PHE N   H2   sing N N 255 
PHE CA  C    sing N N 256 
PHE CA  CB   sing N N 257 
PHE CA  HA   sing N N 258 
PHE C   O    doub N N 259 
PHE C   OXT  sing N N 260 
PHE CB  CG   sing N N 261 
PHE CB  HB2  sing N N 262 
PHE CB  HB3  sing N N 263 
PHE CG  CD1  doub Y N 264 
PHE CG  CD2  sing Y N 265 
PHE CD1 CE1  sing Y N 266 
PHE CD1 HD1  sing N N 267 
PHE CD2 CE2  doub Y N 268 
PHE CD2 HD2  sing N N 269 
PHE CE1 CZ   doub Y N 270 
PHE CE1 HE1  sing N N 271 
PHE CE2 CZ   sing Y N 272 
PHE CE2 HE2  sing N N 273 
PHE CZ  HZ   sing N N 274 
PHE OXT HXT  sing N N 275 
PRO N   CA   sing N N 276 
PRO N   CD   sing N N 277 
PRO N   H    sing N N 278 
PRO CA  C    sing N N 279 
PRO CA  CB   sing N N 280 
PRO CA  HA   sing N N 281 
PRO C   O    doub N N 282 
PRO C   OXT  sing N N 283 
PRO CB  CG   sing N N 284 
PRO CB  HB2  sing N N 285 
PRO CB  HB3  sing N N 286 
PRO CG  CD   sing N N 287 
PRO CG  HG2  sing N N 288 
PRO CG  HG3  sing N N 289 
PRO CD  HD2  sing N N 290 
PRO CD  HD3  sing N N 291 
PRO OXT HXT  sing N N 292 
SER N   CA   sing N N 293 
SER N   H    sing N N 294 
SER N   H2   sing N N 295 
SER CA  C    sing N N 296 
SER CA  CB   sing N N 297 
SER CA  HA   sing N N 298 
SER C   O    doub N N 299 
SER C   OXT  sing N N 300 
SER CB  OG   sing N N 301 
SER CB  HB2  sing N N 302 
SER CB  HB3  sing N N 303 
SER OG  HG   sing N N 304 
SER OXT HXT  sing N N 305 
THR N   CA   sing N N 306 
THR N   H    sing N N 307 
THR N   H2   sing N N 308 
THR CA  C    sing N N 309 
THR CA  CB   sing N N 310 
THR CA  HA   sing N N 311 
THR C   O    doub N N 312 
THR C   OXT  sing N N 313 
THR CB  OG1  sing N N 314 
THR CB  CG2  sing N N 315 
THR CB  HB   sing N N 316 
THR OG1 HG1  sing N N 317 
THR CG2 HG21 sing N N 318 
THR CG2 HG22 sing N N 319 
THR CG2 HG23 sing N N 320 
THR OXT HXT  sing N N 321 
TRP N   CA   sing N N 322 
TRP N   H    sing N N 323 
TRP N   H2   sing N N 324 
TRP CA  C    sing N N 325 
TRP CA  CB   sing N N 326 
TRP CA  HA   sing N N 327 
TRP C   O    doub N N 328 
TRP C   OXT  sing N N 329 
TRP CB  CG   sing N N 330 
TRP CB  HB2  sing N N 331 
TRP CB  HB3  sing N N 332 
TRP CG  CD1  doub Y N 333 
TRP CG  CD2  sing Y N 334 
TRP CD1 NE1  sing Y N 335 
TRP CD1 HD1  sing N N 336 
TRP CD2 CE2  doub Y N 337 
TRP CD2 CE3  sing Y N 338 
TRP NE1 CE2  sing Y N 339 
TRP NE1 HE1  sing N N 340 
TRP CE2 CZ2  sing Y N 341 
TRP CE3 CZ3  doub Y N 342 
TRP CE3 HE3  sing N N 343 
TRP CZ2 CH2  doub Y N 344 
TRP CZ2 HZ2  sing N N 345 
TRP CZ3 CH2  sing Y N 346 
TRP CZ3 HZ3  sing N N 347 
TRP CH2 HH2  sing N N 348 
TRP OXT HXT  sing N N 349 
TYR N   CA   sing N N 350 
TYR N   H    sing N N 351 
TYR N   H2   sing N N 352 
TYR CA  C    sing N N 353 
TYR CA  CB   sing N N 354 
TYR CA  HA   sing N N 355 
TYR C   O    doub N N 356 
TYR C   OXT  sing N N 357 
TYR CB  CG   sing N N 358 
TYR CB  HB2  sing N N 359 
TYR CB  HB3  sing N N 360 
TYR CG  CD1  doub Y N 361 
TYR CG  CD2  sing Y N 362 
TYR CD1 CE1  sing Y N 363 
TYR CD1 HD1  sing N N 364 
TYR CD2 CE2  doub Y N 365 
TYR CD2 HD2  sing N N 366 
TYR CE1 CZ   doub Y N 367 
TYR CE1 HE1  sing N N 368 
TYR CE2 CZ   sing Y N 369 
TYR CE2 HE2  sing N N 370 
TYR CZ  OH   sing N N 371 
TYR OH  HH   sing N N 372 
TYR OXT HXT  sing N N 373 
VAL N   CA   sing N N 374 
VAL N   H    sing N N 375 
VAL N   H2   sing N N 376 
VAL CA  C    sing N N 377 
VAL CA  CB   sing N N 378 
VAL CA  HA   sing N N 379 
VAL C   O    doub N N 380 
VAL C   OXT  sing N N 381 
VAL CB  CG1  sing N N 382 
VAL CB  CG2  sing N N 383 
VAL CB  HB   sing N N 384 
VAL CG1 HG11 sing N N 385 
VAL CG1 HG12 sing N N 386 
VAL CG1 HG13 sing N N 387 
VAL CG2 HG21 sing N N 388 
VAL CG2 HG22 sing N N 389 
VAL CG2 HG23 sing N N 390 
VAL OXT HXT  sing N N 391 
# 
loop_
_pdbx_entity_nonpoly.entity_id 
_pdbx_entity_nonpoly.name 
_pdbx_entity_nonpoly.comp_id 
2 N-ETHYLMALEIMIDE NEQ 
3 water            HOH 
# 
_pdbx_initial_refinement_model.id               1 
_pdbx_initial_refinement_model.entity_id_list   ? 
_pdbx_initial_refinement_model.type             'experimental model' 
_pdbx_initial_refinement_model.source_name      PDB 
_pdbx_initial_refinement_model.accession_code   1LCL 
_pdbx_initial_refinement_model.details          ? 
# 
